data_7L2X
#
_entry.id   7L2X
#
_cell.length_a   1.00
_cell.length_b   1.00
_cell.length_c   1.00
_cell.angle_alpha   90.00
_cell.angle_beta   90.00
_cell.angle_gamma   90.00
#
_symmetry.space_group_name_H-M   'P 1'
#
loop_
_entity.id
_entity.type
_entity.pdbx_description
1 polymer 'Transient receptor potential cation channel subfamily V member 1'
2 non-polymer resiniferatoxin
3 non-polymer '(10R,13S)-16-amino-13-hydroxy-7,13-dioxo-8,12,14-trioxa-13lambda~5~-phosphahexadecan-10-yl hexadecanoate'
4 non-polymer 1-deoxy-1-(methylamino)-D-allitol
#
_entity_poly.entity_id   1
_entity_poly.type   'polypeptide(L)'
_entity_poly.pdbx_seq_one_letter_code
;GAMGSRLYDRRSIFDAVAQSNCQELESLLPFLQRSKKRLTDSEFKDPETGKTCLLKAMLNLHNGQNDTIALLLDVARKTD
SLKQFVNASYTDSYYKGQTALHIAIERRNMTLVTLLVENGADVQAAANGDFFKKTKGRPGFYFGELPLSLAACTNQLAIV
KFLLQNSWQPADISARDSVGNTVLHALVEVADNTVDNTKFVTSMYNEILILGAKLHPTLKLEEITNRKGLTPLALAASSG
KIGVLAYILQREIHEPECRHLSRKFTEWAYGPVHSSLYDLSCIDTCEKNSVLEVIAYSSSETPNRHDMLLVEPLNRLLQD
KWDRFVKRIFYFNFFVYCLYMIIFTAAAYYRPVEGLPPYKLKNTVGDYFRVTGEILSVSGGVYFFFRGIQYFLQRRPSLK
SLFVDSYSEILFFVQSLFMLVSVVLYFSQRKEYVASMVFSLAMGWTNMLYYTRGFQQMGIYAVMIEKMILRDLCRFMFVY
LVFLFGFSTAVVTLIEDGKYNSLYSTCLELFKFTIGMGDLEFTENYDFKAVFIILLLAYVILTYILLLNMLIALMGETVN
KIAQESKNIWKLQRAITILDTEKSFLKCMRKAFRSGKLLQVGFTPDGKDDYRWCFRVDEVNWTTWNTNVGIINEDPG
;
_entity_poly.pdbx_strand_id   A,D,B,C
#
loop_
_chem_comp.id
_chem_comp.type
_chem_comp.name
_chem_comp.formula
6EU non-polymer resiniferatoxin 'C37 H40 O9'
6IY non-polymer '(10R,13S)-16-amino-13-hydroxy-7,13-dioxo-8,12,14-trioxa-13lambda~5~-phosphahexadecan-10-yl hexadecanoate' 'C28 H56 N O8 P'
XPJ non-polymer 1-deoxy-1-(methylamino)-D-allitol 'C7 H17 N O5'
#
# COMPACT_ATOMS: atom_id res chain seq x y z
N SER A 89 -38.63 38.25 25.73
CA SER A 89 -37.67 37.21 25.42
C SER A 89 -38.24 35.84 25.76
N TYR A 90 -37.64 34.79 25.20
CA TYR A 90 -38.01 33.43 25.56
C TYR A 90 -37.64 33.19 27.02
N THR A 91 -38.47 32.42 27.73
CA THR A 91 -38.23 32.07 29.12
C THR A 91 -37.96 30.59 29.35
N ASP A 92 -37.98 29.76 28.31
CA ASP A 92 -37.79 28.33 28.48
C ASP A 92 -36.33 28.04 28.82
N SER A 93 -36.03 26.76 29.04
CA SER A 93 -34.71 26.35 29.45
C SER A 93 -33.68 26.40 28.33
N TYR A 94 -34.11 26.55 27.07
CA TYR A 94 -33.23 26.42 25.91
C TYR A 94 -32.89 27.75 25.27
N TYR A 95 -33.87 28.64 25.11
CA TYR A 95 -33.70 29.92 24.45
C TYR A 95 -33.71 31.09 25.42
N LYS A 96 -33.41 30.85 26.71
CA LYS A 96 -33.47 31.86 27.77
C LYS A 96 -32.65 33.09 27.43
N GLY A 97 -33.33 34.23 27.32
CA GLY A 97 -32.69 35.50 27.02
C GLY A 97 -32.64 35.90 25.56
N GLN A 98 -33.05 35.02 24.64
CA GLN A 98 -33.07 35.40 23.23
C GLN A 98 -34.14 36.45 22.99
N THR A 99 -33.77 37.52 22.29
CA THR A 99 -34.64 38.66 22.02
C THR A 99 -34.57 39.03 20.55
N ALA A 100 -35.29 40.08 20.19
CA ALA A 100 -35.43 40.46 18.79
C ALA A 100 -34.11 40.90 18.18
N LEU A 101 -33.24 41.53 18.97
CA LEU A 101 -31.98 42.04 18.45
C LEU A 101 -31.11 40.91 17.90
N HIS A 102 -31.02 39.80 18.64
CA HIS A 102 -30.29 38.64 18.16
C HIS A 102 -30.90 38.09 16.88
N ILE A 103 -32.24 38.09 16.80
CA ILE A 103 -32.91 37.57 15.62
C ILE A 103 -32.61 38.44 14.41
N ALA A 104 -32.63 39.76 14.59
CA ALA A 104 -32.33 40.69 13.52
C ALA A 104 -30.89 40.54 13.06
N ILE A 105 -29.95 40.41 14.00
CA ILE A 105 -28.55 40.25 13.66
C ILE A 105 -28.35 38.94 12.90
N GLU A 106 -29.02 37.88 13.36
CA GLU A 106 -28.99 36.60 12.67
C GLU A 106 -29.51 36.74 11.25
N ARG A 107 -30.59 37.51 11.08
CA ARG A 107 -31.18 37.71 9.77
C ARG A 107 -30.37 38.66 8.88
N ARG A 108 -29.33 39.30 9.42
CA ARG A 108 -28.53 40.26 8.66
C ARG A 108 -29.39 41.42 8.14
N ASN A 109 -30.34 41.86 8.96
CA ASN A 109 -31.24 42.97 8.65
C ASN A 109 -30.72 44.19 9.40
N MET A 110 -29.89 44.99 8.72
CA MET A 110 -29.29 46.16 9.34
C MET A 110 -30.34 47.17 9.77
N THR A 111 -31.41 47.31 8.98
CA THR A 111 -32.46 48.28 9.28
C THR A 111 -33.11 47.97 10.62
N LEU A 112 -33.49 46.71 10.82
CA LEU A 112 -34.17 46.32 12.05
C LEU A 112 -33.24 46.46 13.25
N VAL A 113 -31.95 46.17 13.07
CA VAL A 113 -31.00 46.32 14.17
C VAL A 113 -30.92 47.78 14.59
N THR A 114 -30.78 48.68 13.61
CA THR A 114 -30.68 50.10 13.93
C THR A 114 -31.96 50.59 14.60
N LEU A 115 -33.11 50.10 14.12
CA LEU A 115 -34.37 50.48 14.73
C LEU A 115 -34.46 50.00 16.17
N LEU A 116 -34.11 48.74 16.42
CA LEU A 116 -34.24 48.19 17.76
C LEU A 116 -33.29 48.89 18.74
N VAL A 117 -32.06 49.14 18.30
CA VAL A 117 -31.10 49.86 19.12
C VAL A 117 -31.60 51.27 19.40
N GLU A 118 -32.17 51.92 18.37
CA GLU A 118 -32.71 53.26 18.54
C GLU A 118 -33.85 53.30 19.55
N ASN A 119 -34.70 52.29 19.55
CA ASN A 119 -35.88 52.27 20.40
C ASN A 119 -35.57 51.88 21.84
N GLY A 120 -34.31 51.67 22.21
CA GLY A 120 -33.93 51.38 23.58
C GLY A 120 -33.68 49.92 23.88
N ALA A 121 -33.45 49.09 22.86
CA ALA A 121 -33.14 47.69 23.10
C ALA A 121 -31.80 47.56 23.82
N ASP A 122 -31.69 46.53 24.66
CA ASP A 122 -30.44 46.22 25.35
C ASP A 122 -29.48 45.55 24.38
N VAL A 123 -28.32 46.19 24.14
CA VAL A 123 -27.25 45.57 23.38
C VAL A 123 -26.34 44.70 24.26
N GLN A 124 -26.64 44.56 25.55
CA GLN A 124 -25.94 43.66 26.46
C GLN A 124 -26.88 42.67 27.12
N ALA A 125 -27.92 42.22 26.41
CA ALA A 125 -28.72 41.10 26.86
C ALA A 125 -28.01 39.79 26.53
N ALA A 126 -28.00 38.87 27.49
CA ALA A 126 -27.27 37.62 27.38
C ALA A 126 -28.26 36.51 27.02
N ALA A 127 -28.09 35.93 25.84
CA ALA A 127 -28.90 34.79 25.41
C ALA A 127 -28.20 33.54 25.90
N ASN A 128 -28.54 33.13 27.12
CA ASN A 128 -27.73 32.20 27.92
C ASN A 128 -28.48 30.90 28.22
N GLY A 129 -29.38 30.49 27.33
CA GLY A 129 -30.08 29.24 27.53
C GLY A 129 -29.25 28.06 27.09
N ASP A 130 -29.78 26.86 27.39
CA ASP A 130 -29.07 25.62 27.09
C ASP A 130 -28.87 25.40 25.59
N PHE A 131 -29.64 26.07 24.73
CA PHE A 131 -29.35 25.98 23.31
C PHE A 131 -28.05 26.69 22.97
N PHE A 132 -27.77 27.81 23.63
CA PHE A 132 -26.69 28.71 23.22
C PHE A 132 -25.37 28.46 23.95
N LYS A 133 -25.28 27.42 24.77
CA LYS A 133 -24.12 27.14 25.59
C LYS A 133 -23.27 26.04 24.98
N LYS A 134 -22.02 25.97 25.40
CA LYS A 134 -21.15 24.87 24.99
C LYS A 134 -21.69 23.57 25.57
N THR A 135 -21.89 22.59 24.69
CA THR A 135 -22.51 21.34 25.12
C THR A 135 -22.11 20.25 24.14
N LYS A 136 -22.31 19.01 24.57
CA LYS A 136 -21.98 17.81 23.81
C LYS A 136 -23.21 16.99 23.45
N GLY A 137 -24.18 16.90 24.34
CA GLY A 137 -25.33 16.03 24.15
C GLY A 137 -26.50 16.68 23.45
N ARG A 138 -26.25 17.76 22.71
CA ARG A 138 -27.32 18.43 21.98
C ARG A 138 -26.68 19.39 20.95
N PRO A 139 -27.23 19.51 19.74
CA PRO A 139 -26.72 20.57 18.85
C PRO A 139 -27.08 21.93 19.39
N GLY A 140 -26.28 22.92 19.03
CA GLY A 140 -26.50 24.25 19.52
C GLY A 140 -25.72 25.25 18.70
N PHE A 141 -25.71 26.48 19.19
CA PHE A 141 -24.98 27.57 18.53
C PHE A 141 -24.40 28.43 19.65
N TYR A 142 -23.17 28.14 20.03
CA TYR A 142 -22.45 28.97 20.98
C TYR A 142 -21.77 30.08 20.22
N PHE A 143 -22.02 31.31 20.66
CA PHE A 143 -21.41 32.50 20.08
C PHE A 143 -20.92 33.49 21.12
N GLY A 144 -21.06 33.19 22.42
CA GLY A 144 -20.72 34.12 23.47
C GLY A 144 -21.88 34.87 24.08
N GLU A 145 -23.12 34.55 23.69
CA GLU A 145 -24.33 34.99 24.37
C GLU A 145 -24.69 36.46 24.15
N LEU A 146 -23.82 37.27 23.49
CA LEU A 146 -24.01 38.72 23.41
C LEU A 146 -24.29 39.15 21.95
N PRO A 147 -25.07 40.23 21.73
CA PRO A 147 -25.32 40.66 20.34
C PRO A 147 -24.06 41.04 19.59
N LEU A 148 -23.10 41.67 20.26
CA LEU A 148 -21.88 42.10 19.59
C LEU A 148 -21.08 40.90 19.10
N SER A 149 -20.92 39.90 19.96
CA SER A 149 -20.23 38.69 19.55
C SER A 149 -21.04 37.91 18.53
N LEU A 150 -22.37 38.01 18.59
CA LEU A 150 -23.19 37.34 17.58
C LEU A 150 -22.94 37.94 16.21
N ALA A 151 -22.91 39.27 16.14
CA ALA A 151 -22.61 39.93 14.88
C ALA A 151 -21.22 39.58 14.40
N ALA A 152 -20.25 39.55 15.31
CA ALA A 152 -18.87 39.28 14.92
C ALA A 152 -18.71 37.85 14.40
N CYS A 153 -19.32 36.88 15.08
CA CYS A 153 -19.21 35.49 14.64
C CYS A 153 -19.89 35.27 13.30
N THR A 154 -20.96 36.01 13.02
CA THR A 154 -21.75 35.82 11.81
C THR A 154 -21.21 36.59 10.60
N ASN A 155 -20.03 37.22 10.72
CA ASN A 155 -19.39 37.94 9.63
C ASN A 155 -20.20 39.16 9.20
N GLN A 156 -20.55 39.99 10.18
CA GLN A 156 -21.34 41.21 9.96
C GLN A 156 -20.53 42.41 10.47
N LEU A 157 -19.70 42.98 9.60
CA LEU A 157 -18.81 44.04 10.05
C LEU A 157 -19.56 45.34 10.33
N ALA A 158 -20.56 45.66 9.50
CA ALA A 158 -21.27 46.92 9.67
C ALA A 158 -22.03 46.96 10.98
N ILE A 159 -22.56 45.81 11.42
CA ILE A 159 -23.34 45.81 12.64
C ILE A 159 -22.46 46.03 13.85
N VAL A 160 -21.28 45.39 13.90
CA VAL A 160 -20.39 45.64 15.03
C VAL A 160 -19.90 47.08 15.01
N LYS A 161 -19.65 47.64 13.81
CA LYS A 161 -19.25 49.04 13.73
C LYS A 161 -20.35 49.93 14.27
N PHE A 162 -21.59 49.63 13.92
CA PHE A 162 -22.73 50.39 14.45
C PHE A 162 -22.83 50.25 15.97
N LEU A 163 -22.77 49.00 16.46
CA LEU A 163 -22.98 48.74 17.87
C LEU A 163 -21.92 49.40 18.74
N LEU A 164 -20.69 49.48 18.23
CA LEU A 164 -19.62 50.15 18.97
C LEU A 164 -19.68 51.66 18.82
N GLN A 165 -20.08 52.15 17.64
CA GLN A 165 -19.96 53.57 17.32
C GLN A 165 -21.27 54.35 17.40
N ASN A 166 -22.40 53.70 17.60
CA ASN A 166 -23.65 54.44 17.62
C ASN A 166 -23.74 55.35 18.85
N SER A 167 -24.45 56.47 18.68
CA SER A 167 -24.70 57.39 19.79
C SER A 167 -25.90 57.00 20.63
N TRP A 168 -26.78 56.15 20.12
CA TRP A 168 -27.96 55.75 20.88
C TRP A 168 -27.56 54.96 22.12
N GLN A 169 -26.77 53.93 21.92
CA GLN A 169 -26.38 53.03 22.99
C GLN A 169 -25.12 52.28 22.56
N PRO A 170 -23.91 52.76 22.85
CA PRO A 170 -22.73 52.03 22.42
C PRO A 170 -22.53 50.75 23.22
N ALA A 171 -21.97 49.75 22.56
CA ALA A 171 -21.75 48.44 23.15
C ALA A 171 -20.39 48.40 23.85
N ASP A 172 -20.32 47.57 24.90
CA ASP A 172 -19.10 47.43 25.69
C ASP A 172 -18.23 46.38 25.03
N ILE A 173 -17.14 46.82 24.39
CA ILE A 173 -16.27 45.91 23.65
C ILE A 173 -15.57 44.91 24.56
N SER A 174 -15.43 45.23 25.85
CA SER A 174 -14.79 44.35 26.81
C SER A 174 -15.78 43.50 27.59
N ALA A 175 -17.00 43.34 27.11
CA ALA A 175 -17.98 42.50 27.80
C ALA A 175 -17.57 41.04 27.76
N ARG A 176 -18.03 40.29 28.76
CA ARG A 176 -17.81 38.85 28.85
C ARG A 176 -19.11 38.13 29.19
N ASP A 177 -19.20 36.89 28.71
CA ASP A 177 -20.36 36.05 28.93
C ASP A 177 -20.22 35.33 30.27
N SER A 178 -21.11 34.36 30.52
CA SER A 178 -21.01 33.55 31.72
C SER A 178 -19.75 32.68 31.75
N VAL A 179 -19.26 32.24 30.58
CA VAL A 179 -17.99 31.52 30.51
C VAL A 179 -16.79 32.45 30.67
N GLY A 180 -17.00 33.77 30.74
CA GLY A 180 -15.91 34.71 30.71
C GLY A 180 -15.39 35.00 29.33
N ASN A 181 -15.95 34.39 28.29
CA ASN A 181 -15.49 34.60 26.93
C ASN A 181 -16.01 35.93 26.43
N THR A 182 -15.11 36.71 25.85
CA THR A 182 -15.43 37.95 25.19
C THR A 182 -15.45 37.70 23.68
N VAL A 183 -15.51 38.78 22.90
CA VAL A 183 -15.74 38.66 21.46
C VAL A 183 -14.61 37.91 20.79
N LEU A 184 -13.38 38.13 21.24
CA LEU A 184 -12.24 37.44 20.63
C LEU A 184 -12.23 35.96 20.99
N HIS A 185 -12.58 35.63 22.23
CA HIS A 185 -12.72 34.22 22.60
C HIS A 185 -13.80 33.55 21.75
N ALA A 186 -14.94 34.23 21.58
CA ALA A 186 -16.00 33.69 20.75
C ALA A 186 -15.55 33.54 19.30
N LEU A 187 -14.74 34.48 18.82
CA LEU A 187 -14.22 34.35 17.47
C LEU A 187 -13.31 33.15 17.34
N VAL A 188 -12.51 32.90 18.37
CA VAL A 188 -11.64 31.72 18.36
C VAL A 188 -12.47 30.45 18.33
N GLU A 189 -13.55 30.43 19.09
CA GLU A 189 -14.36 29.23 19.25
C GLU A 189 -14.96 28.77 17.92
N VAL A 190 -15.38 29.70 17.08
CA VAL A 190 -16.10 29.36 15.86
C VAL A 190 -15.17 29.07 14.70
N ALA A 191 -13.88 28.89 14.96
CA ALA A 191 -12.96 28.46 13.92
C ALA A 191 -13.11 26.97 13.67
N ASP A 192 -12.72 26.53 12.47
CA ASP A 192 -12.62 25.11 12.18
C ASP A 192 -11.45 24.78 11.26
N ASN A 193 -10.49 25.70 11.07
CA ASN A 193 -9.25 25.43 10.33
C ASN A 193 -9.48 25.11 8.86
N THR A 194 -10.58 25.60 8.29
CA THR A 194 -10.76 25.61 6.85
C THR A 194 -10.40 26.98 6.29
N VAL A 195 -10.17 27.02 4.98
CA VAL A 195 -9.57 28.20 4.36
C VAL A 195 -10.50 29.40 4.46
N ASP A 196 -11.77 29.20 4.10
CA ASP A 196 -12.70 30.32 4.09
C ASP A 196 -12.98 30.81 5.50
N ASN A 197 -13.25 29.88 6.41
CA ASN A 197 -13.47 30.22 7.81
C ASN A 197 -12.27 30.92 8.41
N THR A 198 -11.07 30.42 8.10
CA THR A 198 -9.84 31.07 8.56
C THR A 198 -9.78 32.51 8.08
N LYS A 199 -10.12 32.75 6.81
CA LYS A 199 -10.06 34.12 6.29
C LYS A 199 -11.07 35.02 6.99
N PHE A 200 -12.30 34.53 7.16
CA PHE A 200 -13.34 35.36 7.79
C PHE A 200 -12.96 35.70 9.23
N VAL A 201 -12.57 34.68 9.99
CA VAL A 201 -12.32 34.88 11.41
C VAL A 201 -11.09 35.75 11.59
N THR A 202 -10.06 35.53 10.77
CA THR A 202 -8.88 36.38 10.82
C THR A 202 -9.22 37.83 10.54
N SER A 203 -10.01 38.09 9.49
CA SER A 203 -10.34 39.46 9.15
C SER A 203 -11.13 40.13 10.25
N MET A 204 -12.17 39.46 10.74
CA MET A 204 -13.01 40.07 11.78
C MET A 204 -12.22 40.27 13.07
N TYR A 205 -11.30 39.35 13.38
CA TYR A 205 -10.44 39.52 14.52
C TYR A 205 -9.62 40.80 14.39
N ASN A 206 -9.05 40.99 13.20
CA ASN A 206 -8.23 42.18 12.95
C ASN A 206 -9.05 43.44 13.10
N GLU A 207 -10.27 43.44 12.56
CA GLU A 207 -11.10 44.63 12.60
C GLU A 207 -11.54 44.96 14.02
N ILE A 208 -11.87 43.93 14.81
CA ILE A 208 -12.20 44.16 16.21
C ILE A 208 -11.02 44.80 16.93
N LEU A 209 -9.81 44.34 16.62
CA LEU A 209 -8.65 44.91 17.28
C LEU A 209 -8.47 46.39 16.93
N ILE A 210 -8.63 46.73 15.65
CA ILE A 210 -8.44 48.11 15.25
C ILE A 210 -9.50 49.01 15.90
N LEU A 211 -10.75 48.54 15.94
CA LEU A 211 -11.80 49.34 16.56
C LEU A 211 -11.57 49.49 18.05
N GLY A 212 -11.11 48.43 18.72
CA GLY A 212 -10.80 48.54 20.12
C GLY A 212 -9.68 49.53 20.39
N ALA A 213 -8.68 49.55 19.50
CA ALA A 213 -7.61 50.52 19.65
C ALA A 213 -8.12 51.95 19.50
N LYS A 214 -8.87 52.22 18.43
CA LYS A 214 -9.26 53.59 18.14
C LYS A 214 -10.26 54.11 19.15
N LEU A 215 -11.24 53.29 19.51
CA LEU A 215 -12.27 53.72 20.44
C LEU A 215 -11.78 53.73 21.88
N HIS A 216 -10.84 52.85 22.23
CA HIS A 216 -10.37 52.69 23.61
C HIS A 216 -8.87 52.45 23.56
N PRO A 217 -8.07 53.51 23.39
CA PRO A 217 -6.61 53.31 23.26
C PRO A 217 -5.93 52.69 24.46
N THR A 218 -6.53 52.76 25.64
CA THR A 218 -5.93 52.23 26.87
C THR A 218 -6.32 50.78 27.16
N LEU A 219 -7.16 50.15 26.34
CA LEU A 219 -7.66 48.80 26.58
C LEU A 219 -6.78 47.79 25.85
N LYS A 220 -6.54 46.66 26.50
CA LYS A 220 -5.80 45.53 25.92
C LYS A 220 -6.72 44.32 25.96
N LEU A 221 -7.43 44.09 24.85
CA LEU A 221 -8.41 43.01 24.78
C LEU A 221 -7.72 41.66 24.92
N GLU A 222 -6.58 41.48 24.27
CA GLU A 222 -5.96 40.17 24.23
C GLU A 222 -5.44 39.71 25.59
N GLU A 223 -5.31 40.60 26.56
CA GLU A 223 -4.90 40.23 27.91
C GLU A 223 -6.06 39.83 28.80
N ILE A 224 -7.30 39.93 28.34
CA ILE A 224 -8.45 39.50 29.14
C ILE A 224 -8.47 37.99 29.17
N THR A 225 -8.76 37.42 30.34
CA THR A 225 -8.86 35.99 30.54
C THR A 225 -10.30 35.58 30.80
N ASN A 226 -10.66 34.41 30.28
CA ASN A 226 -11.97 33.84 30.49
C ASN A 226 -12.00 33.13 31.83
N ARG A 227 -13.09 32.40 32.11
CA ARG A 227 -13.29 31.81 33.43
C ARG A 227 -12.22 30.78 33.76
N LYS A 228 -11.70 30.09 32.76
CA LYS A 228 -10.61 29.15 32.93
C LYS A 228 -9.23 29.79 32.88
N GLY A 229 -9.16 31.12 32.91
CA GLY A 229 -7.89 31.82 32.93
C GLY A 229 -7.21 31.96 31.58
N LEU A 230 -7.86 31.58 30.50
CA LEU A 230 -7.23 31.52 29.19
C LEU A 230 -7.44 32.83 28.44
N THR A 231 -6.37 33.32 27.85
CA THR A 231 -6.46 34.40 26.90
C THR A 231 -6.88 33.82 25.55
N PRO A 232 -7.28 34.67 24.59
CA PRO A 232 -7.64 34.14 23.26
C PRO A 232 -6.52 33.38 22.59
N LEU A 233 -5.27 33.78 22.82
CA LEU A 233 -4.16 33.03 22.25
C LEU A 233 -4.06 31.65 22.91
N ALA A 234 -4.16 31.61 24.23
CA ALA A 234 -4.08 30.33 24.93
C ALA A 234 -5.26 29.45 24.58
N LEU A 235 -6.44 30.05 24.43
CA LEU A 235 -7.60 29.27 24.02
C LEU A 235 -7.41 28.70 22.63
N ALA A 236 -6.84 29.49 21.73
CA ALA A 236 -6.54 29.01 20.39
C ALA A 236 -5.56 27.84 20.43
N ALA A 237 -4.51 27.97 21.23
CA ALA A 237 -3.52 26.91 21.31
C ALA A 237 -4.11 25.64 21.91
N SER A 238 -4.93 25.80 22.94
CA SER A 238 -5.57 24.66 23.57
C SER A 238 -6.50 23.94 22.62
N SER A 239 -7.33 24.68 21.89
CA SER A 239 -8.33 24.06 21.04
C SER A 239 -7.76 23.55 19.73
N GLY A 240 -6.50 23.81 19.41
CA GLY A 240 -5.93 23.33 18.17
C GLY A 240 -6.30 24.12 16.95
N LYS A 241 -6.60 25.40 17.11
CA LYS A 241 -6.98 26.27 16.00
C LYS A 241 -5.71 26.76 15.32
N ILE A 242 -5.24 25.95 14.37
CA ILE A 242 -3.93 26.21 13.74
C ILE A 242 -3.95 27.51 12.98
N GLY A 243 -5.05 27.82 12.28
CA GLY A 243 -5.08 29.01 11.45
C GLY A 243 -5.00 30.29 12.27
N VAL A 244 -5.80 30.36 13.33
CA VAL A 244 -5.84 31.55 14.15
C VAL A 244 -4.52 31.73 14.90
N LEU A 245 -3.95 30.62 15.38
CA LEU A 245 -2.64 30.68 16.03
C LEU A 245 -1.59 31.21 15.08
N ALA A 246 -1.55 30.67 13.86
CA ALA A 246 -0.58 31.11 12.88
C ALA A 246 -0.78 32.57 12.53
N TYR A 247 -2.03 33.01 12.44
CA TYR A 247 -2.30 34.42 12.19
C TYR A 247 -1.77 35.29 13.31
N ILE A 248 -2.11 34.95 14.56
CA ILE A 248 -1.79 35.82 15.67
C ILE A 248 -0.29 35.95 15.84
N LEU A 249 0.42 34.83 15.78
CA LEU A 249 1.86 34.87 16.07
C LEU A 249 2.67 35.65 15.03
N GLN A 250 2.12 35.88 13.84
CA GLN A 250 2.84 36.49 12.73
C GLN A 250 2.17 37.78 12.28
N ARG A 251 1.53 38.47 13.21
CA ARG A 251 0.66 39.61 12.89
C ARG A 251 1.49 40.88 12.81
N GLU A 252 1.54 41.47 11.63
CA GLU A 252 2.29 42.70 11.38
C GLU A 252 1.34 43.72 10.76
N ILE A 253 1.05 44.78 11.51
CA ILE A 253 0.06 45.79 11.16
C ILE A 253 0.81 47.03 10.69
N HIS A 254 0.62 47.40 9.43
CA HIS A 254 1.16 48.63 8.87
C HIS A 254 0.08 49.70 8.97
N GLU A 255 0.01 50.32 10.13
CA GLU A 255 -0.95 51.38 10.38
C GLU A 255 -0.41 52.29 11.48
N PRO A 256 -0.26 53.60 11.28
CA PRO A 256 0.05 54.47 12.42
C PRO A 256 -1.13 54.52 13.37
N GLU A 257 -0.81 54.68 14.66
CA GLU A 257 -1.72 54.68 15.81
C GLU A 257 -2.23 53.28 16.19
N CYS A 258 -1.90 52.24 15.42
CA CYS A 258 -2.19 50.86 15.78
C CYS A 258 -1.02 49.94 15.49
N ARG A 259 0.18 50.47 15.26
CA ARG A 259 1.35 49.62 15.09
C ARG A 259 1.64 48.82 16.34
N HIS A 260 1.28 49.33 17.51
CA HIS A 260 1.53 48.64 18.77
C HIS A 260 0.75 47.35 18.91
N LEU A 261 -0.24 47.09 18.05
CA LEU A 261 -0.92 45.81 18.04
C LEU A 261 -0.18 44.73 17.27
N SER A 262 0.94 45.04 16.64
CA SER A 262 1.70 44.02 15.93
C SER A 262 2.32 43.06 16.92
N ARG A 263 2.67 41.86 16.43
CA ARG A 263 3.53 40.93 17.12
C ARG A 263 4.79 40.59 16.36
N LYS A 264 4.73 40.61 15.04
CA LYS A 264 5.90 40.50 14.18
C LYS A 264 6.29 41.89 13.72
N PHE A 265 7.58 42.10 13.53
CA PHE A 265 8.10 43.36 13.02
C PHE A 265 9.25 43.04 12.07
N THR A 266 9.18 43.57 10.85
CA THR A 266 10.22 43.30 9.86
C THR A 266 11.33 44.34 10.00
N GLU A 267 12.54 43.86 10.28
CA GLU A 267 13.69 44.73 10.44
C GLU A 267 14.35 45.03 9.12
N TRP A 268 14.57 44.01 8.29
CA TRP A 268 15.06 44.28 6.95
C TRP A 268 14.79 43.07 6.09
N ALA A 269 14.97 43.26 4.78
CA ALA A 269 14.84 42.19 3.82
C ALA A 269 15.92 42.35 2.75
N TYR A 270 16.39 41.22 2.27
CA TYR A 270 17.15 41.09 1.04
C TYR A 270 16.30 40.27 0.08
N GLY A 271 16.88 39.88 -1.05
CA GLY A 271 16.17 39.15 -2.08
C GLY A 271 15.44 37.92 -1.61
N PRO A 272 16.17 36.90 -1.15
CA PRO A 272 15.51 35.67 -0.70
C PRO A 272 15.23 35.62 0.80
N VAL A 273 15.93 36.43 1.59
CA VAL A 273 15.99 36.30 3.04
C VAL A 273 15.59 37.62 3.67
N HIS A 274 14.85 37.54 4.77
CA HIS A 274 14.54 38.73 5.55
C HIS A 274 14.56 38.40 7.03
N SER A 275 14.92 39.41 7.82
CA SER A 275 15.04 39.30 9.27
C SER A 275 13.99 40.17 9.92
N SER A 276 13.32 39.59 10.91
CA SER A 276 12.21 40.19 11.61
C SER A 276 12.33 39.86 13.09
N LEU A 277 11.57 40.58 13.90
CA LEU A 277 11.47 40.31 15.33
C LEU A 277 10.08 39.81 15.64
N TYR A 278 9.98 38.99 16.68
CA TYR A 278 8.72 38.45 17.19
C TYR A 278 8.61 38.79 18.66
N ASP A 279 7.42 39.17 19.11
CA ASP A 279 7.31 39.87 20.38
C ASP A 279 7.50 38.93 21.58
N LEU A 280 7.19 37.65 21.43
CA LEU A 280 7.54 36.59 22.38
C LEU A 280 6.71 36.61 23.66
N SER A 281 5.85 37.58 23.88
CA SER A 281 5.12 37.67 25.14
C SER A 281 4.13 36.53 25.29
N CYS A 282 4.16 35.88 26.45
CA CYS A 282 3.29 34.75 26.80
C CYS A 282 3.47 33.56 25.86
N ILE A 283 4.64 33.43 25.24
CA ILE A 283 5.03 32.18 24.59
C ILE A 283 5.83 31.32 25.54
N ASP A 284 6.83 31.92 26.17
CA ASP A 284 7.69 31.28 27.15
C ASP A 284 7.43 31.73 28.57
N THR A 285 7.45 33.04 28.79
CA THR A 285 7.34 33.62 30.11
C THR A 285 5.99 34.32 30.18
N CYS A 286 5.04 33.67 30.85
CA CYS A 286 3.66 34.15 30.95
C CYS A 286 3.26 34.35 32.39
N GLU A 287 3.76 33.48 33.28
CA GLU A 287 3.46 33.39 34.71
C GLU A 287 2.09 32.81 35.02
N LYS A 288 1.19 32.65 34.03
CA LYS A 288 -0.11 32.03 34.23
C LYS A 288 -0.26 30.78 33.38
N ASN A 289 -0.19 30.92 32.06
CA ASN A 289 -0.45 29.80 31.17
C ASN A 289 0.10 30.13 29.79
N SER A 290 1.25 29.59 29.45
CA SER A 290 1.96 29.91 28.22
C SER A 290 1.47 29.06 27.06
N VAL A 291 1.89 29.42 25.85
CA VAL A 291 1.47 28.68 24.66
C VAL A 291 2.12 27.31 24.63
N LEU A 292 3.42 27.24 24.93
CA LEU A 292 4.13 25.98 24.84
C LEU A 292 3.62 24.99 25.87
N GLU A 293 3.28 25.47 27.07
CA GLU A 293 2.69 24.57 28.06
C GLU A 293 1.37 24.02 27.57
N VAL A 294 0.56 24.86 26.94
CA VAL A 294 -0.76 24.43 26.48
C VAL A 294 -0.61 23.41 25.36
N ILE A 295 0.30 23.64 24.43
CA ILE A 295 0.46 22.70 23.33
C ILE A 295 1.05 21.40 23.84
N ALA A 296 2.09 21.49 24.66
CA ALA A 296 2.81 20.30 25.09
C ALA A 296 1.96 19.40 25.97
N TYR A 297 1.29 19.97 26.96
CA TYR A 297 0.47 19.21 27.90
C TYR A 297 -0.98 19.08 27.44
N SER A 298 -1.22 19.11 26.13
CA SER A 298 -2.55 18.85 25.62
C SER A 298 -2.87 17.37 25.74
N SER A 299 -4.14 17.04 25.56
CA SER A 299 -4.67 15.72 25.85
C SER A 299 -4.68 14.78 24.66
N SER A 300 -3.92 15.08 23.59
CA SER A 300 -3.75 14.19 22.44
C SER A 300 -4.96 14.08 21.52
N GLU A 301 -6.10 14.68 21.89
CA GLU A 301 -7.27 14.80 21.03
C GLU A 301 -7.27 16.11 20.24
N THR A 302 -6.36 17.03 20.52
CA THR A 302 -6.30 18.29 19.82
C THR A 302 -5.99 18.05 18.35
N PRO A 303 -6.76 18.60 17.40
CA PRO A 303 -6.63 18.15 16.00
C PRO A 303 -5.28 18.39 15.34
N ASN A 304 -4.57 19.46 15.69
CA ASN A 304 -3.33 19.84 15.04
C ASN A 304 -2.23 20.00 16.07
N ARG A 305 -2.20 19.07 17.02
CA ARG A 305 -1.20 19.10 18.07
C ARG A 305 0.21 19.01 17.50
N HIS A 306 0.37 18.27 16.42
CA HIS A 306 1.69 18.12 15.81
C HIS A 306 2.07 19.29 14.93
N ASP A 307 1.10 19.90 14.24
CA ASP A 307 1.42 20.96 13.31
C ASP A 307 1.60 22.29 14.01
N MET A 308 1.02 22.47 15.20
CA MET A 308 1.12 23.74 15.89
C MET A 308 2.55 24.08 16.27
N LEU A 309 3.40 23.08 16.45
CA LEU A 309 4.79 23.36 16.75
C LEU A 309 5.60 23.75 15.52
N LEU A 310 5.06 23.58 14.32
CA LEU A 310 5.75 24.00 13.12
C LEU A 310 5.60 25.49 12.84
N VAL A 311 4.77 26.20 13.59
CA VAL A 311 4.68 27.65 13.45
C VAL A 311 6.04 28.26 13.79
N GLU A 312 6.49 29.17 12.95
CA GLU A 312 7.89 29.57 12.83
C GLU A 312 8.55 30.08 14.11
N PRO A 313 7.96 31.05 14.83
CA PRO A 313 8.61 31.47 16.09
C PRO A 313 8.72 30.34 17.09
N LEU A 314 7.74 29.44 17.13
CA LEU A 314 7.84 28.31 18.05
C LEU A 314 8.95 27.36 17.64
N ASN A 315 9.03 27.03 16.35
CA ASN A 315 10.05 26.10 15.89
C ASN A 315 11.44 26.64 16.16
N ARG A 316 11.63 27.94 15.91
CA ARG A 316 12.93 28.53 16.20
C ARG A 316 13.21 28.58 17.68
N LEU A 317 12.20 28.84 18.52
CA LEU A 317 12.43 28.87 19.96
C LEU A 317 12.86 27.52 20.48
N LEU A 318 12.19 26.46 20.04
CA LEU A 318 12.54 25.15 20.54
C LEU A 318 13.91 24.75 20.06
N GLN A 319 14.24 25.06 18.80
CA GLN A 319 15.57 24.76 18.30
C GLN A 319 16.62 25.54 19.10
N ASP A 320 16.34 26.80 19.39
CA ASP A 320 17.31 27.62 20.11
C ASP A 320 17.52 27.13 21.52
N LYS A 321 16.44 26.84 22.24
CA LYS A 321 16.57 26.37 23.61
C LYS A 321 17.27 25.03 23.66
N TRP A 322 16.99 24.16 22.69
CA TRP A 322 17.68 22.88 22.63
C TRP A 322 19.17 23.09 22.47
N ASP A 323 19.57 23.86 21.47
CA ASP A 323 21.00 24.03 21.21
C ASP A 323 21.69 24.87 22.28
N ARG A 324 20.96 25.69 23.02
CA ARG A 324 21.61 26.64 23.91
C ARG A 324 22.11 25.93 25.17
N PHE A 325 21.19 25.42 25.98
CA PHE A 325 21.55 24.80 27.26
C PHE A 325 20.85 23.47 27.54
N VAL A 326 19.71 23.16 26.91
CA VAL A 326 18.94 22.00 27.33
C VAL A 326 19.61 20.70 26.89
N LYS A 327 20.23 20.70 25.72
CA LYS A 327 20.78 19.48 25.15
C LYS A 327 21.83 18.86 26.05
N ARG A 328 22.72 19.67 26.60
CA ARG A 328 23.74 19.16 27.50
C ARG A 328 23.12 18.62 28.78
N ILE A 329 22.07 19.27 29.29
CA ILE A 329 21.43 18.80 30.51
C ILE A 329 20.77 17.45 30.26
N PHE A 330 20.13 17.29 29.10
CA PHE A 330 19.49 16.02 28.78
C PHE A 330 20.53 14.91 28.68
N TYR A 331 21.63 15.16 28.00
CA TYR A 331 22.67 14.13 27.89
C TYR A 331 23.25 13.80 29.25
N PHE A 332 23.42 14.80 30.10
CA PHE A 332 23.91 14.55 31.45
C PHE A 332 22.94 13.69 32.23
N ASN A 333 21.64 13.95 32.09
CA ASN A 333 20.65 13.12 32.78
C ASN A 333 20.71 11.69 32.29
N PHE A 334 20.86 11.50 30.99
CA PHE A 334 20.92 10.15 30.46
C PHE A 334 22.15 9.41 30.96
N PHE A 335 23.28 10.10 31.01
CA PHE A 335 24.51 9.52 31.53
C PHE A 335 24.34 9.11 32.99
N VAL A 336 23.72 9.97 33.78
CA VAL A 336 23.56 9.66 35.20
C VAL A 336 22.62 8.47 35.37
N TYR A 337 21.58 8.40 34.54
CA TYR A 337 20.69 7.24 34.63
C TYR A 337 21.43 5.97 34.27
N CYS A 338 22.32 6.02 33.28
CA CYS A 338 23.13 4.86 32.95
C CYS A 338 23.98 4.42 34.14
N LEU A 339 24.62 5.37 34.81
CA LEU A 339 25.42 5.02 35.98
C LEU A 339 24.57 4.44 37.08
N TYR A 340 23.38 5.00 37.27
CA TYR A 340 22.48 4.49 38.29
C TYR A 340 22.11 3.05 38.02
N MET A 341 21.78 2.73 36.78
CA MET A 341 21.39 1.37 36.46
C MET A 341 22.56 0.42 36.60
N ILE A 342 23.77 0.85 36.26
CA ILE A 342 24.92 -0.04 36.40
C ILE A 342 25.18 -0.34 37.88
N ILE A 343 25.07 0.69 38.73
CA ILE A 343 25.25 0.46 40.16
C ILE A 343 24.17 -0.47 40.68
N PHE A 344 22.92 -0.27 40.27
CA PHE A 344 21.84 -1.12 40.72
C PHE A 344 22.06 -2.56 40.28
N THR A 345 22.47 -2.76 39.04
CA THR A 345 22.71 -4.10 38.54
C THR A 345 23.81 -4.79 39.30
N ALA A 346 24.92 -4.08 39.53
CA ALA A 346 26.03 -4.69 40.25
C ALA A 346 25.67 -5.01 41.68
N ALA A 347 24.91 -4.13 42.34
CA ALA A 347 24.51 -4.40 43.70
C ALA A 347 23.58 -5.60 43.78
N ALA A 348 22.63 -5.68 42.84
CA ALA A 348 21.67 -6.77 42.88
C ALA A 348 22.31 -8.10 42.52
N TYR A 349 23.28 -8.08 41.61
CA TYR A 349 23.92 -9.32 41.19
C TYR A 349 24.58 -10.04 42.35
N TYR A 350 25.20 -9.28 43.24
CA TYR A 350 25.99 -9.82 44.34
C TYR A 350 25.22 -9.86 45.65
N ARG A 351 23.92 -10.12 45.63
CA ARG A 351 23.18 -10.21 46.88
C ARG A 351 23.69 -11.40 47.68
N PRO A 352 23.57 -11.38 49.00
CA PRO A 352 23.90 -12.58 49.77
C PRO A 352 22.83 -13.63 49.62
N VAL A 353 23.24 -14.89 49.72
CA VAL A 353 22.38 -16.04 49.46
C VAL A 353 21.94 -16.74 50.74
N GLU A 354 22.25 -16.20 51.91
CA GLU A 354 21.80 -16.77 53.17
C GLU A 354 20.34 -16.38 53.41
N GLY A 355 19.73 -16.97 54.43
CA GLY A 355 18.33 -16.72 54.68
C GLY A 355 18.10 -15.48 55.52
N LEU A 356 16.82 -15.11 55.61
CA LEU A 356 16.35 -14.16 56.61
C LEU A 356 17.05 -12.81 56.56
N PRO A 357 16.69 -11.92 55.63
CA PRO A 357 17.21 -10.55 55.69
C PRO A 357 16.73 -9.84 56.93
N PRO A 358 17.31 -8.69 57.28
CA PRO A 358 18.47 -8.01 56.71
C PRO A 358 19.74 -8.71 57.12
N TYR A 359 20.82 -8.43 56.42
CA TYR A 359 22.10 -9.12 56.60
C TYR A 359 23.12 -8.18 57.21
N LYS A 360 23.99 -8.76 58.04
CA LYS A 360 24.98 -7.98 58.77
C LYS A 360 26.21 -7.73 57.91
N LEU A 361 26.87 -6.60 58.19
CA LEU A 361 28.02 -6.16 57.41
C LEU A 361 29.32 -6.63 58.04
N LYS A 362 30.19 -7.21 57.22
CA LYS A 362 31.52 -7.61 57.63
C LYS A 362 32.49 -6.48 57.34
N ASN A 363 33.58 -6.45 58.11
CA ASN A 363 34.59 -5.40 57.94
C ASN A 363 35.48 -5.80 56.76
N THR A 364 34.88 -5.73 55.57
CA THR A 364 35.55 -6.10 54.34
C THR A 364 34.99 -5.27 53.20
N VAL A 365 35.82 -5.09 52.17
CA VAL A 365 35.58 -4.09 51.14
C VAL A 365 34.31 -4.40 50.36
N GLY A 366 34.07 -5.68 50.10
CA GLY A 366 32.89 -6.08 49.33
C GLY A 366 31.60 -5.66 49.99
N ASP A 367 31.51 -5.86 51.31
CA ASP A 367 30.28 -5.48 52.01
C ASP A 367 30.05 -3.99 51.98
N TYR A 368 31.11 -3.20 52.09
CA TYR A 368 30.92 -1.76 52.07
C TYR A 368 30.48 -1.27 50.70
N PHE A 369 31.10 -1.79 49.63
CA PHE A 369 30.64 -1.38 48.31
C PHE A 369 29.25 -1.89 48.02
N ARG A 370 28.89 -3.07 48.52
CA ARG A 370 27.54 -3.56 48.29
C ARG A 370 26.51 -2.71 49.01
N VAL A 371 26.76 -2.40 50.28
CA VAL A 371 25.76 -1.62 51.00
C VAL A 371 25.71 -0.20 50.46
N THR A 372 26.83 0.30 49.95
CA THR A 372 26.82 1.57 49.23
C THR A 372 25.90 1.52 48.02
N GLY A 373 26.05 0.49 47.19
CA GLY A 373 25.20 0.37 46.02
C GLY A 373 23.75 0.21 46.39
N GLU A 374 23.47 -0.50 47.48
CA GLU A 374 22.11 -0.67 47.94
C GLU A 374 21.50 0.66 48.34
N ILE A 375 22.27 1.48 49.05
CA ILE A 375 21.76 2.77 49.48
C ILE A 375 21.50 3.66 48.28
N LEU A 376 22.40 3.66 47.31
CA LEU A 376 22.17 4.48 46.12
C LEU A 376 20.96 4.00 45.33
N SER A 377 20.76 2.69 45.23
CA SER A 377 19.60 2.17 44.52
C SER A 377 18.30 2.59 45.19
N VAL A 378 18.23 2.49 46.52
CA VAL A 378 17.02 2.90 47.21
C VAL A 378 16.81 4.40 47.09
N SER A 379 17.90 5.17 47.11
CA SER A 379 17.81 6.60 46.91
C SER A 379 17.18 6.92 45.57
N GLY A 380 17.62 6.23 44.52
CA GLY A 380 17.04 6.45 43.21
C GLY A 380 15.57 6.12 43.17
N GLY A 381 15.19 5.02 43.81
CA GLY A 381 13.78 4.64 43.85
C GLY A 381 12.92 5.68 44.52
N VAL A 382 13.41 6.22 45.65
CA VAL A 382 12.67 7.27 46.35
C VAL A 382 12.53 8.51 45.47
N TYR A 383 13.61 8.85 44.77
CA TYR A 383 13.57 10.03 43.91
C TYR A 383 12.52 9.90 42.83
N PHE A 384 12.50 8.77 42.11
CA PHE A 384 11.50 8.61 41.06
C PHE A 384 10.10 8.53 41.64
N PHE A 385 9.95 8.01 42.86
CA PHE A 385 8.64 7.98 43.49
C PHE A 385 8.09 9.39 43.70
N PHE A 386 8.90 10.25 44.30
CA PHE A 386 8.41 11.61 44.54
C PHE A 386 8.23 12.39 43.26
N ARG A 387 9.08 12.14 42.25
CA ARG A 387 8.87 12.79 40.97
C ARG A 387 7.54 12.38 40.36
N GLY A 388 7.18 11.10 40.49
CA GLY A 388 5.91 10.66 39.98
C GLY A 388 4.74 11.33 40.66
N ILE A 389 4.81 11.45 41.99
CA ILE A 389 3.70 12.10 42.69
C ILE A 389 3.62 13.57 42.31
N GLN A 390 4.76 14.24 42.15
CA GLN A 390 4.73 15.63 41.73
C GLN A 390 4.08 15.78 40.37
N TYR A 391 4.39 14.86 39.46
CA TYR A 391 3.77 14.91 38.14
C TYR A 391 2.26 14.75 38.24
N PHE A 392 1.81 13.73 38.94
CA PHE A 392 0.38 13.44 38.94
C PHE A 392 -0.40 14.53 39.67
N LEU A 393 0.23 15.18 40.66
CA LEU A 393 -0.45 16.30 41.30
C LEU A 393 -0.46 17.54 40.43
N GLN A 394 0.60 17.80 39.68
CA GLN A 394 0.60 18.99 38.83
C GLN A 394 -0.35 18.86 37.66
N ARG A 395 -0.48 17.66 37.09
CA ARG A 395 -1.27 17.49 35.87
C ARG A 395 -2.72 17.17 36.15
N ARG A 396 -2.99 16.31 37.12
CA ARG A 396 -4.34 15.84 37.42
C ARG A 396 -5.00 15.17 36.19
N PRO A 397 -4.39 14.13 35.65
CA PRO A 397 -4.99 13.48 34.48
C PRO A 397 -6.21 12.65 34.85
N SER A 398 -7.09 12.47 33.87
CA SER A 398 -8.27 11.64 34.05
C SER A 398 -7.93 10.18 33.81
N LEU A 399 -8.84 9.30 34.22
CA LEU A 399 -8.65 7.87 34.00
C LEU A 399 -8.70 7.52 32.52
N LYS A 400 -9.54 8.22 31.76
CA LYS A 400 -9.75 7.88 30.35
C LYS A 400 -8.48 8.05 29.55
N SER A 401 -7.70 9.09 29.84
CA SER A 401 -6.42 9.37 29.19
C SER A 401 -5.24 9.22 30.13
N LEU A 402 -5.38 8.42 31.18
CA LEU A 402 -4.26 8.23 32.10
C LEU A 402 -3.09 7.56 31.40
N PHE A 403 -3.37 6.56 30.56
CA PHE A 403 -2.33 5.78 29.89
C PHE A 403 -2.04 6.25 28.48
N VAL A 404 -3.00 6.86 27.79
CA VAL A 404 -2.78 7.26 26.41
C VAL A 404 -1.68 8.30 26.33
N ASP A 405 -1.74 9.31 27.19
CA ASP A 405 -0.62 10.18 27.51
C ASP A 405 -0.04 9.71 28.83
N SER A 406 1.09 10.27 29.22
CA SER A 406 1.70 9.98 30.52
C SER A 406 2.13 8.53 30.65
N TYR A 407 2.40 7.85 29.55
CA TYR A 407 2.82 6.45 29.61
C TYR A 407 4.16 6.32 30.33
N SER A 408 5.10 7.20 30.00
CA SER A 408 6.44 7.12 30.56
C SER A 408 6.44 7.38 32.05
N GLU A 409 5.62 8.33 32.51
CA GLU A 409 5.61 8.63 33.94
C GLU A 409 5.05 7.46 34.72
N ILE A 410 4.05 6.78 34.15
CA ILE A 410 3.48 5.62 34.81
C ILE A 410 4.53 4.54 34.95
N LEU A 411 5.32 4.31 33.89
CA LEU A 411 6.30 3.23 33.99
C LEU A 411 7.42 3.56 34.96
N PHE A 412 7.90 4.80 34.97
CA PHE A 412 8.91 5.16 35.97
C PHE A 412 8.34 5.05 37.37
N PHE A 413 7.08 5.40 37.54
CA PHE A 413 6.46 5.31 38.86
C PHE A 413 6.34 3.87 39.30
N VAL A 414 5.97 2.97 38.38
CA VAL A 414 5.82 1.57 38.75
C VAL A 414 7.15 0.96 39.11
N GLN A 415 8.22 1.35 38.41
CA GLN A 415 9.56 0.93 38.80
C GLN A 415 9.84 1.34 40.23
N SER A 416 9.54 2.58 40.58
CA SER A 416 9.81 3.01 41.94
C SER A 416 8.95 2.28 42.95
N LEU A 417 7.71 1.96 42.60
CA LEU A 417 6.86 1.21 43.51
C LEU A 417 7.43 -0.16 43.79
N PHE A 418 7.94 -0.84 42.76
CA PHE A 418 8.55 -2.13 43.00
C PHE A 418 9.78 -2.01 43.90
N MET A 419 10.57 -0.96 43.72
CA MET A 419 11.72 -0.76 44.60
C MET A 419 11.28 -0.58 46.05
N LEU A 420 10.26 0.23 46.28
CA LEU A 420 9.87 0.50 47.66
C LEU A 420 9.25 -0.73 48.31
N VAL A 421 8.46 -1.50 47.57
CA VAL A 421 7.93 -2.74 48.12
C VAL A 421 9.06 -3.70 48.42
N SER A 422 10.10 -3.70 47.59
CA SER A 422 11.27 -4.52 47.88
C SER A 422 11.92 -4.10 49.18
N VAL A 423 12.02 -2.80 49.44
CA VAL A 423 12.63 -2.36 50.69
C VAL A 423 11.80 -2.80 51.89
N VAL A 424 10.47 -2.65 51.76
CA VAL A 424 9.58 -3.00 52.87
C VAL A 424 9.69 -4.48 53.19
N LEU A 425 9.70 -5.32 52.15
CA LEU A 425 9.87 -6.74 52.38
C LEU A 425 11.26 -7.06 52.91
N TYR A 426 12.27 -6.29 52.50
CA TYR A 426 13.63 -6.55 52.95
C TYR A 426 13.75 -6.38 54.44
N PHE A 427 13.28 -5.25 54.96
CA PHE A 427 13.39 -5.03 56.39
C PHE A 427 12.41 -5.87 57.20
N SER A 428 11.34 -6.35 56.59
CA SER A 428 10.38 -7.19 57.28
C SER A 428 10.82 -8.64 57.41
N GLN A 429 12.05 -8.98 57.05
CA GLN A 429 12.59 -10.33 57.18
C GLN A 429 11.81 -11.33 56.32
N ARG A 430 11.71 -11.02 55.04
CA ARG A 430 11.13 -11.91 54.05
C ARG A 430 12.05 -11.94 52.85
N LYS A 431 12.51 -13.14 52.47
CA LYS A 431 13.33 -13.27 51.28
C LYS A 431 12.57 -12.92 50.00
N GLU A 432 11.24 -12.84 50.04
CA GLU A 432 10.45 -12.52 48.87
C GLU A 432 10.75 -11.16 48.27
N TYR A 433 11.47 -10.28 49.00
CA TYR A 433 11.91 -9.03 48.44
C TYR A 433 12.69 -9.21 47.16
N VAL A 434 13.39 -10.34 47.00
CA VAL A 434 14.17 -10.61 45.79
C VAL A 434 13.28 -10.49 44.58
N ALA A 435 12.07 -11.05 44.68
CA ALA A 435 11.11 -11.01 43.59
C ALA A 435 10.81 -9.59 43.17
N SER A 436 10.48 -8.74 44.15
CA SER A 436 10.14 -7.36 43.83
C SER A 436 11.33 -6.65 43.21
N MET A 437 12.52 -6.87 43.80
CA MET A 437 13.73 -6.20 43.33
C MET A 437 13.95 -6.49 41.88
N VAL A 438 13.75 -7.75 41.49
CA VAL A 438 14.14 -8.17 40.16
C VAL A 438 13.25 -7.52 39.13
N PHE A 439 11.96 -7.34 39.46
CA PHE A 439 11.07 -6.70 38.49
C PHE A 439 11.50 -5.28 38.24
N SER A 440 11.86 -4.57 39.30
CA SER A 440 12.32 -3.20 39.15
C SER A 440 13.57 -3.17 38.31
N LEU A 441 14.47 -4.12 38.55
CA LEU A 441 15.71 -4.18 37.80
C LEU A 441 15.42 -4.38 36.33
N ALA A 442 14.48 -5.28 36.02
CA ALA A 442 14.11 -5.50 34.63
C ALA A 442 13.52 -4.23 34.03
N MET A 443 12.60 -3.60 34.76
CA MET A 443 11.97 -2.40 34.25
C MET A 443 12.99 -1.29 34.10
N GLY A 444 13.97 -1.28 34.99
CA GLY A 444 14.96 -0.22 34.99
C GLY A 444 15.72 -0.15 33.69
N TRP A 445 15.91 -1.28 33.02
CA TRP A 445 16.64 -1.23 31.77
C TRP A 445 15.74 -0.82 30.64
N THR A 446 14.53 -1.35 30.59
CA THR A 446 13.71 -1.06 29.42
C THR A 446 13.23 0.38 29.42
N ASN A 447 13.16 1.02 30.59
CA ASN A 447 12.85 2.43 30.64
C ASN A 447 13.92 3.31 30.03
N MET A 448 15.11 2.78 29.74
CA MET A 448 16.07 3.55 28.98
C MET A 448 15.56 3.88 27.58
N LEU A 449 14.56 3.18 27.06
CA LEU A 449 13.97 3.59 25.80
C LEU A 449 13.35 4.97 25.86
N TYR A 450 12.99 5.45 27.06
CA TYR A 450 12.52 6.80 27.21
C TYR A 450 13.51 7.82 26.68
N TYR A 451 14.81 7.52 26.79
CA TYR A 451 15.81 8.44 26.34
C TYR A 451 16.09 8.36 24.84
N THR A 452 15.52 7.37 24.14
CA THR A 452 15.61 7.43 22.69
C THR A 452 14.69 8.48 22.12
N ARG A 453 13.65 8.85 22.84
CA ARG A 453 12.76 9.91 22.41
C ARG A 453 13.53 11.20 22.30
N GLY A 454 13.28 11.93 21.23
CA GLY A 454 13.97 13.17 20.96
C GLY A 454 15.13 13.02 19.98
N PHE A 455 15.58 11.81 19.70
CA PHE A 455 16.43 11.54 18.55
C PHE A 455 15.51 11.29 17.37
N GLN A 456 15.78 11.97 16.26
CA GLN A 456 14.91 11.88 15.08
C GLN A 456 14.86 10.46 14.56
N GLN A 457 15.97 9.74 14.63
CA GLN A 457 16.03 8.40 14.07
C GLN A 457 15.44 7.37 15.03
N MET A 458 15.77 7.46 16.31
CA MET A 458 15.53 6.37 17.25
C MET A 458 14.22 6.46 17.99
N GLY A 459 13.62 7.63 18.13
CA GLY A 459 12.43 7.76 18.96
C GLY A 459 11.23 6.99 18.44
N ILE A 460 11.24 6.64 17.16
CA ILE A 460 10.11 5.95 16.57
C ILE A 460 9.92 4.59 17.19
N TYR A 461 10.98 3.96 17.67
CA TYR A 461 10.83 2.63 18.22
C TYR A 461 10.07 2.66 19.55
N ALA A 462 10.41 3.63 20.41
CA ALA A 462 9.68 3.78 21.66
C ALA A 462 8.22 4.11 21.40
N VAL A 463 7.96 4.95 20.42
CA VAL A 463 6.58 5.28 20.13
C VAL A 463 5.83 4.06 19.62
N MET A 464 6.46 3.27 18.75
CA MET A 464 5.80 2.10 18.19
C MET A 464 5.47 1.10 19.27
N ILE A 465 6.38 0.92 20.22
CA ILE A 465 6.12 -0.02 21.32
C ILE A 465 4.95 0.47 22.17
N GLU A 466 4.92 1.78 22.46
CA GLU A 466 3.80 2.35 23.21
C GLU A 466 2.48 2.06 22.53
N LYS A 467 2.39 2.39 21.25
CA LYS A 467 1.11 2.24 20.56
C LYS A 467 0.72 0.79 20.45
N MET A 468 1.67 -0.09 20.17
CA MET A 468 1.31 -1.50 20.04
C MET A 468 0.82 -2.07 21.35
N ILE A 469 1.50 -1.79 22.46
CA ILE A 469 1.06 -2.36 23.74
C ILE A 469 -0.28 -1.78 24.15
N LEU A 470 -0.50 -0.48 23.95
CA LEU A 470 -1.74 0.10 24.45
C LEU A 470 -2.92 -0.24 23.59
N ARG A 471 -2.77 -0.31 22.27
CA ARG A 471 -3.89 -0.59 21.39
C ARG A 471 -3.99 -2.07 21.06
N ASP A 472 -2.97 -2.63 20.40
CA ASP A 472 -3.16 -3.88 19.72
C ASP A 472 -3.24 -5.05 20.67
N LEU A 473 -2.32 -5.16 21.62
CA LEU A 473 -2.39 -6.28 22.53
C LEU A 473 -3.58 -6.17 23.45
N CYS A 474 -3.93 -4.95 23.86
CA CYS A 474 -5.09 -4.81 24.73
C CYS A 474 -6.36 -5.27 24.03
N ARG A 475 -6.52 -4.95 22.76
CA ARG A 475 -7.71 -5.40 22.07
C ARG A 475 -7.65 -6.87 21.73
N PHE A 476 -6.48 -7.37 21.32
CA PHE A 476 -6.36 -8.75 20.91
C PHE A 476 -6.46 -9.71 22.07
N MET A 477 -6.13 -9.26 23.28
CA MET A 477 -6.09 -10.14 24.43
C MET A 477 -7.44 -10.80 24.70
N PHE A 478 -8.53 -10.05 24.57
CA PHE A 478 -9.84 -10.63 24.86
C PHE A 478 -10.16 -11.75 23.89
N VAL A 479 -9.91 -11.53 22.60
CA VAL A 479 -10.19 -12.54 21.59
C VAL A 479 -9.38 -13.79 21.88
N TYR A 480 -8.10 -13.62 22.12
CA TYR A 480 -7.27 -14.80 22.29
C TYR A 480 -7.61 -15.51 23.59
N LEU A 481 -7.93 -14.79 24.65
CA LEU A 481 -8.28 -15.48 25.87
C LEU A 481 -9.58 -16.23 25.75
N VAL A 482 -10.52 -15.75 24.94
CA VAL A 482 -11.73 -16.53 24.66
C VAL A 482 -11.35 -17.86 24.05
N PHE A 483 -10.52 -17.83 23.00
CA PHE A 483 -10.15 -19.08 22.35
C PHE A 483 -9.35 -19.98 23.27
N LEU A 484 -8.42 -19.41 24.01
CA LEU A 484 -7.55 -20.20 24.86
C LEU A 484 -8.35 -20.91 25.94
N PHE A 485 -9.20 -20.18 26.64
CA PHE A 485 -9.92 -20.78 27.74
C PHE A 485 -10.95 -21.77 27.23
N GLY A 486 -11.58 -21.50 26.08
CA GLY A 486 -12.55 -22.44 25.56
C GLY A 486 -11.94 -23.77 25.21
N PHE A 487 -10.88 -23.76 24.42
CA PHE A 487 -10.30 -25.06 24.06
C PHE A 487 -9.59 -25.70 25.24
N SER A 488 -9.01 -24.90 26.13
CA SER A 488 -8.32 -25.45 27.27
C SER A 488 -9.25 -26.20 28.20
N THR A 489 -10.37 -25.60 28.54
CA THR A 489 -11.29 -26.29 29.42
C THR A 489 -11.96 -27.46 28.73
N ALA A 490 -12.15 -27.38 27.40
CA ALA A 490 -12.65 -28.56 26.70
C ALA A 490 -11.68 -29.72 26.81
N VAL A 491 -10.38 -29.44 26.65
CA VAL A 491 -9.39 -30.50 26.72
C VAL A 491 -9.34 -31.09 28.12
N VAL A 492 -9.40 -30.23 29.14
CA VAL A 492 -9.30 -30.74 30.51
C VAL A 492 -10.52 -31.58 30.86
N THR A 493 -11.69 -31.17 30.38
CA THR A 493 -12.88 -31.98 30.62
C THR A 493 -12.78 -33.33 29.94
N LEU A 494 -12.32 -33.35 28.69
CA LEU A 494 -12.25 -34.60 27.94
C LEU A 494 -11.26 -35.57 28.57
N ILE A 495 -10.13 -35.07 29.00
CA ILE A 495 -9.07 -35.90 29.52
C ILE A 495 -9.30 -36.16 31.00
N GLU A 496 -8.95 -37.37 31.42
CA GLU A 496 -8.92 -37.77 32.82
C GLU A 496 -7.64 -38.56 33.03
N ASP A 497 -6.98 -38.33 34.16
CA ASP A 497 -5.78 -39.08 34.51
C ASP A 497 -4.63 -38.91 33.50
N GLY A 498 -4.00 -37.74 33.48
CA GLY A 498 -2.82 -37.57 32.66
C GLY A 498 -2.11 -36.28 32.99
N LYS A 499 -1.19 -35.89 32.10
CA LYS A 499 -0.58 -34.58 32.19
C LYS A 499 -1.60 -33.49 31.89
N TYR A 500 -2.40 -33.67 30.85
CA TYR A 500 -3.45 -32.71 30.51
C TYR A 500 -4.67 -32.94 31.38
N ASN A 501 -4.51 -32.85 32.70
CA ASN A 501 -5.63 -32.95 33.63
C ASN A 501 -5.54 -31.85 34.68
N SER A 502 -4.97 -30.71 34.30
CA SER A 502 -4.95 -29.54 35.14
C SER A 502 -4.98 -28.34 34.22
N LEU A 503 -5.65 -27.28 34.68
CA LEU A 503 -5.74 -26.08 33.85
C LEU A 503 -4.37 -25.48 33.62
N TYR A 504 -3.47 -25.61 34.60
CA TYR A 504 -2.16 -24.99 34.51
C TYR A 504 -1.37 -25.53 33.34
N SER A 505 -1.20 -26.83 33.29
CA SER A 505 -0.36 -27.42 32.25
C SER A 505 -1.00 -27.30 30.89
N THR A 506 -2.31 -27.43 30.82
CA THR A 506 -3.00 -27.36 29.54
C THR A 506 -2.99 -25.95 28.98
N CYS A 507 -3.19 -24.94 29.82
CA CYS A 507 -3.08 -23.57 29.36
C CYS A 507 -1.68 -23.28 28.88
N LEU A 508 -0.67 -23.75 29.61
CA LEU A 508 0.71 -23.55 29.16
C LEU A 508 0.94 -24.22 27.82
N GLU A 509 0.43 -25.42 27.64
CA GLU A 509 0.70 -26.15 26.42
C GLU A 509 0.01 -25.53 25.23
N LEU A 510 -1.26 -25.13 25.38
CA LEU A 510 -1.94 -24.52 24.26
C LEU A 510 -1.38 -23.16 23.94
N PHE A 511 -0.92 -22.42 24.96
CA PHE A 511 -0.21 -21.18 24.68
C PHE A 511 1.07 -21.45 23.92
N LYS A 512 1.80 -22.51 24.26
CA LYS A 512 2.98 -22.87 23.48
C LYS A 512 2.61 -23.17 22.04
N PHE A 513 1.48 -23.83 21.82
CA PHE A 513 1.07 -24.12 20.45
C PHE A 513 0.75 -22.84 19.68
N THR A 514 0.24 -21.82 20.37
CA THR A 514 -0.08 -20.57 19.68
C THR A 514 1.16 -19.95 19.06
N ILE A 515 2.25 -19.88 19.82
CA ILE A 515 3.47 -19.27 19.35
C ILE A 515 4.41 -20.29 18.71
N GLY A 516 3.88 -21.43 18.26
CA GLY A 516 4.59 -22.31 17.36
C GLY A 516 5.69 -23.15 17.95
N MET A 517 5.67 -23.37 19.26
CA MET A 517 6.67 -24.18 19.94
C MET A 517 6.02 -25.25 20.79
N GLY A 518 4.92 -25.82 20.32
CA GLY A 518 4.40 -27.07 20.83
C GLY A 518 4.92 -28.20 19.98
N ASP A 519 4.41 -29.40 20.26
CA ASP A 519 4.95 -30.61 19.65
C ASP A 519 3.94 -31.68 19.24
N LEU A 520 2.67 -31.55 19.65
CA LEU A 520 1.60 -32.47 19.20
C LEU A 520 2.01 -33.93 19.21
N GLU A 521 2.75 -34.33 20.24
CA GLU A 521 3.20 -35.71 20.30
C GLU A 521 2.11 -36.60 20.84
N PHE A 522 1.33 -37.22 19.97
CA PHE A 522 0.31 -38.16 20.42
C PHE A 522 0.97 -39.49 20.78
N THR A 523 1.51 -39.55 21.99
CA THR A 523 2.20 -40.74 22.50
C THR A 523 1.68 -41.18 23.86
N GLU A 524 0.41 -40.92 24.16
CA GLU A 524 -0.24 -41.38 25.38
C GLU A 524 -1.32 -42.38 25.01
N ASN A 525 -1.54 -43.33 25.90
CA ASN A 525 -2.66 -44.27 25.81
C ASN A 525 -3.83 -43.59 26.48
N TYR A 526 -4.85 -43.26 25.69
CA TYR A 526 -5.98 -42.57 26.29
C TYR A 526 -7.22 -42.66 25.42
N ASP A 527 -8.34 -42.31 26.07
CA ASP A 527 -9.68 -42.50 25.59
C ASP A 527 -10.13 -41.30 24.75
N PHE A 528 -11.02 -41.57 23.80
CA PHE A 528 -11.49 -40.57 22.84
C PHE A 528 -10.33 -39.91 22.11
N LYS A 529 -9.35 -40.72 21.72
CA LYS A 529 -8.13 -40.18 21.11
C LYS A 529 -8.45 -39.44 19.83
N ALA A 530 -9.43 -39.91 19.07
CA ALA A 530 -9.79 -39.24 17.82
C ALA A 530 -10.29 -37.84 18.06
N VAL A 531 -11.14 -37.65 19.06
CA VAL A 531 -11.70 -36.34 19.32
C VAL A 531 -10.63 -35.41 19.85
N PHE A 532 -9.74 -35.93 20.69
CA PHE A 532 -8.63 -35.14 21.17
C PHE A 532 -7.78 -34.63 20.02
N ILE A 533 -7.53 -35.48 19.04
CA ILE A 533 -6.71 -35.08 17.91
C ILE A 533 -7.43 -34.00 17.10
N ILE A 534 -8.74 -34.17 16.89
CA ILE A 534 -9.49 -33.19 16.11
C ILE A 534 -9.45 -31.83 16.81
N LEU A 535 -9.63 -31.83 18.13
CA LEU A 535 -9.61 -30.57 18.86
C LEU A 535 -8.27 -29.88 18.76
N LEU A 536 -7.18 -30.62 18.92
CA LEU A 536 -5.89 -29.95 18.87
C LEU A 536 -5.59 -29.43 17.47
N LEU A 537 -5.98 -30.17 16.43
CA LEU A 537 -5.75 -29.65 15.09
C LEU A 537 -6.58 -28.41 14.84
N ALA A 538 -7.82 -28.39 15.33
CA ALA A 538 -8.66 -27.22 15.15
C ALA A 538 -8.07 -26.02 15.87
N TYR A 539 -7.60 -26.23 17.09
CA TYR A 539 -7.01 -25.14 17.84
C TYR A 539 -5.77 -24.62 17.17
N VAL A 540 -4.94 -25.51 16.65
CA VAL A 540 -3.68 -25.11 16.03
C VAL A 540 -3.97 -24.28 14.79
N ILE A 541 -4.92 -24.70 13.97
CA ILE A 541 -5.28 -23.92 12.79
C ILE A 541 -5.84 -22.57 13.21
N LEU A 542 -6.73 -22.55 14.19
CA LEU A 542 -7.41 -21.31 14.53
C LEU A 542 -6.48 -20.29 15.16
N THR A 543 -5.53 -20.72 15.98
CA THR A 543 -4.68 -19.77 16.70
C THR A 543 -3.36 -19.53 16.03
N TYR A 544 -2.70 -20.57 15.52
CA TYR A 544 -1.40 -20.35 14.90
C TYR A 544 -1.57 -19.73 13.53
N ILE A 545 -2.32 -20.37 12.64
CA ILE A 545 -2.40 -19.91 11.27
C ILE A 545 -3.20 -18.63 11.21
N LEU A 546 -4.37 -18.64 11.81
CA LEU A 546 -5.37 -17.61 11.55
C LEU A 546 -5.26 -16.41 12.46
N LEU A 547 -5.36 -16.61 13.77
CA LEU A 547 -5.42 -15.46 14.66
C LEU A 547 -4.09 -14.74 14.76
N LEU A 548 -3.00 -15.47 14.89
CA LEU A 548 -1.72 -14.84 15.11
C LEU A 548 -1.31 -13.98 13.93
N ASN A 549 -1.56 -14.46 12.71
CA ASN A 549 -1.25 -13.64 11.56
C ASN A 549 -2.22 -12.47 11.41
N MET A 550 -3.43 -12.59 11.94
CA MET A 550 -4.31 -11.45 12.00
C MET A 550 -3.70 -10.35 12.85
N LEU A 551 -3.23 -10.71 14.04
CA LEU A 551 -2.56 -9.74 14.91
C LEU A 551 -1.34 -9.13 14.24
N ILE A 552 -0.55 -9.96 13.58
CA ILE A 552 0.66 -9.45 12.97
C ILE A 552 0.33 -8.50 11.83
N ALA A 553 -0.74 -8.77 11.11
CA ALA A 553 -1.19 -7.83 10.09
C ALA A 553 -1.58 -6.50 10.70
N LEU A 554 -2.31 -6.53 11.80
CA LEU A 554 -2.70 -5.28 12.43
C LEU A 554 -1.50 -4.52 12.98
N MET A 555 -0.55 -5.21 13.58
CA MET A 555 0.64 -4.53 14.07
C MET A 555 1.43 -3.92 12.93
N GLY A 556 1.54 -4.63 11.81
CA GLY A 556 2.19 -4.03 10.65
C GLY A 556 1.49 -2.79 10.15
N GLU A 557 0.16 -2.80 10.18
CA GLU A 557 -0.58 -1.60 9.82
C GLU A 557 -0.23 -0.46 10.75
N THR A 558 -0.20 -0.72 12.05
CA THR A 558 0.10 0.33 13.00
C THR A 558 1.52 0.84 12.85
N VAL A 559 2.47 -0.05 12.56
CA VAL A 559 3.85 0.37 12.40
C VAL A 559 4.02 1.21 11.15
N ASN A 560 3.44 0.79 10.03
CA ASN A 560 3.59 1.57 8.83
C ASN A 560 2.81 2.87 8.89
N LYS A 561 1.75 2.92 9.68
CA LYS A 561 0.95 4.13 9.75
C LYS A 561 1.69 5.30 10.36
N ILE A 562 2.68 5.06 11.21
CA ILE A 562 3.33 6.12 11.96
C ILE A 562 4.78 6.30 11.56
N ALA A 563 5.23 5.64 10.49
CA ALA A 563 6.54 5.99 9.94
C ALA A 563 6.54 7.42 9.42
N GLN A 564 5.56 7.78 8.60
CA GLN A 564 5.57 9.12 8.00
C GLN A 564 5.31 10.23 9.02
N GLU A 565 4.79 9.93 10.19
CA GLU A 565 4.67 10.92 11.25
C GLU A 565 5.93 11.05 12.09
N SER A 566 7.03 10.37 11.71
CA SER A 566 8.24 10.38 12.54
C SER A 566 8.80 11.77 12.73
N LYS A 567 8.74 12.62 11.71
CA LYS A 567 9.14 14.01 11.91
C LYS A 567 8.22 14.70 12.89
N ASN A 568 6.91 14.49 12.73
CA ASN A 568 5.95 15.19 13.55
C ASN A 568 6.04 14.75 15.00
N ILE A 569 6.25 13.47 15.23
CA ILE A 569 6.32 12.96 16.60
C ILE A 569 7.53 13.53 17.32
N TRP A 570 8.68 13.53 16.64
CA TRP A 570 9.97 13.81 17.26
C TRP A 570 9.98 15.18 17.92
N LYS A 571 9.58 16.21 17.16
CA LYS A 571 9.56 17.58 17.66
C LYS A 571 8.74 17.69 18.93
N LEU A 572 7.58 17.03 18.95
CA LEU A 572 6.69 17.12 20.08
C LEU A 572 7.35 16.59 21.34
N GLN A 573 8.05 15.45 21.23
CA GLN A 573 8.74 14.90 22.38
C GLN A 573 9.77 15.88 22.90
N ARG A 574 10.51 16.48 21.96
CA ARG A 574 11.56 17.40 22.32
C ARG A 574 10.99 18.60 23.05
N ALA A 575 9.81 19.06 22.60
CA ALA A 575 9.18 20.20 23.23
C ALA A 575 8.89 19.92 24.69
N ILE A 576 8.34 18.72 24.97
CA ILE A 576 8.00 18.36 26.33
C ILE A 576 9.25 18.35 27.18
N THR A 577 10.33 17.77 26.63
CA THR A 577 11.57 17.64 27.39
C THR A 577 12.06 18.99 27.82
N ILE A 578 11.99 19.98 26.93
CA ILE A 578 12.54 21.30 27.20
C ILE A 578 11.81 21.90 28.38
N LEU A 579 10.48 21.78 28.38
CA LEU A 579 9.68 22.39 29.43
C LEU A 579 10.03 21.79 30.78
N ASP A 580 10.23 20.47 30.81
CA ASP A 580 10.50 19.81 32.08
C ASP A 580 11.82 20.30 32.67
N THR A 581 12.81 20.50 31.79
CA THR A 581 14.09 20.97 32.29
C THR A 581 13.94 22.35 32.90
N GLU A 582 13.19 23.22 32.23
CA GLU A 582 13.02 24.57 32.74
C GLU A 582 12.25 24.58 34.03
N LYS A 583 11.41 23.57 34.26
CA LYS A 583 10.72 23.54 35.54
C LYS A 583 11.68 23.19 36.66
N SER A 584 12.56 22.20 36.44
CA SER A 584 13.31 21.65 37.57
C SER A 584 14.55 22.48 37.88
N PHE A 585 15.56 22.38 37.01
CA PHE A 585 16.76 23.21 36.82
C PHE A 585 17.74 23.25 38.00
N LEU A 586 17.30 22.93 39.24
CA LEU A 586 18.12 22.57 40.43
C LEU A 586 19.41 23.39 40.57
N LYS A 587 19.34 24.69 40.22
CA LYS A 587 20.51 25.56 40.24
C LYS A 587 20.19 27.01 40.62
N CYS A 588 18.95 27.33 40.97
CA CYS A 588 18.43 28.68 41.21
C CYS A 588 18.46 29.57 39.95
N MET A 589 18.78 29.02 38.78
CA MET A 589 18.97 29.80 37.56
C MET A 589 17.67 29.81 36.79
N ARG A 590 17.28 31.01 36.32
CA ARG A 590 16.04 31.21 35.57
C ARG A 590 16.31 32.06 34.35
N LYS A 591 17.36 31.71 33.60
CA LYS A 591 17.63 32.34 32.30
C LYS A 591 16.77 31.67 31.23
N ALA A 592 15.47 31.94 31.34
CA ALA A 592 14.47 31.44 30.40
C ALA A 592 14.15 32.45 29.30
N PHE A 593 14.89 33.55 29.18
CA PHE A 593 14.67 34.54 28.13
C PHE A 593 15.69 34.37 27.01
N ARG A 594 15.30 34.79 25.81
CA ARG A 594 16.06 34.56 24.59
C ARG A 594 16.93 35.73 24.16
N SER A 595 16.32 36.78 23.62
CA SER A 595 17.00 38.00 23.22
C SER A 595 16.53 39.10 24.14
N GLY A 596 17.13 40.25 24.00
CA GLY A 596 17.09 41.21 25.07
C GLY A 596 15.73 41.81 25.25
N LYS A 597 15.63 42.67 26.27
CA LYS A 597 14.40 43.44 26.49
C LYS A 597 14.40 44.61 25.52
N LEU A 598 14.20 44.26 24.25
CA LEU A 598 14.31 45.19 23.14
C LEU A 598 13.00 45.95 23.00
N LEU A 599 13.04 47.01 22.19
CA LEU A 599 11.89 47.83 21.87
C LEU A 599 11.50 47.57 20.42
N GLN A 600 10.28 47.08 20.22
CA GLN A 600 9.79 46.86 18.86
C GLN A 600 9.30 48.18 18.29
N VAL A 601 8.31 48.77 18.95
CA VAL A 601 7.68 50.01 18.52
C VAL A 601 8.13 51.17 19.39
N GLY A 602 7.78 51.14 20.67
CA GLY A 602 8.06 52.25 21.56
C GLY A 602 7.08 53.39 21.47
N PHE A 603 5.96 53.22 20.77
CA PHE A 603 4.96 54.27 20.58
C PHE A 603 3.61 53.67 20.92
N THR A 604 3.27 53.72 22.18
CA THR A 604 1.93 53.41 22.61
C THR A 604 1.02 54.54 22.19
N PRO A 605 -0.30 54.35 22.22
CA PRO A 605 -1.20 55.51 22.01
C PRO A 605 -0.98 56.64 23.01
N ASP A 606 -0.55 56.32 24.23
CA ASP A 606 -0.17 57.32 25.21
C ASP A 606 1.32 57.58 25.06
N GLY A 607 1.86 58.44 25.92
CA GLY A 607 3.24 58.88 25.76
C GLY A 607 4.29 57.89 26.17
N LYS A 608 3.92 56.69 26.61
CA LYS A 608 4.88 55.69 27.03
C LYS A 608 5.45 54.96 25.82
N ASP A 609 6.46 54.14 26.09
CA ASP A 609 7.13 53.32 25.09
C ASP A 609 7.34 51.92 25.65
N ASP A 610 7.10 50.90 24.83
CA ASP A 610 7.10 49.51 25.25
C ASP A 610 8.39 48.81 24.86
N TYR A 611 8.91 48.02 25.79
CA TYR A 611 9.90 46.97 25.53
C TYR A 611 9.22 45.64 25.79
N ARG A 612 9.50 44.63 24.94
CA ARG A 612 8.63 43.46 24.85
C ARG A 612 9.37 42.12 24.80
N TRP A 613 10.67 42.07 25.07
CA TRP A 613 11.45 40.83 25.00
C TRP A 613 11.33 40.20 23.61
N CYS A 614 11.76 40.94 22.60
CA CYS A 614 11.62 40.44 21.25
C CYS A 614 12.58 39.30 21.00
N PHE A 615 12.42 38.64 19.85
CA PHE A 615 13.25 37.51 19.45
C PHE A 615 13.44 37.56 17.94
N ARG A 616 14.69 37.59 17.49
CA ARG A 616 14.99 37.80 16.08
C ARG A 616 14.98 36.48 15.32
N VAL A 617 14.44 36.51 14.11
CA VAL A 617 14.45 35.37 13.20
C VAL A 617 14.76 35.87 11.81
N ASP A 618 15.72 35.22 11.15
CA ASP A 618 15.96 35.39 9.72
C ASP A 618 15.44 34.17 9.00
N GLU A 619 14.62 34.39 7.98
CA GLU A 619 13.98 33.32 7.24
C GLU A 619 14.18 33.55 5.74
N VAL A 620 14.28 32.43 5.02
CA VAL A 620 14.62 32.40 3.61
C VAL A 620 13.45 31.81 2.84
N ASN A 621 13.06 32.47 1.76
CA ASN A 621 11.96 32.03 0.92
C ASN A 621 12.33 32.34 -0.51
N TRP A 622 12.26 31.32 -1.38
CA TRP A 622 12.69 31.42 -2.77
C TRP A 622 11.53 31.71 -3.72
N THR A 623 10.45 32.31 -3.24
CA THR A 623 9.33 32.59 -4.10
C THR A 623 9.69 33.73 -5.06
N THR A 624 9.47 33.51 -6.35
CA THR A 624 9.71 34.49 -7.41
C THR A 624 11.16 34.96 -7.43
N SER B 89 29.99 52.23 2.83
CA SER B 89 30.08 50.78 2.67
C SER B 89 30.23 50.09 4.02
N TYR B 90 29.54 48.98 4.19
CA TYR B 90 29.49 48.30 5.48
C TYR B 90 30.87 47.76 5.85
N THR B 91 31.29 48.01 7.09
CA THR B 91 32.61 47.68 7.59
C THR B 91 32.61 46.61 8.68
N ASP B 92 31.46 46.01 9.00
CA ASP B 92 31.37 45.07 10.11
C ASP B 92 31.82 43.68 9.65
N SER B 93 31.69 42.70 10.54
CA SER B 93 32.01 41.33 10.22
C SER B 93 30.84 40.56 9.61
N TYR B 94 29.66 41.19 9.47
CA TYR B 94 28.48 40.54 8.93
C TYR B 94 28.15 40.96 7.51
N TYR B 95 28.25 42.25 7.20
CA TYR B 95 27.98 42.81 5.88
C TYR B 95 29.24 43.33 5.19
N LYS B 96 30.40 42.75 5.49
CA LYS B 96 31.69 43.25 5.01
C LYS B 96 31.74 43.40 3.49
N GLY B 97 31.86 44.65 3.04
CA GLY B 97 32.02 44.99 1.65
C GLY B 97 30.76 45.43 0.93
N GLN B 98 29.59 45.31 1.55
CA GLN B 98 28.36 45.73 0.89
C GLN B 98 28.37 47.24 0.66
N THR B 99 27.95 47.66 -0.53
CA THR B 99 27.98 49.05 -0.94
C THR B 99 26.71 49.40 -1.71
N ALA B 100 26.63 50.66 -2.15
CA ALA B 100 25.38 51.20 -2.69
C ALA B 100 24.97 50.54 -4.00
N LEU B 101 25.95 50.13 -4.82
CA LEU B 101 25.62 49.50 -6.09
C LEU B 101 24.88 48.20 -5.87
N HIS B 102 25.28 47.45 -4.85
CA HIS B 102 24.57 46.23 -4.49
C HIS B 102 23.14 46.54 -4.08
N ILE B 103 22.93 47.61 -3.33
CA ILE B 103 21.59 47.94 -2.87
C ILE B 103 20.71 48.36 -4.06
N ALA B 104 21.30 49.11 -5.00
CA ALA B 104 20.54 49.54 -6.18
C ALA B 104 20.17 48.35 -7.05
N ILE B 105 21.11 47.44 -7.29
CA ILE B 105 20.80 46.28 -8.11
C ILE B 105 19.80 45.39 -7.40
N GLU B 106 20.00 45.20 -6.10
CA GLU B 106 19.12 44.35 -5.31
C GLU B 106 17.71 44.91 -5.30
N ARG B 107 17.59 46.22 -5.19
CA ARG B 107 16.29 46.87 -5.25
C ARG B 107 15.75 47.00 -6.67
N ARG B 108 16.51 46.60 -7.68
CA ARG B 108 16.03 46.59 -9.07
C ARG B 108 15.72 48.00 -9.55
N ASN B 109 16.59 48.94 -9.21
CA ASN B 109 16.46 50.35 -9.61
C ASN B 109 17.49 50.61 -10.71
N MET B 110 17.01 50.61 -11.96
CA MET B 110 17.89 50.87 -13.09
C MET B 110 18.47 52.29 -13.02
N THR B 111 17.65 53.26 -12.60
CA THR B 111 18.11 54.65 -12.58
C THR B 111 19.25 54.85 -11.60
N LEU B 112 19.11 54.29 -10.40
CA LEU B 112 20.15 54.46 -9.39
C LEU B 112 21.43 53.75 -9.81
N VAL B 113 21.30 52.59 -10.45
CA VAL B 113 22.48 51.88 -10.95
C VAL B 113 23.18 52.71 -12.01
N THR B 114 22.42 53.30 -12.93
CA THR B 114 23.01 54.12 -13.98
C THR B 114 23.73 55.31 -13.38
N LEU B 115 23.12 55.96 -12.38
CA LEU B 115 23.76 57.09 -11.75
C LEU B 115 25.01 56.69 -10.99
N LEU B 116 24.95 55.58 -10.25
CA LEU B 116 26.11 55.18 -9.46
C LEU B 116 27.28 54.79 -10.35
N VAL B 117 27.00 54.04 -11.43
CA VAL B 117 28.07 53.70 -12.36
C VAL B 117 28.61 54.95 -13.03
N GLU B 118 27.73 55.92 -13.32
CA GLU B 118 28.16 57.19 -13.88
C GLU B 118 29.11 57.92 -12.94
N ASN B 119 28.85 57.88 -11.64
CA ASN B 119 29.64 58.63 -10.67
C ASN B 119 30.91 57.92 -10.25
N GLY B 120 31.23 56.76 -10.80
CA GLY B 120 32.45 56.05 -10.48
C GLY B 120 32.35 55.02 -9.38
N ALA B 121 31.17 54.48 -9.13
CA ALA B 121 31.04 53.36 -8.22
C ALA B 121 31.84 52.17 -8.73
N ASP B 122 32.42 51.41 -7.81
CA ASP B 122 33.24 50.27 -8.17
C ASP B 122 32.33 49.12 -8.59
N VAL B 123 32.43 48.71 -9.86
CA VAL B 123 31.58 47.66 -10.40
C VAL B 123 32.13 46.26 -10.12
N GLN B 124 33.21 46.13 -9.33
CA GLN B 124 33.80 44.84 -8.98
C GLN B 124 34.14 44.80 -7.50
N ALA B 125 33.29 45.40 -6.66
CA ALA B 125 33.47 45.31 -5.22
C ALA B 125 33.06 43.95 -4.72
N ALA B 126 33.75 43.47 -3.68
CA ALA B 126 33.54 42.14 -3.11
C ALA B 126 32.84 42.28 -1.76
N ALA B 127 31.55 41.94 -1.73
CA ALA B 127 30.79 41.87 -0.49
C ALA B 127 30.88 40.43 0.00
N ASN B 128 31.85 40.18 0.90
CA ASN B 128 32.20 38.83 1.35
C ASN B 128 31.92 38.64 2.82
N GLY B 129 30.97 39.37 3.38
CA GLY B 129 30.63 39.20 4.78
C GLY B 129 29.97 37.86 5.02
N ASP B 130 29.86 37.53 6.31
CA ASP B 130 29.31 36.23 6.70
C ASP B 130 27.86 36.08 6.25
N PHE B 131 27.14 37.19 6.11
CA PHE B 131 25.82 37.14 5.50
C PHE B 131 25.91 36.72 4.03
N PHE B 132 27.03 36.99 3.36
CA PHE B 132 27.17 36.83 1.92
C PHE B 132 27.95 35.59 1.51
N LYS B 133 28.51 34.82 2.43
CA LYS B 133 29.32 33.67 2.07
C LYS B 133 28.43 32.48 1.72
N LYS B 134 29.04 31.51 1.03
CA LYS B 134 28.36 30.24 0.79
C LYS B 134 28.35 29.44 2.08
N THR B 135 27.15 29.12 2.56
CA THR B 135 27.04 28.41 3.83
C THR B 135 25.65 27.82 3.95
N LYS B 136 25.56 26.73 4.71
CA LYS B 136 24.33 26.00 4.96
C LYS B 136 23.80 26.20 6.37
N GLY B 137 24.67 26.37 7.35
CA GLY B 137 24.28 26.45 8.75
C GLY B 137 24.08 27.87 9.24
N ARG B 138 23.75 28.78 8.34
CA ARG B 138 23.48 30.17 8.72
C ARG B 138 22.61 30.81 7.64
N PRO B 139 21.55 31.56 7.95
CA PRO B 139 20.81 32.23 6.89
C PRO B 139 21.68 33.28 6.21
N GLY B 140 21.54 33.36 4.89
CA GLY B 140 22.40 34.24 4.12
C GLY B 140 21.92 34.30 2.69
N PHE B 141 22.62 35.13 1.92
CA PHE B 141 22.37 35.29 0.49
C PHE B 141 23.73 35.25 -0.17
N TYR B 142 24.10 34.09 -0.68
CA TYR B 142 25.29 33.95 -1.51
C TYR B 142 24.89 34.16 -2.96
N PHE B 143 25.56 35.10 -3.61
CA PHE B 143 25.36 35.38 -5.02
C PHE B 143 26.66 35.44 -5.82
N GLY B 144 27.81 35.27 -5.18
CA GLY B 144 29.09 35.43 -5.82
C GLY B 144 29.80 36.73 -5.52
N GLU B 145 29.26 37.55 -4.61
CA GLU B 145 29.96 38.67 -3.99
C GLU B 145 30.18 39.89 -4.90
N LEU B 146 29.79 39.82 -6.19
CA LEU B 146 30.09 40.88 -7.17
C LEU B 146 28.81 41.49 -7.73
N PRO B 147 28.80 42.78 -8.14
CA PRO B 147 27.58 43.34 -8.71
C PRO B 147 27.12 42.66 -9.98
N LEU B 148 28.06 42.25 -10.83
CA LEU B 148 27.67 41.52 -12.04
C LEU B 148 27.06 40.18 -11.68
N SER B 149 27.65 39.48 -10.71
CA SER B 149 27.07 38.23 -10.25
C SER B 149 25.71 38.45 -9.63
N LEU B 150 25.56 39.53 -8.88
CA LEU B 150 24.26 39.83 -8.27
C LEU B 150 23.21 40.09 -9.34
N ALA B 151 23.59 40.85 -10.37
CA ALA B 151 22.66 41.15 -11.45
C ALA B 151 22.25 39.88 -12.18
N ALA B 152 23.20 39.01 -12.46
CA ALA B 152 22.87 37.78 -13.17
C ALA B 152 21.99 36.88 -12.31
N CYS B 153 22.32 36.75 -11.02
CA CYS B 153 21.59 35.87 -10.14
C CYS B 153 20.17 36.34 -9.87
N THR B 154 19.89 37.63 -10.00
CA THR B 154 18.59 38.20 -9.70
C THR B 154 17.70 38.33 -10.94
N ASN B 155 18.10 37.80 -12.09
CA ASN B 155 17.33 37.86 -13.33
C ASN B 155 17.13 39.31 -13.78
N GLN B 156 18.23 40.06 -13.86
CA GLN B 156 18.22 41.44 -14.36
C GLN B 156 19.22 41.56 -15.51
N LEU B 157 18.76 41.25 -16.72
CA LEU B 157 19.65 41.21 -17.87
C LEU B 157 20.11 42.60 -18.29
N ALA B 158 19.23 43.60 -18.20
CA ALA B 158 19.57 44.95 -18.65
C ALA B 158 20.72 45.52 -17.87
N ILE B 159 20.75 45.25 -16.56
CA ILE B 159 21.85 45.74 -15.73
C ILE B 159 23.15 45.05 -16.11
N VAL B 160 23.07 43.76 -16.46
CA VAL B 160 24.26 43.03 -16.88
C VAL B 160 24.84 43.64 -18.14
N LYS B 161 23.97 43.90 -19.12
CA LYS B 161 24.44 44.49 -20.36
C LYS B 161 25.01 45.88 -20.11
N PHE B 162 24.38 46.63 -19.20
CA PHE B 162 24.89 47.95 -18.83
C PHE B 162 26.28 47.85 -18.23
N LEU B 163 26.45 46.97 -17.24
CA LEU B 163 27.74 46.86 -16.56
C LEU B 163 28.83 46.39 -17.50
N LEU B 164 28.50 45.46 -18.39
CA LEU B 164 29.52 44.92 -19.29
C LEU B 164 29.87 45.89 -20.41
N GLN B 165 28.88 46.60 -20.95
CA GLN B 165 29.09 47.42 -22.15
C GLN B 165 29.43 48.87 -21.84
N ASN B 166 28.98 49.40 -20.70
CA ASN B 166 29.09 50.83 -20.45
C ASN B 166 30.55 51.24 -20.28
N SER B 167 30.90 52.39 -20.86
CA SER B 167 32.28 52.84 -20.95
C SER B 167 32.76 53.65 -19.76
N TRP B 168 31.88 54.07 -18.84
CA TRP B 168 32.34 54.78 -17.65
C TRP B 168 33.24 53.89 -16.81
N GLN B 169 32.87 52.63 -16.64
CA GLN B 169 33.71 51.65 -15.98
C GLN B 169 33.20 50.25 -16.36
N PRO B 170 33.66 49.66 -17.48
CA PRO B 170 33.12 48.36 -17.87
C PRO B 170 33.47 47.26 -16.88
N ALA B 171 32.54 46.33 -16.72
CA ALA B 171 32.73 45.20 -15.82
C ALA B 171 33.41 44.05 -16.55
N ASP B 172 34.29 43.34 -15.82
CA ASP B 172 34.98 42.18 -16.36
C ASP B 172 34.06 40.98 -16.21
N ILE B 173 33.76 40.33 -17.35
CA ILE B 173 32.88 39.19 -17.36
C ILE B 173 33.51 37.98 -16.67
N SER B 174 34.84 37.89 -16.63
CA SER B 174 35.55 36.75 -16.07
C SER B 174 36.06 36.98 -14.66
N ALA B 175 35.55 38.00 -13.96
CA ALA B 175 35.95 38.21 -12.58
C ALA B 175 35.48 37.05 -11.71
N ARG B 176 36.20 36.81 -10.62
CA ARG B 176 35.91 35.74 -9.68
C ARG B 176 35.91 36.27 -8.26
N ASP B 177 35.17 35.59 -7.40
CA ASP B 177 35.01 35.97 -6.01
C ASP B 177 36.15 35.37 -5.17
N SER B 178 35.99 35.41 -3.84
CA SER B 178 36.96 34.78 -2.96
C SER B 178 36.93 33.26 -3.07
N VAL B 179 35.77 32.67 -3.35
CA VAL B 179 35.67 31.24 -3.64
C VAL B 179 36.17 30.90 -5.03
N GLY B 180 36.46 31.89 -5.87
CA GLY B 180 36.82 31.67 -7.24
C GLY B 180 35.65 31.48 -8.17
N ASN B 181 34.42 31.53 -7.65
CA ASN B 181 33.25 31.37 -8.50
C ASN B 181 33.08 32.60 -9.38
N THR B 182 32.95 32.37 -10.67
CA THR B 182 32.62 33.38 -11.64
C THR B 182 31.11 33.52 -11.72
N VAL B 183 30.63 34.29 -12.70
CA VAL B 183 29.19 34.49 -12.85
C VAL B 183 28.50 33.17 -13.16
N LEU B 184 29.15 32.32 -13.94
CA LEU B 184 28.52 31.05 -14.32
C LEU B 184 28.46 30.10 -13.13
N HIS B 185 29.51 30.07 -12.32
CA HIS B 185 29.48 29.30 -11.08
C HIS B 185 28.38 29.80 -10.16
N ALA B 186 28.27 31.12 -10.01
CA ALA B 186 27.21 31.69 -9.20
C ALA B 186 25.84 31.32 -9.73
N LEU B 187 25.69 31.29 -11.05
CA LEU B 187 24.42 30.90 -11.64
C LEU B 187 24.10 29.44 -11.34
N VAL B 188 25.12 28.59 -11.37
CA VAL B 188 24.92 27.19 -11.04
C VAL B 188 24.47 27.05 -9.59
N GLU B 189 25.09 27.82 -8.70
CA GLU B 189 24.82 27.67 -7.27
C GLU B 189 23.37 27.99 -6.92
N VAL B 190 22.72 28.90 -7.66
CA VAL B 190 21.37 29.34 -7.32
C VAL B 190 20.31 28.49 -8.01
N ALA B 191 20.69 27.38 -8.64
CA ALA B 191 19.67 26.50 -9.17
C ALA B 191 18.98 25.75 -8.03
N ASP B 192 17.75 25.29 -8.29
CA ASP B 192 17.06 24.41 -7.34
C ASP B 192 16.21 23.33 -8.02
N ASN B 193 16.41 23.07 -9.31
CA ASN B 193 15.73 21.99 -10.03
C ASN B 193 14.21 22.15 -9.99
N THR B 194 13.74 23.38 -10.18
CA THR B 194 12.34 23.67 -10.44
C THR B 194 12.19 24.26 -11.83
N VAL B 195 10.95 24.25 -12.32
CA VAL B 195 10.70 24.60 -13.72
C VAL B 195 11.06 26.07 -13.98
N ASP B 196 10.55 26.97 -13.13
CA ASP B 196 10.73 28.38 -13.41
C ASP B 196 12.17 28.80 -13.17
N ASN B 197 12.78 28.29 -12.10
CA ASN B 197 14.19 28.53 -11.84
C ASN B 197 15.05 28.02 -12.98
N THR B 198 14.72 26.84 -13.50
CA THR B 198 15.42 26.30 -14.66
C THR B 198 15.31 27.25 -15.84
N LYS B 199 14.12 27.78 -16.10
CA LYS B 199 13.94 28.71 -17.21
C LYS B 199 14.79 29.97 -17.02
N PHE B 200 14.72 30.58 -15.82
CA PHE B 200 15.50 31.78 -15.54
C PHE B 200 16.98 31.53 -15.74
N VAL B 201 17.50 30.51 -15.09
CA VAL B 201 18.93 30.31 -15.01
C VAL B 201 19.47 29.88 -16.36
N THR B 202 18.75 29.00 -17.06
CA THR B 202 19.14 28.61 -18.41
C THR B 202 19.16 29.80 -19.34
N SER B 203 18.14 30.65 -19.28
CA SER B 203 18.10 31.83 -20.13
C SER B 203 19.28 32.75 -19.86
N MET B 204 19.50 33.08 -18.58
CA MET B 204 20.56 34.01 -18.22
C MET B 204 21.92 33.46 -18.58
N TYR B 205 22.11 32.16 -18.38
CA TYR B 205 23.37 31.51 -18.77
C TYR B 205 23.60 31.63 -20.26
N ASN B 206 22.58 31.34 -21.06
CA ASN B 206 22.72 31.40 -22.51
C ASN B 206 23.08 32.81 -22.98
N GLU B 207 22.35 33.79 -22.45
CA GLU B 207 22.58 35.17 -22.86
C GLU B 207 23.97 35.64 -22.46
N ILE B 208 24.41 35.28 -21.26
CA ILE B 208 25.72 35.71 -20.81
C ILE B 208 26.80 35.09 -21.68
N LEU B 209 26.63 33.83 -22.07
CA LEU B 209 27.65 33.20 -22.90
C LEU B 209 27.74 33.86 -24.26
N ILE B 210 26.59 34.19 -24.85
CA ILE B 210 26.62 34.85 -26.15
C ILE B 210 27.30 36.21 -26.05
N LEU B 211 26.96 36.97 -25.01
CA LEU B 211 27.57 38.27 -24.83
C LEU B 211 29.06 38.16 -24.55
N GLY B 212 29.46 37.14 -23.79
CA GLY B 212 30.87 36.92 -23.56
C GLY B 212 31.63 36.60 -24.83
N ALA B 213 31.01 35.80 -25.71
CA ALA B 213 31.64 35.51 -27.00
C ALA B 213 31.79 36.78 -27.80
N LYS B 214 30.78 37.65 -27.78
CA LYS B 214 30.86 38.86 -28.58
C LYS B 214 31.95 39.80 -28.05
N LEU B 215 32.02 39.97 -26.74
CA LEU B 215 32.92 40.97 -26.18
C LEU B 215 34.37 40.52 -26.25
N HIS B 216 34.63 39.25 -25.92
CA HIS B 216 35.98 38.69 -25.87
C HIS B 216 35.94 37.35 -26.58
N PRO B 217 36.03 37.35 -27.92
CA PRO B 217 35.95 36.07 -28.65
C PRO B 217 37.01 35.06 -28.27
N THR B 218 38.18 35.51 -27.83
CA THR B 218 39.24 34.61 -27.39
C THR B 218 39.09 34.15 -25.95
N LEU B 219 38.03 34.56 -25.25
CA LEU B 219 37.81 34.19 -23.86
C LEU B 219 36.96 32.93 -23.79
N LYS B 220 37.36 32.00 -22.92
CA LYS B 220 36.65 30.75 -22.67
C LYS B 220 36.26 30.73 -21.19
N LEU B 221 35.06 31.24 -20.88
CA LEU B 221 34.62 31.26 -19.50
C LEU B 221 34.40 29.85 -18.97
N GLU B 222 33.85 28.96 -19.80
CA GLU B 222 33.45 27.65 -19.31
C GLU B 222 34.60 26.78 -18.85
N GLU B 223 35.84 27.12 -19.22
CA GLU B 223 37.02 26.40 -18.77
C GLU B 223 37.64 26.98 -17.50
N ILE B 224 37.11 28.07 -16.96
CA ILE B 224 37.65 28.64 -15.72
C ILE B 224 37.15 27.81 -14.56
N THR B 225 38.07 27.35 -13.71
CA THR B 225 37.73 26.57 -12.52
C THR B 225 37.74 27.47 -11.30
N ASN B 226 36.87 27.15 -10.35
CA ASN B 226 36.81 27.86 -9.09
C ASN B 226 37.94 27.36 -8.20
N ARG B 227 37.90 27.71 -6.91
CA ARG B 227 38.99 27.36 -6.00
C ARG B 227 39.13 25.85 -5.83
N LYS B 228 38.01 25.12 -5.89
CA LYS B 228 38.03 23.68 -5.75
C LYS B 228 38.36 22.94 -7.05
N GLY B 229 38.74 23.65 -8.10
CA GLY B 229 39.08 23.01 -9.36
C GLY B 229 37.90 22.58 -10.19
N LEU B 230 36.72 23.09 -9.91
CA LEU B 230 35.51 22.70 -10.63
C LEU B 230 35.16 23.74 -11.68
N THR B 231 34.90 23.27 -12.88
CA THR B 231 34.27 24.10 -13.90
C THR B 231 32.79 24.21 -13.58
N PRO B 232 32.08 25.14 -14.22
CA PRO B 232 30.63 25.22 -13.99
C PRO B 232 29.89 23.94 -14.31
N LEU B 233 30.32 23.21 -15.32
CA LEU B 233 29.69 21.93 -15.61
C LEU B 233 29.95 20.94 -14.49
N ALA B 234 31.21 20.85 -14.04
CA ALA B 234 31.53 19.93 -12.96
C ALA B 234 30.82 20.33 -11.67
N LEU B 235 30.72 21.62 -11.42
CA LEU B 235 30.00 22.08 -10.23
C LEU B 235 28.53 21.71 -10.33
N ALA B 236 27.93 21.86 -11.51
CA ALA B 236 26.55 21.46 -11.70
C ALA B 236 26.37 19.96 -11.49
N ALA B 237 27.31 19.17 -12.01
CA ALA B 237 27.22 17.72 -11.87
C ALA B 237 27.35 17.30 -10.42
N SER B 238 28.29 17.90 -9.69
CA SER B 238 28.46 17.58 -8.28
C SER B 238 27.23 17.98 -7.47
N SER B 239 26.70 19.16 -7.71
CA SER B 239 25.57 19.64 -6.93
C SER B 239 24.27 18.93 -7.25
N GLY B 240 24.20 18.17 -8.33
CA GLY B 240 22.98 17.49 -8.68
C GLY B 240 21.93 18.35 -9.35
N LYS B 241 22.36 19.43 -10.01
CA LYS B 241 21.42 20.32 -10.69
C LYS B 241 21.05 19.67 -12.01
N ILE B 242 19.90 19.02 -12.06
CA ILE B 242 19.55 18.26 -13.26
C ILE B 242 19.23 19.21 -14.40
N GLY B 243 18.58 20.33 -14.13
CA GLY B 243 18.16 21.22 -15.21
C GLY B 243 19.34 21.84 -15.93
N VAL B 244 20.29 22.37 -15.17
CA VAL B 244 21.46 23.02 -15.76
C VAL B 244 22.30 22.01 -16.53
N LEU B 245 22.47 20.82 -15.97
CA LEU B 245 23.23 19.78 -16.65
C LEU B 245 22.57 19.38 -17.96
N ALA B 246 21.27 19.16 -17.92
CA ALA B 246 20.53 18.77 -19.12
C ALA B 246 20.61 19.85 -20.17
N TYR B 247 20.52 21.12 -19.76
CA TYR B 247 20.67 22.21 -20.70
C TYR B 247 22.06 22.22 -21.33
N ILE B 248 23.11 22.14 -20.50
CA ILE B 248 24.47 22.34 -21.03
C ILE B 248 24.83 21.23 -21.98
N LEU B 249 24.61 19.98 -21.57
CA LEU B 249 25.04 18.85 -22.39
C LEU B 249 24.29 18.79 -23.72
N GLN B 250 23.08 19.32 -23.77
CA GLN B 250 22.24 19.33 -24.95
C GLN B 250 22.09 20.74 -25.52
N ARG B 251 23.13 21.55 -25.36
CA ARG B 251 23.08 22.94 -25.80
C ARG B 251 23.29 23.04 -27.30
N GLU B 252 22.49 23.89 -27.93
CA GLU B 252 22.54 24.13 -29.37
C GLU B 252 22.20 25.59 -29.61
N ILE B 253 22.97 26.24 -30.47
CA ILE B 253 22.74 27.64 -30.84
C ILE B 253 22.71 27.71 -32.37
N HIS B 254 21.57 28.10 -32.92
CA HIS B 254 21.40 28.28 -34.35
C HIS B 254 21.64 29.76 -34.69
N GLU B 255 22.91 30.16 -34.65
CA GLU B 255 23.22 31.56 -34.95
C GLU B 255 24.70 31.69 -35.26
N PRO B 256 25.11 32.39 -36.32
CA PRO B 256 26.54 32.60 -36.54
C PRO B 256 27.10 33.59 -35.55
N GLU B 257 28.42 33.56 -35.40
CA GLU B 257 29.24 34.33 -34.45
C GLU B 257 29.13 33.85 -33.01
N CYS B 258 28.28 32.86 -32.72
CA CYS B 258 28.29 32.18 -31.43
C CYS B 258 28.02 30.67 -31.57
N ARG B 259 28.07 30.11 -32.78
CA ARG B 259 27.74 28.71 -32.95
C ARG B 259 28.79 27.81 -32.32
N HIS B 260 30.04 28.28 -32.24
CA HIS B 260 31.10 27.52 -31.60
C HIS B 260 30.88 27.29 -30.11
N LEU B 261 29.89 27.92 -29.49
CA LEU B 261 29.48 27.61 -28.13
C LEU B 261 28.49 26.46 -28.03
N SER B 262 27.99 25.93 -29.15
CA SER B 262 27.07 24.82 -29.06
C SER B 262 27.83 23.55 -28.69
N ARG B 263 27.08 22.59 -28.15
CA ARG B 263 27.58 21.25 -27.86
C ARG B 263 26.82 20.15 -28.59
N LYS B 264 25.51 20.32 -28.79
CA LYS B 264 24.72 19.40 -29.61
C LYS B 264 24.63 19.98 -31.01
N PHE B 265 24.90 19.15 -32.01
CA PHE B 265 24.99 19.58 -33.39
C PHE B 265 24.15 18.63 -34.23
N THR B 266 22.97 19.07 -34.63
CA THR B 266 22.05 18.21 -35.35
C THR B 266 22.55 18.06 -36.78
N GLU B 267 22.85 16.82 -37.18
CA GLU B 267 23.31 16.57 -38.54
C GLU B 267 22.18 16.29 -39.49
N TRP B 268 21.16 15.54 -39.07
CA TRP B 268 19.97 15.44 -39.90
C TRP B 268 18.78 15.02 -39.07
N ALA B 269 17.61 15.14 -39.66
CA ALA B 269 16.37 14.64 -39.09
C ALA B 269 15.52 14.03 -40.18
N TYR B 270 15.00 12.85 -39.88
CA TYR B 270 13.91 12.21 -40.60
C TYR B 270 12.69 12.24 -39.70
N GLY B 271 11.62 11.54 -40.11
CA GLY B 271 10.32 11.65 -39.49
C GLY B 271 10.29 11.45 -37.98
N PRO B 272 10.62 10.24 -37.51
CA PRO B 272 10.77 10.01 -36.08
C PRO B 272 12.19 10.01 -35.55
N VAL B 273 13.20 10.00 -36.43
CA VAL B 273 14.60 9.78 -36.06
C VAL B 273 15.39 11.01 -36.46
N HIS B 274 16.34 11.39 -35.60
CA HIS B 274 17.30 12.42 -35.97
C HIS B 274 18.67 12.06 -35.42
N SER B 275 19.69 12.39 -36.20
CA SER B 275 21.07 12.09 -35.91
C SER B 275 21.79 13.39 -35.60
N SER B 276 22.50 13.42 -34.48
CA SER B 276 23.20 14.58 -34.00
C SER B 276 24.55 14.14 -33.45
N LEU B 277 25.43 15.12 -33.28
CA LEU B 277 26.71 14.94 -32.63
C LEU B 277 26.70 15.67 -31.30
N TYR B 278 27.41 15.09 -30.34
CA TYR B 278 27.56 15.63 -29.00
C TYR B 278 29.03 15.87 -28.72
N ASP B 279 29.33 17.00 -28.09
CA ASP B 279 30.70 17.51 -28.08
C ASP B 279 31.64 16.61 -27.29
N LEU B 280 31.18 16.07 -26.16
CA LEU B 280 31.89 15.07 -25.36
C LEU B 280 33.10 15.59 -24.59
N SER B 281 33.49 16.84 -24.76
CA SER B 281 34.67 17.33 -24.06
C SER B 281 34.42 17.42 -22.57
N CYS B 282 35.39 16.92 -21.80
CA CYS B 282 35.35 16.87 -20.34
C CYS B 282 34.18 16.04 -19.80
N ILE B 283 33.69 15.08 -20.58
CA ILE B 283 32.83 14.01 -20.08
C ILE B 283 33.66 12.81 -19.70
N ASP B 284 34.55 12.38 -20.60
CA ASP B 284 35.39 11.20 -20.44
C ASP B 284 36.82 11.55 -20.05
N THR B 285 37.43 12.46 -20.79
CA THR B 285 38.86 12.72 -20.75
C THR B 285 39.08 14.21 -20.54
N CYS B 286 39.14 14.62 -19.27
CA CYS B 286 39.53 15.96 -18.88
C CYS B 286 40.84 16.02 -18.13
N GLU B 287 41.30 14.89 -17.58
CA GLU B 287 42.54 14.73 -16.82
C GLU B 287 42.49 15.32 -15.41
N LYS B 288 41.48 16.12 -15.07
CA LYS B 288 41.36 16.73 -13.75
C LYS B 288 40.13 16.23 -13.02
N ASN B 289 38.92 16.49 -13.53
CA ASN B 289 37.70 16.10 -12.83
C ASN B 289 36.56 16.04 -13.85
N SER B 290 36.25 14.85 -14.33
CA SER B 290 35.27 14.67 -15.38
C SER B 290 33.86 14.62 -14.82
N VAL B 291 32.87 14.64 -15.71
CA VAL B 291 31.49 14.60 -15.26
C VAL B 291 31.15 13.24 -14.68
N LEU B 292 31.58 12.17 -15.34
CA LEU B 292 31.22 10.84 -14.89
C LEU B 292 31.86 10.52 -13.55
N GLU B 293 33.12 10.96 -13.35
CA GLU B 293 33.75 10.80 -12.04
C GLU B 293 32.96 11.54 -10.97
N VAL B 294 32.46 12.72 -11.29
CA VAL B 294 31.76 13.52 -10.31
C VAL B 294 30.43 12.87 -9.95
N ILE B 295 29.71 12.38 -10.94
CA ILE B 295 28.40 11.78 -10.67
C ILE B 295 28.57 10.47 -9.92
N ALA B 296 29.53 9.65 -10.37
CA ALA B 296 29.70 8.32 -9.77
C ALA B 296 30.16 8.43 -8.32
N TYR B 297 31.19 9.21 -8.06
CA TYR B 297 31.80 9.29 -6.73
C TYR B 297 31.17 10.37 -5.88
N SER B 298 29.93 10.76 -6.17
CA SER B 298 29.23 11.68 -5.30
C SER B 298 28.88 10.99 -3.99
N SER B 299 28.59 11.80 -2.99
CA SER B 299 28.57 11.36 -1.61
C SER B 299 27.21 10.85 -1.16
N SER B 300 26.33 10.46 -2.08
CA SER B 300 25.02 9.86 -1.80
C SER B 300 24.00 10.84 -1.24
N GLU B 301 24.37 12.11 -1.01
CA GLU B 301 23.44 13.16 -0.63
C GLU B 301 22.94 13.95 -1.82
N THR B 302 23.58 13.81 -2.98
CA THR B 302 23.25 14.59 -4.17
C THR B 302 21.81 14.32 -4.59
N PRO B 303 20.96 15.34 -4.77
CA PRO B 303 19.51 15.07 -4.87
C PRO B 303 19.09 14.23 -6.07
N ASN B 304 19.88 14.20 -7.14
CA ASN B 304 19.55 13.53 -8.38
C ASN B 304 20.72 12.70 -8.86
N ARG B 305 21.29 11.93 -7.94
CA ARG B 305 22.51 11.18 -8.21
C ARG B 305 22.31 10.20 -9.35
N HIS B 306 21.15 9.56 -9.39
CA HIS B 306 20.85 8.52 -10.37
C HIS B 306 20.07 9.03 -11.56
N ASP B 307 19.29 10.10 -11.40
CA ASP B 307 18.57 10.66 -12.53
C ASP B 307 19.51 11.33 -13.52
N MET B 308 20.65 11.82 -13.05
CA MET B 308 21.60 12.48 -13.94
C MET B 308 22.13 11.53 -15.00
N LEU B 309 22.20 10.24 -14.72
CA LEU B 309 22.69 9.31 -15.73
C LEU B 309 21.67 9.06 -16.83
N LEU B 310 20.41 9.42 -16.64
CA LEU B 310 19.42 9.28 -17.70
C LEU B 310 19.55 10.36 -18.77
N VAL B 311 20.29 11.43 -18.53
CA VAL B 311 20.50 12.46 -19.54
C VAL B 311 21.25 11.86 -20.71
N GLU B 312 20.75 12.12 -21.92
CA GLU B 312 20.97 11.29 -23.10
C GLU B 312 22.41 10.99 -23.48
N PRO B 313 23.30 11.98 -23.62
CA PRO B 313 24.68 11.65 -24.01
C PRO B 313 25.39 10.75 -23.00
N LEU B 314 25.12 10.93 -21.72
CA LEU B 314 25.73 10.07 -20.71
C LEU B 314 25.21 8.65 -20.82
N ASN B 315 23.90 8.49 -20.99
CA ASN B 315 23.33 7.16 -21.09
C ASN B 315 23.88 6.40 -22.28
N ARG B 316 23.98 7.08 -23.42
CA ARG B 316 24.53 6.44 -24.61
C ARG B 316 25.99 6.13 -24.42
N LEU B 317 26.73 6.99 -23.73
CA LEU B 317 28.15 6.72 -23.50
C LEU B 317 28.34 5.47 -22.66
N LEU B 318 27.57 5.35 -21.59
CA LEU B 318 27.74 4.21 -20.72
C LEU B 318 27.34 2.93 -21.43
N GLN B 319 26.25 2.98 -22.21
CA GLN B 319 25.87 1.79 -22.94
C GLN B 319 26.92 1.39 -23.96
N ASP B 320 27.50 2.37 -24.66
CA ASP B 320 28.52 2.07 -25.64
C ASP B 320 29.76 1.49 -24.99
N LYS B 321 30.21 2.09 -23.89
CA LYS B 321 31.39 1.58 -23.21
C LYS B 321 31.16 0.18 -22.67
N TRP B 322 29.96 -0.07 -22.15
CA TRP B 322 29.63 -1.39 -21.65
C TRP B 322 29.69 -2.42 -22.75
N ASP B 323 28.97 -2.18 -23.84
CA ASP B 323 28.90 -3.17 -24.91
C ASP B 323 30.22 -3.29 -25.65
N ARG B 324 31.05 -2.26 -25.65
CA ARG B 324 32.22 -2.28 -26.50
C ARG B 324 33.31 -3.17 -25.93
N PHE B 325 33.78 -2.88 -24.72
CA PHE B 325 34.87 -3.66 -24.12
C PHE B 325 34.70 -3.98 -22.64
N VAL B 326 33.92 -3.20 -21.89
CA VAL B 326 33.94 -3.35 -20.43
C VAL B 326 33.24 -4.63 -20.00
N LYS B 327 32.17 -5.02 -20.69
CA LYS B 327 31.38 -6.18 -20.30
C LYS B 327 32.21 -7.44 -20.25
N ARG B 328 33.05 -7.64 -21.25
CA ARG B 328 33.91 -8.82 -21.27
C ARG B 328 34.88 -8.82 -20.11
N ILE B 329 35.45 -7.66 -19.80
CA ILE B 329 36.43 -7.59 -18.73
C ILE B 329 35.76 -7.87 -17.39
N PHE B 330 34.53 -7.38 -17.21
CA PHE B 330 33.80 -7.67 -15.99
C PHE B 330 33.55 -9.16 -15.84
N TYR B 331 33.12 -9.83 -16.92
CA TYR B 331 32.87 -11.26 -16.80
C TYR B 331 34.14 -12.04 -16.54
N PHE B 332 35.24 -11.61 -17.15
CA PHE B 332 36.52 -12.25 -16.90
C PHE B 332 36.92 -12.10 -15.44
N ASN B 333 36.72 -10.91 -14.86
CA ASN B 333 37.06 -10.72 -13.46
C ASN B 333 36.21 -11.58 -12.56
N PHE B 334 34.92 -11.69 -12.87
CA PHE B 334 34.05 -12.52 -12.06
C PHE B 334 34.46 -13.98 -12.12
N PHE B 335 34.82 -14.45 -13.31
CA PHE B 335 35.29 -15.83 -13.46
C PHE B 335 36.57 -16.06 -12.67
N VAL B 336 37.50 -15.11 -12.73
CA VAL B 336 38.75 -15.26 -12.01
C VAL B 336 38.49 -15.31 -10.52
N TYR B 337 37.57 -14.49 -10.02
CA TYR B 337 37.25 -14.52 -8.61
C TYR B 337 36.66 -15.86 -8.22
N CYS B 338 35.81 -16.42 -9.08
CA CYS B 338 35.25 -17.74 -8.80
C CYS B 338 36.35 -18.79 -8.70
N LEU B 339 37.32 -18.75 -9.61
CA LEU B 339 38.43 -19.70 -9.53
C LEU B 339 39.23 -19.51 -8.26
N TYR B 340 39.44 -18.25 -7.87
CA TYR B 340 40.19 -17.97 -6.66
C TYR B 340 39.49 -18.55 -5.45
N MET B 341 38.19 -18.36 -5.34
CA MET B 341 37.49 -18.89 -4.19
C MET B 341 37.43 -20.40 -4.20
N ILE B 342 37.38 -21.03 -5.37
CA ILE B 342 37.40 -22.49 -5.40
C ILE B 342 38.74 -23.01 -4.91
N ILE B 343 39.83 -22.40 -5.36
CA ILE B 343 41.15 -22.81 -4.89
C ILE B 343 41.28 -22.60 -3.39
N PHE B 344 40.81 -21.44 -2.90
CA PHE B 344 40.91 -21.14 -1.49
C PHE B 344 40.11 -22.13 -0.66
N THR B 345 38.89 -22.47 -1.10
CA THR B 345 38.09 -23.41 -0.35
C THR B 345 38.73 -24.78 -0.32
N ALA B 346 39.24 -25.23 -1.46
CA ALA B 346 39.86 -26.54 -1.51
C ALA B 346 41.08 -26.60 -0.63
N ALA B 347 41.91 -25.55 -0.64
CA ALA B 347 43.09 -25.54 0.21
C ALA B 347 42.71 -25.49 1.68
N ALA B 348 41.67 -24.72 2.01
CA ALA B 348 41.31 -24.57 3.41
C ALA B 348 40.74 -25.85 3.99
N TYR B 349 39.91 -26.55 3.21
CA TYR B 349 39.27 -27.76 3.71
C TYR B 349 40.29 -28.82 4.08
N TYR B 350 41.35 -28.96 3.29
CA TYR B 350 42.37 -29.99 3.46
C TYR B 350 43.55 -29.52 4.30
N ARG B 351 43.33 -28.65 5.28
CA ARG B 351 44.44 -28.23 6.12
C ARG B 351 44.93 -29.45 6.91
N PRO B 352 46.20 -29.50 7.28
CA PRO B 352 46.62 -30.55 8.21
C PRO B 352 46.03 -30.31 9.58
N VAL B 353 45.83 -31.40 10.31
CA VAL B 353 45.23 -31.37 11.64
C VAL B 353 46.24 -31.52 12.75
N GLU B 354 47.52 -31.76 12.44
CA GLU B 354 48.51 -31.94 13.48
C GLU B 354 48.83 -30.61 14.13
N GLY B 355 49.41 -30.67 15.32
CA GLY B 355 49.60 -29.47 16.10
C GLY B 355 50.76 -28.62 15.60
N LEU B 356 50.83 -27.42 16.18
CA LEU B 356 51.98 -26.54 16.05
C LEU B 356 52.34 -26.20 14.62
N PRO B 357 51.63 -25.29 13.96
CA PRO B 357 52.08 -24.82 12.65
C PRO B 357 53.39 -24.07 12.79
N PRO B 358 54.09 -23.79 11.69
CA PRO B 358 53.85 -24.18 10.30
C PRO B 358 54.22 -25.63 10.09
N TYR B 359 53.78 -26.19 8.98
CA TYR B 359 53.97 -27.58 8.65
C TYR B 359 54.89 -27.72 7.46
N LYS B 360 55.71 -28.76 7.49
CA LYS B 360 56.74 -28.97 6.47
C LYS B 360 56.21 -29.87 5.37
N LEU B 361 56.66 -29.59 4.16
CA LEU B 361 56.17 -30.31 2.99
C LEU B 361 56.86 -31.65 2.87
N LYS B 362 56.07 -32.68 2.59
CA LYS B 362 56.57 -33.99 2.21
C LYS B 362 56.61 -34.08 0.69
N ASN B 363 57.51 -34.91 0.19
CA ASN B 363 57.69 -35.05 -1.26
C ASN B 363 56.56 -35.94 -1.80
N THR B 364 55.36 -35.37 -1.83
CA THR B 364 54.16 -36.06 -2.23
C THR B 364 53.22 -35.08 -2.91
N VAL B 365 52.35 -35.62 -3.77
CA VAL B 365 51.57 -34.81 -4.70
C VAL B 365 50.62 -33.90 -3.94
N GLY B 366 49.90 -34.45 -2.97
CA GLY B 366 48.93 -33.66 -2.23
C GLY B 366 49.55 -32.48 -1.52
N ASP B 367 50.75 -32.67 -0.98
CA ASP B 367 51.42 -31.56 -0.30
C ASP B 367 51.75 -30.45 -1.29
N TYR B 368 52.21 -30.82 -2.49
CA TYR B 368 52.54 -29.80 -3.49
C TYR B 368 51.31 -29.01 -3.90
N PHE B 369 50.21 -29.70 -4.17
CA PHE B 369 49.02 -28.97 -4.58
C PHE B 369 48.46 -28.14 -3.43
N ARG B 370 48.50 -28.65 -2.20
CA ARG B 370 48.00 -27.90 -1.06
C ARG B 370 48.81 -26.63 -0.84
N VAL B 371 50.14 -26.74 -0.91
CA VAL B 371 50.98 -25.57 -0.67
C VAL B 371 50.81 -24.57 -1.80
N THR B 372 50.63 -25.06 -3.03
CA THR B 372 50.34 -24.18 -4.15
C THR B 372 49.05 -23.40 -3.92
N GLY B 373 48.01 -24.09 -3.45
CA GLY B 373 46.76 -23.42 -3.17
C GLY B 373 46.90 -22.39 -2.07
N GLU B 374 47.69 -22.70 -1.05
CA GLU B 374 47.91 -21.74 0.03
C GLU B 374 48.61 -20.50 -0.47
N ILE B 375 49.60 -20.68 -1.34
CA ILE B 375 50.35 -19.53 -1.83
C ILE B 375 49.45 -18.65 -2.69
N LEU B 376 48.61 -19.28 -3.51
CA LEU B 376 47.67 -18.49 -4.31
C LEU B 376 46.67 -17.75 -3.43
N SER B 377 46.19 -18.40 -2.38
CA SER B 377 45.22 -17.77 -1.48
C SER B 377 45.81 -16.54 -0.81
N VAL B 378 47.02 -16.66 -0.28
CA VAL B 378 47.64 -15.54 0.40
C VAL B 378 47.95 -14.43 -0.60
N SER B 379 48.33 -14.81 -1.83
CA SER B 379 48.53 -13.82 -2.87
C SER B 379 47.27 -13.01 -3.13
N GLY B 380 46.13 -13.69 -3.21
CA GLY B 380 44.89 -12.97 -3.43
C GLY B 380 44.55 -12.04 -2.29
N GLY B 381 44.83 -12.47 -1.06
CA GLY B 381 44.61 -11.60 0.08
C GLY B 381 45.46 -10.35 0.01
N VAL B 382 46.72 -10.49 -0.39
CA VAL B 382 47.61 -9.33 -0.47
C VAL B 382 47.16 -8.38 -1.57
N TYR B 383 46.72 -8.96 -2.70
CA TYR B 383 46.20 -8.12 -3.79
C TYR B 383 45.02 -7.29 -3.34
N PHE B 384 44.04 -7.92 -2.70
CA PHE B 384 42.88 -7.16 -2.27
C PHE B 384 43.24 -6.14 -1.19
N PHE B 385 44.24 -6.46 -0.37
CA PHE B 385 44.71 -5.52 0.64
C PHE B 385 45.20 -4.23 0.01
N PHE B 386 46.08 -4.34 -0.98
CA PHE B 386 46.62 -3.13 -1.57
C PHE B 386 45.59 -2.40 -2.41
N ARG B 387 44.66 -3.13 -3.06
CA ARG B 387 43.60 -2.43 -3.75
C ARG B 387 42.75 -1.62 -2.79
N GLY B 388 42.49 -2.17 -1.60
CA GLY B 388 41.73 -1.43 -0.61
C GLY B 388 42.43 -0.17 -0.17
N ILE B 389 43.74 -0.27 0.09
CA ILE B 389 44.47 0.92 0.52
C ILE B 389 44.48 1.96 -0.59
N GLN B 390 44.66 1.53 -1.84
CA GLN B 390 44.64 2.50 -2.94
C GLN B 390 43.30 3.19 -3.05
N TYR B 391 42.21 2.46 -2.87
CA TYR B 391 40.89 3.07 -2.93
C TYR B 391 40.73 4.11 -1.84
N PHE B 392 41.09 3.76 -0.61
CA PHE B 392 40.86 4.69 0.49
C PHE B 392 41.74 5.92 0.36
N LEU B 393 42.98 5.75 -0.10
CA LEU B 393 43.83 6.93 -0.26
C LEU B 393 43.33 7.82 -1.40
N GLN B 394 42.81 7.23 -2.47
CA GLN B 394 42.37 8.06 -3.58
C GLN B 394 41.09 8.80 -3.23
N ARG B 395 40.13 8.13 -2.60
CA ARG B 395 38.85 8.76 -2.34
C ARG B 395 38.85 9.67 -1.12
N ARG B 396 39.57 9.29 -0.06
CA ARG B 396 39.55 10.01 1.21
C ARG B 396 38.13 10.18 1.75
N PRO B 397 37.40 9.10 1.95
CA PRO B 397 36.03 9.23 2.45
C PRO B 397 36.01 9.63 3.93
N SER B 398 34.96 10.35 4.29
CA SER B 398 34.81 10.80 5.66
C SER B 398 34.22 9.69 6.53
N LEU B 399 34.37 9.86 7.84
CA LEU B 399 33.87 8.86 8.78
C LEU B 399 32.35 8.77 8.73
N LYS B 400 31.68 9.91 8.55
CA LYS B 400 30.22 9.94 8.57
C LYS B 400 29.63 9.14 7.41
N SER B 401 30.29 9.18 6.25
CA SER B 401 29.86 8.44 5.07
C SER B 401 30.82 7.32 4.71
N LEU B 402 31.60 6.82 5.67
CA LEU B 402 32.54 5.75 5.36
C LEU B 402 31.81 4.50 4.93
N PHE B 403 30.71 4.17 5.61
CA PHE B 403 29.93 2.97 5.33
C PHE B 403 28.75 3.21 4.41
N VAL B 404 28.22 4.44 4.38
CA VAL B 404 27.03 4.71 3.59
C VAL B 404 27.32 4.49 2.12
N ASP B 405 28.45 4.97 1.64
CA ASP B 405 29.07 4.54 0.41
C ASP B 405 30.24 3.63 0.77
N SER B 406 30.83 3.01 -0.24
CA SER B 406 32.03 2.18 -0.06
C SER B 406 31.81 0.98 0.82
N TYR B 407 30.59 0.47 0.88
CA TYR B 407 30.33 -0.74 1.64
C TYR B 407 31.12 -1.92 1.10
N SER B 408 31.13 -2.07 -0.22
CA SER B 408 31.78 -3.22 -0.84
C SER B 408 33.28 -3.18 -0.65
N GLU B 409 33.90 -2.01 -0.75
CA GLU B 409 35.34 -1.93 -0.56
C GLU B 409 35.72 -2.27 0.86
N ILE B 410 34.88 -1.87 1.81
CA ILE B 410 35.15 -2.18 3.20
C ILE B 410 35.11 -3.67 3.41
N LEU B 411 34.12 -4.34 2.83
CA LEU B 411 34.04 -5.78 3.05
C LEU B 411 35.19 -6.52 2.40
N PHE B 412 35.60 -6.12 1.19
CA PHE B 412 36.75 -6.76 0.58
C PHE B 412 38.02 -6.51 1.40
N PHE B 413 38.15 -5.31 1.94
CA PHE B 413 39.30 -5.01 2.77
C PHE B 413 39.31 -5.85 4.04
N VAL B 414 38.14 -6.06 4.65
CA VAL B 414 38.09 -6.83 5.89
C VAL B 414 38.43 -8.28 5.61
N GLN B 415 37.99 -8.80 4.45
CA GLN B 415 38.44 -10.13 4.03
C GLN B 415 39.95 -10.18 3.94
N SER B 416 40.57 -9.15 3.35
CA SER B 416 42.02 -9.12 3.27
C SER B 416 42.66 -9.11 4.66
N LEU B 417 42.10 -8.35 5.59
CA LEU B 417 42.68 -8.27 6.91
C LEU B 417 42.64 -9.61 7.62
N PHE B 418 41.53 -10.33 7.48
CA PHE B 418 41.47 -11.66 8.10
C PHE B 418 42.49 -12.59 7.49
N MET B 419 42.69 -12.51 6.18
CA MET B 419 43.71 -13.36 5.56
C MET B 419 45.09 -13.03 6.09
N LEU B 420 45.42 -11.75 6.23
CA LEU B 420 46.77 -11.40 6.67
C LEU B 420 46.98 -11.77 8.13
N VAL B 421 45.98 -11.55 8.97
CA VAL B 421 46.08 -11.96 10.36
C VAL B 421 46.26 -13.46 10.46
N SER B 422 45.59 -14.20 9.58
CA SER B 422 45.78 -15.64 9.52
C SER B 422 47.22 -16.00 9.17
N VAL B 423 47.82 -15.29 8.22
CA VAL B 423 49.20 -15.59 7.85
C VAL B 423 50.14 -15.30 9.01
N VAL B 424 49.91 -14.19 9.69
CA VAL B 424 50.76 -13.80 10.82
C VAL B 424 50.70 -14.85 11.91
N LEU B 425 49.49 -15.30 12.26
CA LEU B 425 49.37 -16.34 13.27
C LEU B 425 49.95 -17.65 12.79
N TYR B 426 49.89 -17.91 11.48
CA TYR B 426 50.43 -19.16 10.95
C TYR B 426 51.92 -19.24 11.17
N PHE B 427 52.65 -18.22 10.75
CA PHE B 427 54.10 -18.24 10.93
C PHE B 427 54.52 -17.89 12.36
N SER B 428 53.62 -17.42 13.20
CA SER B 428 53.90 -17.25 14.62
C SER B 428 53.72 -18.52 15.43
N GLN B 429 53.41 -19.65 14.80
CA GLN B 429 53.24 -20.93 15.48
C GLN B 429 52.10 -20.86 16.50
N ARG B 430 50.89 -20.62 16.01
CA ARG B 430 49.68 -20.71 16.80
C ARG B 430 48.62 -21.44 16.01
N LYS B 431 47.83 -22.24 16.68
CA LYS B 431 46.67 -22.86 16.03
C LYS B 431 45.62 -21.85 15.64
N GLU B 432 45.60 -20.67 16.26
CA GLU B 432 44.46 -19.77 16.15
C GLU B 432 44.31 -19.19 14.75
N TYR B 433 45.31 -19.37 13.87
CA TYR B 433 45.15 -18.97 12.48
C TYR B 433 43.94 -19.63 11.83
N VAL B 434 43.56 -20.84 12.29
CA VAL B 434 42.39 -21.51 11.75
C VAL B 434 41.18 -20.63 11.90
N ALA B 435 41.02 -20.04 13.10
CA ALA B 435 39.89 -19.15 13.36
C ALA B 435 39.87 -18.01 12.37
N SER B 436 41.01 -17.35 12.18
CA SER B 436 41.05 -16.21 11.27
C SER B 436 40.76 -16.65 9.85
N MET B 437 41.34 -17.78 9.44
CA MET B 437 41.18 -18.25 8.07
C MET B 437 39.72 -18.51 7.80
N VAL B 438 39.02 -19.06 8.80
CA VAL B 438 37.64 -19.46 8.61
C VAL B 438 36.78 -18.23 8.34
N PHE B 439 37.03 -17.14 9.05
CA PHE B 439 36.19 -15.97 8.85
C PHE B 439 36.38 -15.43 7.46
N SER B 440 37.63 -15.41 6.98
CA SER B 440 37.89 -14.92 5.65
C SER B 440 37.21 -15.78 4.62
N LEU B 441 37.21 -17.09 4.85
CA LEU B 441 36.58 -18.02 3.94
C LEU B 441 35.10 -17.72 3.83
N ALA B 442 34.43 -17.52 4.97
CA ALA B 442 33.02 -17.20 4.92
C ALA B 442 32.78 -15.90 4.21
N MET B 443 33.62 -14.90 4.49
CA MET B 443 33.43 -13.61 3.84
C MET B 443 33.69 -13.73 2.36
N GLY B 444 34.63 -14.60 2.00
CA GLY B 444 35.00 -14.75 0.62
C GLY B 444 33.84 -15.20 -0.24
N TRP B 445 32.91 -15.96 0.33
CA TRP B 445 31.79 -16.38 -0.49
C TRP B 445 30.74 -15.30 -0.55
N THR B 446 30.44 -14.64 0.56
CA THR B 446 29.34 -13.71 0.52
C THR B 446 29.69 -12.46 -0.27
N ASN B 447 30.96 -12.11 -0.37
CA ASN B 447 31.38 -11.02 -1.24
C ASN B 447 31.17 -11.32 -2.71
N MET B 448 30.91 -12.58 -3.07
CA MET B 448 30.48 -12.90 -4.42
C MET B 448 29.23 -12.11 -4.82
N LEU B 449 28.40 -11.71 -3.85
CA LEU B 449 27.22 -10.91 -4.18
C LEU B 449 27.57 -9.57 -4.80
N TYR B 450 28.78 -9.06 -4.59
CA TYR B 450 29.18 -7.84 -5.25
C TYR B 450 29.06 -7.93 -6.76
N TYR B 451 29.27 -9.12 -7.31
CA TYR B 451 29.20 -9.27 -8.74
C TYR B 451 27.79 -9.38 -9.27
N THR B 452 26.78 -9.50 -8.41
CA THR B 452 25.42 -9.43 -8.93
C THR B 452 24.97 -8.00 -9.12
N ARG B 453 25.69 -7.04 -8.59
CA ARG B 453 25.47 -5.66 -8.97
C ARG B 453 25.76 -5.50 -10.43
N GLY B 454 25.02 -4.63 -11.08
CA GLY B 454 25.18 -4.40 -12.49
C GLY B 454 24.31 -5.27 -13.36
N PHE B 455 23.61 -6.23 -12.79
CA PHE B 455 22.56 -6.96 -13.47
C PHE B 455 21.26 -6.24 -13.18
N GLN B 456 20.40 -6.09 -14.18
CA GLN B 456 19.13 -5.43 -13.93
C GLN B 456 18.30 -6.25 -12.96
N GLN B 457 18.32 -7.56 -13.09
CA GLN B 457 17.46 -8.38 -12.26
C GLN B 457 18.02 -8.52 -10.85
N MET B 458 19.29 -8.85 -10.74
CA MET B 458 19.81 -9.48 -9.55
C MET B 458 20.41 -8.51 -8.55
N GLY B 459 20.88 -7.34 -8.99
CA GLY B 459 21.54 -6.42 -8.08
C GLY B 459 20.68 -5.89 -6.95
N ILE B 460 19.37 -6.04 -7.07
CA ILE B 460 18.48 -5.53 -6.04
C ILE B 460 18.69 -6.29 -4.74
N TYR B 461 19.10 -7.54 -4.81
CA TYR B 461 19.28 -8.28 -3.57
C TYR B 461 20.48 -7.78 -2.79
N ALA B 462 21.60 -7.53 -3.48
CA ALA B 462 22.76 -6.96 -2.82
C ALA B 462 22.44 -5.62 -2.23
N VAL B 463 21.67 -4.80 -2.94
CA VAL B 463 21.34 -3.47 -2.42
C VAL B 463 20.45 -3.59 -1.19
N MET B 464 19.46 -4.48 -1.24
CA MET B 464 18.56 -4.65 -0.11
C MET B 464 19.29 -5.15 1.12
N ILE B 465 20.22 -6.09 0.94
CA ILE B 465 20.98 -6.58 2.08
C ILE B 465 21.78 -5.46 2.70
N GLU B 466 22.42 -4.64 1.86
CA GLU B 466 23.19 -3.52 2.38
C GLU B 466 22.34 -2.55 3.17
N LYS B 467 21.21 -2.12 2.63
CA LYS B 467 20.40 -1.13 3.32
C LYS B 467 19.80 -1.70 4.59
N MET B 468 19.34 -2.96 4.56
CA MET B 468 18.77 -3.55 5.76
C MET B 468 19.80 -3.64 6.87
N ILE B 469 21.01 -4.09 6.56
CA ILE B 469 22.05 -4.18 7.59
C ILE B 469 22.44 -2.79 8.07
N LEU B 470 22.58 -1.83 7.17
CA LEU B 470 23.15 -0.56 7.60
C LEU B 470 22.14 0.29 8.36
N ARG B 471 20.86 0.23 8.02
CA ARG B 471 19.83 1.00 8.72
C ARG B 471 19.14 0.19 9.80
N ASP B 472 18.42 -0.86 9.42
CA ASP B 472 17.45 -1.42 10.35
C ASP B 472 18.12 -2.18 11.47
N LEU B 473 19.06 -3.05 11.15
CA LEU B 473 19.68 -3.83 12.22
C LEU B 473 20.54 -2.96 13.11
N CYS B 474 21.29 -2.02 12.53
CA CYS B 474 22.15 -1.19 13.38
C CYS B 474 21.34 -0.29 14.30
N ARG B 475 20.19 0.20 13.85
CA ARG B 475 19.36 0.98 14.77
C ARG B 475 18.67 0.08 15.78
N PHE B 476 18.30 -1.12 15.38
CA PHE B 476 17.50 -1.98 16.24
C PHE B 476 18.33 -2.68 17.30
N MET B 477 19.65 -2.77 17.12
CA MET B 477 20.49 -3.43 18.09
C MET B 477 20.41 -2.77 19.45
N PHE B 478 20.33 -1.44 19.51
CA PHE B 478 20.29 -0.78 20.80
C PHE B 478 19.05 -1.18 21.58
N VAL B 479 17.90 -1.17 20.91
CA VAL B 479 16.63 -1.51 21.56
C VAL B 479 16.66 -2.96 22.02
N TYR B 480 17.04 -3.86 21.13
CA TYR B 480 16.98 -5.26 21.50
C TYR B 480 17.97 -5.59 22.59
N LEU B 481 19.17 -5.03 22.54
CA LEU B 481 20.13 -5.31 23.59
C LEU B 481 19.68 -4.75 24.92
N VAL B 482 18.97 -3.62 24.92
CA VAL B 482 18.41 -3.14 26.18
C VAL B 482 17.47 -4.18 26.77
N PHE B 483 16.57 -4.73 25.95
CA PHE B 483 15.67 -5.76 26.47
C PHE B 483 16.42 -7.01 26.91
N LEU B 484 17.36 -7.47 26.09
CA LEU B 484 18.09 -8.69 26.38
C LEU B 484 18.84 -8.56 27.69
N PHE B 485 19.57 -7.45 27.85
CA PHE B 485 20.35 -7.28 29.05
C PHE B 485 19.48 -7.09 30.26
N GLY B 486 18.36 -6.37 30.12
CA GLY B 486 17.49 -6.20 31.26
C GLY B 486 16.96 -7.50 31.81
N PHE B 487 16.30 -8.29 30.95
CA PHE B 487 15.75 -9.54 31.46
C PHE B 487 16.84 -10.54 31.77
N SER B 488 17.97 -10.50 31.06
CA SER B 488 19.05 -11.42 31.33
C SER B 488 19.62 -11.25 32.72
N THR B 489 20.00 -10.03 33.07
CA THR B 489 20.56 -9.83 34.39
C THR B 489 19.50 -9.99 35.46
N ALA B 490 18.24 -9.72 35.15
CA ALA B 490 17.17 -9.99 36.11
C ALA B 490 17.10 -11.47 36.44
N VAL B 491 17.09 -12.33 35.42
CA VAL B 491 16.94 -13.76 35.64
C VAL B 491 18.17 -14.32 36.33
N VAL B 492 19.36 -13.82 35.97
CA VAL B 492 20.57 -14.29 36.62
C VAL B 492 20.55 -13.92 38.09
N THR B 493 20.06 -12.73 38.40
CA THR B 493 20.00 -12.31 39.79
C THR B 493 19.02 -13.15 40.58
N LEU B 494 17.88 -13.47 39.99
CA LEU B 494 16.87 -14.25 40.70
C LEU B 494 17.38 -15.64 41.02
N ILE B 495 18.00 -16.27 40.09
CA ILE B 495 18.32 -17.70 40.16
C ILE B 495 19.65 -17.88 40.87
N GLU B 496 19.72 -18.88 41.75
CA GLU B 496 20.98 -19.21 42.39
C GLU B 496 21.08 -20.71 42.13
N ASP B 497 22.27 -21.19 41.76
CA ASP B 497 22.50 -22.63 41.50
C ASP B 497 21.74 -23.29 40.35
N GLY B 498 22.25 -23.21 39.12
CA GLY B 498 21.65 -23.87 37.98
C GLY B 498 22.35 -23.48 36.70
N LYS B 499 21.74 -23.86 35.57
CA LYS B 499 22.26 -23.44 34.27
C LYS B 499 21.95 -21.98 33.99
N TYR B 500 20.83 -21.46 34.49
CA TYR B 500 20.51 -20.04 34.44
C TYR B 500 21.14 -19.32 35.61
N ASN B 501 22.44 -19.44 35.85
CA ASN B 501 23.11 -18.72 36.92
C ASN B 501 24.41 -18.09 36.43
N SER B 502 24.51 -17.80 35.15
CA SER B 502 25.63 -17.08 34.60
C SER B 502 25.13 -16.27 33.42
N LEU B 503 25.81 -15.17 33.14
CA LEU B 503 25.32 -14.28 32.10
C LEU B 503 25.35 -14.94 30.74
N TYR B 504 26.37 -15.76 30.48
CA TYR B 504 26.55 -16.33 29.16
C TYR B 504 25.42 -17.26 28.79
N SER B 505 25.14 -18.24 29.66
CA SER B 505 24.13 -19.23 29.33
C SER B 505 22.76 -18.59 29.25
N THR B 506 22.45 -17.71 30.19
CA THR B 506 21.11 -17.10 30.18
C THR B 506 20.94 -16.16 29.00
N CYS B 507 21.97 -15.42 28.61
CA CYS B 507 21.86 -14.59 27.42
C CYS B 507 21.62 -15.43 26.19
N LEU B 508 22.33 -16.55 26.07
CA LEU B 508 22.12 -17.41 24.91
C LEU B 508 20.70 -17.97 24.89
N GLU B 509 20.19 -18.41 26.03
CA GLU B 509 18.87 -19.02 26.03
C GLU B 509 17.80 -17.98 25.77
N LEU B 510 17.97 -16.77 26.28
CA LEU B 510 16.97 -15.75 26.00
C LEU B 510 17.01 -15.35 24.53
N PHE B 511 18.19 -15.35 23.93
CA PHE B 511 18.25 -15.12 22.49
C PHE B 511 17.52 -16.21 21.72
N LYS B 512 17.70 -17.47 22.13
CA LYS B 512 16.96 -18.56 21.50
C LYS B 512 15.47 -18.35 21.60
N PHE B 513 15.00 -17.90 22.76
CA PHE B 513 13.58 -17.64 22.91
C PHE B 513 13.12 -16.56 21.96
N THR B 514 13.95 -15.54 21.73
CA THR B 514 13.56 -14.44 20.86
C THR B 514 13.36 -14.90 19.43
N ILE B 515 14.16 -15.84 18.93
CA ILE B 515 14.02 -16.34 17.57
C ILE B 515 13.19 -17.62 17.51
N GLY B 516 12.44 -17.91 18.57
CA GLY B 516 11.44 -18.96 18.48
C GLY B 516 11.99 -20.36 18.43
N MET B 517 13.03 -20.65 19.21
CA MET B 517 13.51 -22.01 19.34
C MET B 517 13.95 -22.27 20.76
N GLY B 518 13.13 -21.87 21.72
CA GLY B 518 13.35 -22.18 23.11
C GLY B 518 12.73 -23.51 23.47
N ASP B 519 12.55 -23.71 24.77
CA ASP B 519 11.91 -24.93 25.27
C ASP B 519 10.80 -24.66 26.27
N LEU B 520 10.95 -23.67 27.15
CA LEU B 520 9.95 -23.33 28.17
C LEU B 520 9.70 -24.48 29.15
N GLU B 521 10.59 -25.47 29.19
CA GLU B 521 10.33 -26.68 29.95
C GLU B 521 10.45 -26.43 31.44
N PHE B 522 9.41 -25.85 32.04
CA PHE B 522 9.40 -25.53 33.47
C PHE B 522 9.26 -26.81 34.29
N THR B 523 10.38 -27.53 34.42
CA THR B 523 10.43 -28.82 35.10
C THR B 523 11.51 -28.90 36.17
N GLU B 524 12.15 -27.79 36.51
CA GLU B 524 13.21 -27.78 37.52
C GLU B 524 12.64 -27.35 38.85
N ASN B 525 13.18 -27.92 39.91
CA ASN B 525 12.77 -27.64 41.27
C ASN B 525 13.65 -26.50 41.73
N TYR B 526 13.08 -25.30 41.77
CA TYR B 526 13.80 -24.16 42.32
C TYR B 526 12.82 -23.10 42.79
N ASP B 527 13.31 -22.28 43.70
CA ASP B 527 12.51 -21.32 44.43
C ASP B 527 12.15 -20.15 43.51
N PHE B 528 11.08 -19.45 43.90
CA PHE B 528 10.54 -18.33 43.12
C PHE B 528 10.19 -18.75 41.70
N LYS B 529 9.59 -19.93 41.55
CA LYS B 529 9.32 -20.41 40.20
C LYS B 529 8.23 -19.59 39.52
N ALA B 530 7.26 -19.10 40.29
CA ALA B 530 6.18 -18.33 39.69
C ALA B 530 6.70 -17.03 39.09
N VAL B 531 7.56 -16.33 39.81
CA VAL B 531 8.12 -15.10 39.28
C VAL B 531 8.99 -15.37 38.07
N PHE B 532 9.74 -16.46 38.12
CA PHE B 532 10.54 -16.85 36.98
C PHE B 532 9.68 -17.05 35.74
N ILE B 533 8.55 -17.74 35.90
CA ILE B 533 7.68 -18.00 34.76
C ILE B 533 7.08 -16.71 34.24
N ILE B 534 6.69 -15.82 35.14
CA ILE B 534 6.10 -14.54 34.71
C ILE B 534 7.11 -13.74 33.93
N LEU B 535 8.36 -13.70 34.41
CA LEU B 535 9.41 -12.99 33.70
C LEU B 535 9.64 -13.57 32.33
N LEU B 536 9.72 -14.90 32.23
CA LEU B 536 10.08 -15.48 30.96
C LEU B 536 8.95 -15.34 29.94
N LEU B 537 7.70 -15.50 30.36
CA LEU B 537 6.60 -15.30 29.43
C LEU B 537 6.47 -13.84 29.04
N ALA B 538 6.74 -12.91 29.95
CA ALA B 538 6.74 -11.51 29.56
C ALA B 538 7.81 -11.23 28.53
N TYR B 539 8.98 -11.84 28.70
CA TYR B 539 10.06 -11.67 27.74
C TYR B 539 9.68 -12.22 26.39
N VAL B 540 9.04 -13.39 26.37
CA VAL B 540 8.65 -14.01 25.12
C VAL B 540 7.63 -13.15 24.40
N ILE B 541 6.63 -12.67 25.12
CA ILE B 541 5.61 -11.84 24.47
C ILE B 541 6.23 -10.53 23.99
N LEU B 542 7.16 -9.97 24.74
CA LEU B 542 7.71 -8.68 24.38
C LEU B 542 8.66 -8.78 23.20
N THR B 543 9.50 -9.80 23.15
CA THR B 543 10.51 -9.88 22.11
C THR B 543 10.09 -10.76 20.94
N TYR B 544 9.53 -11.94 21.19
CA TYR B 544 9.20 -12.81 20.08
C TYR B 544 8.02 -12.27 19.30
N ILE B 545 6.94 -11.92 19.99
CA ILE B 545 5.74 -11.51 19.28
C ILE B 545 5.88 -10.09 18.79
N LEU B 546 6.29 -9.20 19.68
CA LEU B 546 6.14 -7.77 19.44
C LEU B 546 7.35 -7.18 18.72
N LEU B 547 8.54 -7.26 19.32
CA LEU B 547 9.68 -6.57 18.73
C LEU B 547 10.12 -7.21 17.43
N LEU B 548 10.12 -8.52 17.36
CA LEU B 548 10.59 -9.19 16.16
C LEU B 548 9.72 -8.85 14.97
N ASN B 549 8.41 -8.81 15.16
CA ASN B 549 7.54 -8.43 14.06
C ASN B 549 7.61 -6.94 13.78
N MET B 550 7.96 -6.13 14.77
CA MET B 550 8.24 -4.73 14.48
C MET B 550 9.41 -4.61 13.52
N LEU B 551 10.48 -5.35 13.80
CA LEU B 551 11.63 -5.36 12.91
C LEU B 551 11.25 -5.83 11.52
N ILE B 552 10.44 -6.87 11.45
CA ILE B 552 10.11 -7.43 10.15
C ILE B 552 9.24 -6.47 9.36
N ALA B 553 8.33 -5.76 10.01
CA ALA B 553 7.54 -4.78 9.29
C ALA B 553 8.42 -3.66 8.76
N LEU B 554 9.40 -3.23 9.55
CA LEU B 554 10.28 -2.17 9.08
C LEU B 554 11.13 -2.61 7.90
N MET B 555 11.69 -3.82 7.95
CA MET B 555 12.48 -4.30 6.82
C MET B 555 11.64 -4.47 5.57
N GLY B 556 10.41 -4.98 5.73
CA GLY B 556 9.55 -5.10 4.57
C GLY B 556 9.20 -3.77 3.95
N GLU B 557 8.98 -2.76 4.79
CA GLU B 557 8.75 -1.42 4.26
C GLU B 557 9.95 -0.93 3.51
N THR B 558 11.15 -1.20 4.02
CA THR B 558 12.36 -0.81 3.31
C THR B 558 12.45 -1.46 1.94
N VAL B 559 12.12 -2.75 1.85
CA VAL B 559 12.19 -3.46 0.58
C VAL B 559 11.18 -2.87 -0.40
N ASN B 560 9.94 -2.67 0.03
CA ASN B 560 8.95 -2.06 -0.85
C ASN B 560 9.31 -0.63 -1.21
N LYS B 561 10.12 0.05 -0.39
CA LYS B 561 10.58 1.37 -0.78
C LYS B 561 11.42 1.32 -2.04
N ILE B 562 12.25 0.27 -2.18
CA ILE B 562 13.19 0.17 -3.27
C ILE B 562 12.87 -0.98 -4.20
N ALA B 563 11.68 -1.55 -4.13
CA ALA B 563 11.21 -2.34 -5.27
C ALA B 563 11.13 -1.49 -6.51
N GLN B 564 10.76 -0.23 -6.36
CA GLN B 564 10.50 0.62 -7.52
C GLN B 564 11.76 1.15 -8.18
N GLU B 565 12.83 1.33 -7.43
CA GLU B 565 14.00 2.08 -7.88
C GLU B 565 15.07 1.21 -8.52
N SER B 566 14.71 0.01 -8.97
CA SER B 566 15.69 -0.92 -9.49
C SER B 566 16.38 -0.39 -10.73
N LYS B 567 15.63 0.24 -11.63
CA LYS B 567 16.15 0.64 -12.92
C LYS B 567 17.28 1.64 -12.78
N ASN B 568 17.17 2.55 -11.82
CA ASN B 568 18.19 3.57 -11.66
C ASN B 568 19.39 3.06 -10.90
N ILE B 569 19.16 2.19 -9.92
CA ILE B 569 20.23 1.66 -9.11
C ILE B 569 21.16 0.81 -9.96
N TRP B 570 20.57 0.02 -10.85
CA TRP B 570 21.34 -0.77 -11.80
C TRP B 570 22.28 0.11 -12.62
N LYS B 571 21.76 1.21 -13.16
CA LYS B 571 22.58 2.07 -14.02
C LYS B 571 23.72 2.68 -13.24
N LEU B 572 23.45 3.12 -12.01
CA LEU B 572 24.50 3.77 -11.24
C LEU B 572 25.64 2.80 -10.94
N GLN B 573 25.30 1.56 -10.57
CA GLN B 573 26.34 0.58 -10.32
C GLN B 573 27.13 0.28 -11.58
N ARG B 574 26.44 0.20 -12.72
CA ARG B 574 27.13 -0.03 -13.97
C ARG B 574 28.11 1.09 -14.28
N ALA B 575 27.73 2.33 -13.98
CA ALA B 575 28.62 3.47 -14.19
C ALA B 575 29.87 3.35 -13.33
N ILE B 576 29.69 2.97 -12.07
CA ILE B 576 30.84 2.87 -11.17
C ILE B 576 31.78 1.78 -11.66
N THR B 577 31.21 0.65 -12.09
CA THR B 577 32.02 -0.43 -12.65
C THR B 577 32.80 0.02 -13.87
N ILE B 578 32.16 0.77 -14.76
CA ILE B 578 32.83 1.19 -15.99
C ILE B 578 34.00 2.10 -15.66
N LEU B 579 33.81 3.04 -14.75
CA LEU B 579 34.92 3.91 -14.38
C LEU B 579 36.05 3.14 -13.72
N ASP B 580 35.72 2.21 -12.82
CA ASP B 580 36.76 1.44 -12.15
C ASP B 580 37.53 0.58 -13.13
N THR B 581 36.85 0.00 -14.11
CA THR B 581 37.54 -0.76 -15.13
C THR B 581 38.38 0.14 -16.01
N GLU B 582 37.93 1.38 -16.24
CA GLU B 582 38.74 2.30 -17.03
C GLU B 582 40.03 2.64 -16.33
N LYS B 583 40.00 2.80 -15.01
CA LYS B 583 41.16 3.35 -14.31
C LYS B 583 42.34 2.40 -14.36
N SER B 584 42.13 1.12 -14.05
CA SER B 584 43.27 0.20 -14.00
C SER B 584 43.64 -0.29 -15.39
N PHE B 585 42.83 -1.19 -15.96
CA PHE B 585 42.85 -1.58 -17.37
C PHE B 585 44.05 -2.41 -17.84
N LEU B 586 45.18 -2.41 -17.08
CA LEU B 586 46.27 -3.40 -17.14
C LEU B 586 46.74 -3.71 -18.57
N LYS B 587 46.76 -2.70 -19.44
CA LYS B 587 47.30 -2.85 -20.79
C LYS B 587 48.10 -1.65 -21.28
N CYS B 588 48.20 -0.57 -20.49
CA CYS B 588 48.95 0.65 -20.82
C CYS B 588 48.32 1.50 -21.92
N MET B 589 47.20 1.06 -22.50
CA MET B 589 46.41 1.85 -23.42
C MET B 589 45.35 2.62 -22.64
N ARG B 590 44.98 3.77 -23.17
CA ARG B 590 43.86 4.56 -22.65
C ARG B 590 42.92 4.91 -23.78
N LYS B 591 42.53 3.89 -24.56
CA LYS B 591 41.54 4.06 -25.62
C LYS B 591 40.15 4.18 -25.01
N ALA B 592 39.91 5.32 -24.37
CA ALA B 592 38.65 5.67 -23.75
C ALA B 592 37.79 6.59 -24.61
N PHE B 593 38.18 6.86 -25.83
CA PHE B 593 37.40 7.73 -26.70
C PHE B 593 36.41 6.90 -27.52
N ARG B 594 35.36 7.58 -27.99
CA ARG B 594 34.25 6.92 -28.69
C ARG B 594 34.39 7.02 -30.21
N SER B 595 34.25 8.22 -30.76
CA SER B 595 34.29 8.46 -32.19
C SER B 595 35.45 9.39 -32.49
N GLY B 596 35.61 9.70 -33.76
CA GLY B 596 36.84 10.30 -34.21
C GLY B 596 37.00 11.70 -33.70
N LYS B 597 38.21 12.21 -33.84
CA LYS B 597 38.52 13.60 -33.47
C LYS B 597 38.07 14.49 -34.62
N LEU B 598 36.76 14.53 -34.82
CA LEU B 598 36.16 15.11 -36.01
C LEU B 598 36.15 16.62 -35.90
N LEU B 599 36.27 17.29 -37.04
CA LEU B 599 36.03 18.71 -37.09
C LEU B 599 34.57 18.96 -36.78
N GLN B 600 34.30 19.81 -35.79
CA GLN B 600 32.95 19.99 -35.32
C GLN B 600 32.30 21.10 -36.10
N VAL B 601 32.88 22.28 -35.99
CA VAL B 601 32.41 23.49 -36.64
C VAL B 601 33.31 23.87 -37.79
N GLY B 602 34.61 23.87 -37.56
CA GLY B 602 35.59 24.32 -38.53
C GLY B 602 35.85 25.81 -38.53
N PHE B 603 35.04 26.59 -37.80
CA PHE B 603 35.03 28.05 -37.89
C PHE B 603 35.01 28.58 -36.48
N THR B 604 36.20 28.78 -35.95
CA THR B 604 36.38 29.40 -34.66
C THR B 604 36.19 30.91 -34.82
N PRO B 605 36.22 31.66 -33.72
CA PRO B 605 36.33 33.13 -33.84
C PRO B 605 37.56 33.57 -34.61
N ASP B 606 38.65 32.82 -34.55
CA ASP B 606 39.84 33.05 -35.35
C ASP B 606 39.76 32.13 -36.57
N GLY B 607 40.78 32.17 -37.40
CA GLY B 607 40.76 31.42 -38.64
C GLY B 607 40.99 29.93 -38.51
N LYS B 608 41.17 29.43 -37.29
CA LYS B 608 41.42 28.02 -37.06
C LYS B 608 40.13 27.23 -37.13
N ASP B 609 40.27 25.91 -36.99
CA ASP B 609 39.16 24.96 -36.93
C ASP B 609 39.29 24.15 -35.66
N ASP B 610 38.14 23.75 -35.09
CA ASP B 610 38.10 22.97 -33.85
C ASP B 610 37.75 21.52 -34.15
N TYR B 611 38.62 20.61 -33.73
CA TYR B 611 38.36 19.19 -33.67
C TYR B 611 38.17 18.84 -32.20
N ARG B 612 37.06 18.13 -31.89
CA ARG B 612 36.52 18.11 -30.54
C ARG B 612 36.06 16.75 -30.03
N TRP B 613 36.39 15.65 -30.69
CA TRP B 613 35.98 14.31 -30.25
C TRP B 613 34.47 14.20 -30.13
N CYS B 614 33.78 14.52 -31.21
CA CYS B 614 32.33 14.45 -31.17
C CYS B 614 31.88 13.00 -31.16
N PHE B 615 30.70 12.77 -30.62
CA PHE B 615 30.12 11.44 -30.46
C PHE B 615 28.73 11.44 -31.10
N ARG B 616 28.50 10.48 -31.98
CA ARG B 616 27.28 10.44 -32.78
C ARG B 616 26.17 9.74 -32.03
N VAL B 617 24.99 10.31 -32.07
CA VAL B 617 23.81 9.70 -31.48
C VAL B 617 22.68 9.83 -32.47
N ASP B 618 22.00 8.71 -32.74
CA ASP B 618 20.79 8.70 -33.54
C ASP B 618 19.63 8.44 -32.59
N GLU B 619 18.87 9.47 -32.29
CA GLU B 619 17.77 9.44 -31.34
C GLU B 619 16.47 9.24 -32.11
N VAL B 620 15.50 8.64 -31.45
CA VAL B 620 14.16 8.44 -32.00
C VAL B 620 13.14 8.95 -31.01
N ASN B 621 12.12 9.64 -31.53
CA ASN B 621 11.07 10.23 -30.70
C ASN B 621 9.79 10.24 -31.51
N TRP B 622 8.75 9.58 -31.01
CA TRP B 622 7.50 9.42 -31.74
C TRP B 622 6.47 10.50 -31.40
N THR B 623 6.91 11.66 -30.92
CA THR B 623 5.99 12.77 -30.67
C THR B 623 5.55 13.37 -31.99
N THR B 624 4.24 13.43 -32.19
CA THR B 624 3.62 13.93 -33.43
C THR B 624 4.04 13.09 -34.65
N SER C 89 -50.15 -5.47 -33.30
CA SER C 89 -49.08 -5.58 -32.32
C SER C 89 -48.14 -6.73 -32.64
N TYR C 90 -46.95 -6.70 -32.09
CA TYR C 90 -46.03 -7.81 -32.24
C TYR C 90 -46.59 -9.04 -31.52
N THR C 91 -46.57 -10.18 -32.22
CA THR C 91 -47.23 -11.39 -31.76
C THR C 91 -46.28 -12.48 -31.31
N ASP C 92 -44.96 -12.25 -31.31
CA ASP C 92 -43.99 -13.28 -30.98
C ASP C 92 -43.82 -13.37 -29.47
N SER C 93 -42.89 -14.24 -29.05
CA SER C 93 -42.64 -14.44 -27.63
C SER C 93 -41.85 -13.30 -26.99
N TYR C 94 -41.21 -12.44 -27.78
CA TYR C 94 -40.27 -11.46 -27.27
C TYR C 94 -40.87 -10.06 -27.14
N TYR C 95 -41.69 -9.66 -28.11
CA TYR C 95 -42.25 -8.31 -28.19
C TYR C 95 -43.75 -8.29 -27.96
N LYS C 96 -44.30 -9.32 -27.31
CA LYS C 96 -45.75 -9.53 -27.18
C LYS C 96 -46.45 -8.31 -26.61
N GLY C 97 -47.37 -7.76 -27.40
CA GLY C 97 -48.17 -6.62 -27.01
C GLY C 97 -47.62 -5.26 -27.40
N GLN C 98 -46.38 -5.19 -27.93
CA GLN C 98 -45.85 -3.90 -28.33
C GLN C 98 -46.65 -3.34 -29.49
N THR C 99 -46.93 -2.05 -29.44
CA THR C 99 -47.80 -1.39 -30.41
C THR C 99 -47.18 -0.07 -30.84
N ALA C 100 -47.91 0.65 -31.69
CA ALA C 100 -47.38 1.86 -32.31
C ALA C 100 -47.10 2.95 -31.28
N LEU C 101 -47.91 3.02 -30.22
CA LEU C 101 -47.76 4.10 -29.25
C LEU C 101 -46.43 3.99 -28.51
N HIS C 102 -46.02 2.76 -28.17
CA HIS C 102 -44.73 2.57 -27.52
C HIS C 102 -43.60 3.00 -28.43
N ILE C 103 -43.69 2.68 -29.72
CA ILE C 103 -42.65 3.05 -30.65
C ILE C 103 -42.58 4.56 -30.80
N ALA C 104 -43.75 5.21 -30.88
CA ALA C 104 -43.79 6.66 -31.01
C ALA C 104 -43.20 7.35 -29.79
N ILE C 105 -43.54 6.86 -28.60
CA ILE C 105 -43.00 7.46 -27.38
C ILE C 105 -41.51 7.23 -27.31
N GLU C 106 -41.07 6.01 -27.62
CA GLU C 106 -39.65 5.68 -27.56
C GLU C 106 -38.83 6.51 -28.52
N ARG C 107 -39.43 6.88 -29.66
CA ARG C 107 -38.77 7.73 -30.62
C ARG C 107 -38.82 9.20 -30.27
N ARG C 108 -39.52 9.59 -29.19
CA ARG C 108 -39.57 10.98 -28.74
C ARG C 108 -40.22 11.89 -29.78
N ASN C 109 -41.23 11.36 -30.47
CA ASN C 109 -41.96 12.06 -31.52
C ASN C 109 -43.32 12.46 -30.99
N MET C 110 -43.45 13.73 -30.57
CA MET C 110 -44.70 14.18 -29.97
C MET C 110 -45.87 14.10 -30.94
N THR C 111 -45.62 14.32 -32.23
CA THR C 111 -46.71 14.35 -33.20
C THR C 111 -47.36 12.99 -33.34
N LEU C 112 -46.56 11.93 -33.42
CA LEU C 112 -47.11 10.59 -33.53
C LEU C 112 -47.91 10.23 -32.28
N VAL C 113 -47.42 10.61 -31.10
CA VAL C 113 -48.15 10.34 -29.87
C VAL C 113 -49.49 11.06 -29.87
N THR C 114 -49.49 12.33 -30.26
CA THR C 114 -50.72 13.10 -30.29
C THR C 114 -51.72 12.49 -31.27
N LEU C 115 -51.24 12.13 -32.47
CA LEU C 115 -52.12 11.56 -33.48
C LEU C 115 -52.67 10.21 -33.06
N LEU C 116 -51.81 9.36 -32.49
CA LEU C 116 -52.24 8.03 -32.11
C LEU C 116 -53.26 8.08 -30.99
N VAL C 117 -53.04 8.95 -29.99
CA VAL C 117 -54.04 9.12 -28.95
C VAL C 117 -55.33 9.69 -29.54
N GLU C 118 -55.20 10.59 -30.52
CA GLU C 118 -56.38 11.12 -31.21
C GLU C 118 -57.15 10.03 -31.96
N ASN C 119 -56.43 9.05 -32.52
CA ASN C 119 -57.06 8.03 -33.36
C ASN C 119 -57.62 6.84 -32.59
N GLY C 120 -57.58 6.86 -31.26
CA GLY C 120 -58.13 5.78 -30.46
C GLY C 120 -57.13 4.73 -30.03
N ALA C 121 -55.84 5.04 -30.01
CA ALA C 121 -54.86 4.13 -29.44
C ALA C 121 -55.14 3.91 -27.95
N ASP C 122 -54.82 2.72 -27.47
CA ASP C 122 -55.07 2.35 -26.09
C ASP C 122 -53.88 2.77 -25.23
N VAL C 123 -54.09 3.75 -24.36
CA VAL C 123 -53.03 4.23 -23.48
C VAL C 123 -52.69 3.27 -22.35
N GLN C 124 -53.43 2.17 -22.19
CA GLN C 124 -53.20 1.18 -21.14
C GLN C 124 -52.64 -0.13 -21.68
N ALA C 125 -52.19 -0.17 -22.93
CA ALA C 125 -51.72 -1.43 -23.51
C ALA C 125 -50.44 -1.89 -22.82
N ALA C 126 -50.31 -3.21 -22.67
CA ALA C 126 -49.18 -3.83 -21.99
C ALA C 126 -48.28 -4.50 -23.03
N ALA C 127 -47.03 -4.06 -23.10
CA ALA C 127 -46.00 -4.71 -23.89
C ALA C 127 -45.32 -5.70 -22.95
N ASN C 128 -45.83 -6.92 -22.93
CA ASN C 128 -45.54 -7.91 -21.89
C ASN C 128 -44.77 -9.10 -22.46
N GLY C 129 -43.95 -8.86 -23.49
CA GLY C 129 -43.09 -9.89 -24.03
C GLY C 129 -41.83 -10.08 -23.22
N ASP C 130 -41.11 -11.16 -23.55
CA ASP C 130 -39.90 -11.51 -22.80
C ASP C 130 -38.81 -10.46 -22.96
N PHE C 131 -38.80 -9.74 -24.08
CA PHE C 131 -37.79 -8.69 -24.23
C PHE C 131 -37.97 -7.56 -23.22
N PHE C 132 -39.19 -7.33 -22.74
CA PHE C 132 -39.51 -6.17 -21.91
C PHE C 132 -39.61 -6.49 -20.43
N LYS C 133 -39.32 -7.70 -20.00
CA LYS C 133 -39.50 -8.12 -18.63
C LYS C 133 -38.23 -7.93 -17.83
N LYS C 134 -38.37 -7.96 -16.51
CA LYS C 134 -37.20 -7.94 -15.63
C LYS C 134 -36.41 -9.23 -15.77
N THR C 135 -35.13 -9.09 -16.06
CA THR C 135 -34.29 -10.26 -16.33
C THR C 135 -32.84 -9.86 -16.12
N LYS C 136 -32.00 -10.86 -15.88
CA LYS C 136 -30.57 -10.69 -15.67
C LYS C 136 -29.71 -11.33 -16.74
N GLY C 137 -30.08 -12.52 -17.20
CA GLY C 137 -29.28 -13.28 -18.13
C GLY C 137 -29.71 -13.17 -19.58
N ARG C 138 -30.53 -12.18 -19.91
CA ARG C 138 -30.94 -11.89 -21.27
C ARG C 138 -30.94 -10.38 -21.47
N PRO C 139 -30.72 -9.89 -22.70
CA PRO C 139 -30.88 -8.46 -22.94
C PRO C 139 -32.34 -8.08 -22.86
N GLY C 140 -32.59 -6.84 -22.49
CA GLY C 140 -33.95 -6.36 -22.39
C GLY C 140 -33.97 -4.94 -21.88
N PHE C 141 -35.17 -4.35 -21.96
CA PHE C 141 -35.41 -2.99 -21.51
C PHE C 141 -36.71 -3.04 -20.74
N TYR C 142 -36.61 -3.13 -19.41
CA TYR C 142 -37.78 -3.10 -18.55
C TYR C 142 -38.14 -1.66 -18.26
N PHE C 143 -39.41 -1.33 -18.46
CA PHE C 143 -39.92 0.01 -18.21
C PHE C 143 -41.27 0.02 -17.51
N GLY C 144 -41.82 -1.13 -17.16
CA GLY C 144 -43.15 -1.22 -16.57
C GLY C 144 -44.26 -1.53 -17.54
N GLU C 145 -43.95 -1.81 -18.81
CA GLU C 145 -44.89 -2.35 -19.79
C GLU C 145 -45.91 -1.36 -20.33
N LEU C 146 -46.00 -0.11 -19.76
CA LEU C 146 -47.11 0.80 -20.05
C LEU C 146 -46.64 2.08 -20.74
N PRO C 147 -47.43 2.69 -21.63
CA PRO C 147 -47.00 3.95 -22.27
C PRO C 147 -46.70 5.06 -21.28
N LEU C 148 -47.51 5.20 -20.23
CA LEU C 148 -47.24 6.23 -19.24
C LEU C 148 -45.94 5.96 -18.53
N SER C 149 -45.71 4.69 -18.16
CA SER C 149 -44.45 4.31 -17.55
C SER C 149 -43.30 4.50 -18.51
N LEU C 150 -43.50 4.22 -19.80
CA LEU C 150 -42.44 4.39 -20.78
C LEU C 150 -42.07 5.86 -20.91
N ALA C 151 -43.07 6.74 -20.93
CA ALA C 151 -42.79 8.16 -20.99
C ALA C 151 -42.04 8.63 -19.76
N ALA C 152 -42.47 8.17 -18.58
CA ALA C 152 -41.81 8.60 -17.35
C ALA C 152 -40.38 8.10 -17.28
N CYS C 153 -40.17 6.84 -17.66
CA CYS C 153 -38.84 6.25 -17.59
C CYS C 153 -37.86 6.92 -18.54
N THR C 154 -38.31 7.34 -19.71
CA THR C 154 -37.44 7.91 -20.74
C THR C 154 -37.21 9.40 -20.57
N ASN C 155 -37.73 10.03 -19.51
CA ASN C 155 -37.55 11.46 -19.22
C ASN C 155 -38.25 12.33 -20.26
N GLN C 156 -39.54 12.08 -20.46
CA GLN C 156 -40.39 12.86 -21.35
C GLN C 156 -41.62 13.33 -20.59
N LEU C 157 -41.51 14.49 -19.93
CA LEU C 157 -42.60 14.94 -19.07
C LEU C 157 -43.83 15.35 -19.87
N ALA C 158 -43.62 15.93 -21.06
CA ALA C 158 -44.73 16.45 -21.85
C ALA C 158 -45.69 15.35 -22.26
N ILE C 159 -45.17 14.18 -22.63
CA ILE C 159 -46.05 13.09 -23.03
C ILE C 159 -46.82 12.58 -21.84
N VAL C 160 -46.19 12.60 -20.65
CA VAL C 160 -46.89 12.20 -19.43
C VAL C 160 -48.07 13.12 -19.18
N LYS C 161 -47.83 14.43 -19.26
CA LYS C 161 -48.91 15.38 -19.03
C LYS C 161 -50.00 15.20 -20.08
N PHE C 162 -49.61 14.96 -21.33
CA PHE C 162 -50.57 14.72 -22.40
C PHE C 162 -51.42 13.49 -22.10
N LEU C 163 -50.77 12.36 -21.82
CA LEU C 163 -51.49 11.12 -21.57
C LEU C 163 -52.42 11.24 -20.36
N LEU C 164 -51.97 11.94 -19.33
CA LEU C 164 -52.81 12.06 -18.13
C LEU C 164 -53.98 13.00 -18.36
N GLN C 165 -53.73 14.16 -18.96
CA GLN C 165 -54.70 15.24 -18.94
C GLN C 165 -55.63 15.26 -20.15
N ASN C 166 -55.27 14.60 -21.25
CA ASN C 166 -56.03 14.76 -22.49
C ASN C 166 -57.44 14.19 -22.36
N SER C 167 -58.36 14.79 -23.11
CA SER C 167 -59.75 14.38 -23.11
C SER C 167 -60.03 13.21 -24.04
N TRP C 168 -59.08 12.81 -24.88
CA TRP C 168 -59.34 11.72 -25.81
C TRP C 168 -59.46 10.39 -25.07
N GLN C 169 -58.44 10.03 -24.31
CA GLN C 169 -58.49 8.85 -23.46
C GLN C 169 -57.44 9.02 -22.35
N PRO C 170 -57.78 9.54 -21.17
CA PRO C 170 -56.74 9.83 -20.19
C PRO C 170 -56.11 8.56 -19.63
N ALA C 171 -54.83 8.67 -19.30
CA ALA C 171 -54.08 7.54 -18.80
C ALA C 171 -54.31 7.36 -17.30
N ASP C 172 -54.36 6.10 -16.88
CA ASP C 172 -54.62 5.77 -15.49
C ASP C 172 -53.30 5.79 -14.73
N ILE C 173 -53.12 6.82 -13.92
CA ILE C 173 -51.87 7.03 -13.20
C ILE C 173 -51.59 5.92 -12.18
N SER C 174 -52.62 5.18 -11.76
CA SER C 174 -52.50 4.14 -10.75
C SER C 174 -52.48 2.73 -11.35
N ALA C 175 -52.37 2.58 -12.67
CA ALA C 175 -52.34 1.27 -13.27
C ALA C 175 -51.06 0.53 -12.93
N ARG C 176 -51.12 -0.81 -13.00
CA ARG C 176 -50.02 -1.70 -12.72
C ARG C 176 -49.74 -2.59 -13.91
N ASP C 177 -48.52 -3.10 -13.96
CA ASP C 177 -48.09 -4.06 -14.96
C ASP C 177 -48.27 -5.49 -14.42
N SER C 178 -47.73 -6.47 -15.13
CA SER C 178 -47.80 -7.85 -14.69
C SER C 178 -47.01 -8.09 -13.41
N VAL C 179 -45.95 -7.33 -13.18
CA VAL C 179 -45.20 -7.39 -11.93
C VAL C 179 -45.91 -6.67 -10.79
N GLY C 180 -46.98 -5.92 -11.09
CA GLY C 180 -47.59 -5.06 -10.11
C GLY C 180 -46.94 -3.70 -9.97
N ASN C 181 -45.94 -3.39 -10.80
CA ASN C 181 -45.22 -2.14 -10.69
C ASN C 181 -45.99 -1.03 -11.36
N THR C 182 -46.26 0.02 -10.60
CA THR C 182 -46.85 1.25 -11.10
C THR C 182 -45.74 2.10 -11.73
N VAL C 183 -46.09 3.35 -12.06
CA VAL C 183 -45.09 4.26 -12.63
C VAL C 183 -43.98 4.51 -11.64
N LEU C 184 -44.31 4.60 -10.34
CA LEU C 184 -43.30 4.89 -9.34
C LEU C 184 -42.39 3.69 -9.12
N HIS C 185 -42.97 2.48 -9.15
CA HIS C 185 -42.15 1.28 -9.08
C HIS C 185 -41.21 1.19 -10.26
N ALA C 186 -41.71 1.46 -11.47
CA ALA C 186 -40.86 1.44 -12.65
C ALA C 186 -39.78 2.52 -12.57
N LEU C 187 -40.12 3.69 -12.06
CA LEU C 187 -39.14 4.76 -11.91
C LEU C 187 -38.04 4.35 -10.96
N VAL C 188 -38.41 3.69 -9.86
CA VAL C 188 -37.42 3.21 -8.90
C VAL C 188 -36.53 2.17 -9.56
N GLU C 189 -37.11 1.33 -10.42
CA GLU C 189 -36.36 0.24 -11.04
C GLU C 189 -35.21 0.77 -11.89
N VAL C 190 -35.43 1.85 -12.63
CA VAL C 190 -34.46 2.29 -13.62
C VAL C 190 -33.38 3.18 -13.00
N ALA C 191 -33.37 3.34 -11.69
CA ALA C 191 -32.30 4.10 -11.07
C ALA C 191 -31.01 3.28 -11.06
N ASP C 192 -29.86 3.98 -11.08
CA ASP C 192 -28.57 3.31 -10.95
C ASP C 192 -27.56 4.10 -10.13
N ASN C 193 -28.00 5.06 -9.33
CA ASN C 193 -27.15 5.75 -8.36
C ASN C 193 -26.01 6.52 -9.04
N THR C 194 -26.31 7.14 -10.18
CA THR C 194 -25.44 8.13 -10.80
C THR C 194 -26.11 9.50 -10.71
N VAL C 195 -25.32 10.54 -10.97
CA VAL C 195 -25.74 11.89 -10.62
C VAL C 195 -26.92 12.33 -11.48
N ASP C 196 -26.77 12.24 -12.80
CA ASP C 196 -27.84 12.74 -13.66
C ASP C 196 -29.05 11.82 -13.59
N ASN C 197 -28.81 10.53 -13.42
CA ASN C 197 -29.88 9.58 -13.21
C ASN C 197 -30.69 9.94 -11.97
N THR C 198 -29.99 10.22 -10.87
CA THR C 198 -30.63 10.66 -9.64
C THR C 198 -31.44 11.92 -9.88
N LYS C 199 -30.86 12.88 -10.61
CA LYS C 199 -31.52 14.15 -10.84
C LYS C 199 -32.84 13.99 -11.58
N PHE C 200 -32.80 13.38 -12.77
CA PHE C 200 -34.05 13.36 -13.53
C PHE C 200 -35.03 12.34 -12.98
N VAL C 201 -34.56 11.24 -12.38
CA VAL C 201 -35.51 10.29 -11.79
C VAL C 201 -36.22 10.94 -10.62
N THR C 202 -35.48 11.68 -9.79
CA THR C 202 -36.08 12.41 -8.69
C THR C 202 -37.09 13.44 -9.19
N SER C 203 -36.71 14.20 -10.21
CA SER C 203 -37.58 15.26 -10.71
C SER C 203 -38.86 14.67 -11.31
N MET C 204 -38.73 13.64 -12.13
CA MET C 204 -39.90 13.01 -12.73
C MET C 204 -40.80 12.39 -11.67
N TYR C 205 -40.20 11.81 -10.63
CA TYR C 205 -40.97 11.28 -9.52
C TYR C 205 -41.79 12.38 -8.86
N ASN C 206 -41.16 13.52 -8.62
CA ASN C 206 -41.85 14.64 -7.99
C ASN C 206 -43.00 15.13 -8.87
N GLU C 207 -42.76 15.20 -10.17
CA GLU C 207 -43.80 15.67 -11.09
C GLU C 207 -44.97 14.71 -11.12
N ILE C 208 -44.70 13.41 -11.11
CA ILE C 208 -45.79 12.43 -11.08
C ILE C 208 -46.60 12.59 -9.81
N LEU C 209 -45.91 12.82 -8.68
CA LEU C 209 -46.64 12.93 -7.42
C LEU C 209 -47.57 14.14 -7.43
N ILE C 210 -47.06 15.27 -7.91
CA ILE C 210 -47.87 16.49 -7.94
C ILE C 210 -49.07 16.30 -8.86
N LEU C 211 -48.83 15.71 -10.04
CA LEU C 211 -49.92 15.50 -10.98
C LEU C 211 -50.95 14.53 -10.45
N GLY C 212 -50.49 13.48 -9.75
CA GLY C 212 -51.43 12.55 -9.14
C GLY C 212 -52.26 13.21 -8.06
N ALA C 213 -51.65 14.10 -7.28
CA ALA C 213 -52.40 14.82 -6.27
C ALA C 213 -53.46 15.71 -6.92
N LYS C 214 -53.10 16.37 -8.01
CA LYS C 214 -54.05 17.30 -8.63
C LYS C 214 -55.20 16.54 -9.28
N LEU C 215 -54.90 15.47 -10.00
CA LEU C 215 -55.92 14.77 -10.75
C LEU C 215 -56.79 13.88 -9.86
N HIS C 216 -56.21 13.31 -8.81
CA HIS C 216 -56.91 12.41 -7.89
C HIS C 216 -56.50 12.77 -6.48
N PRO C 217 -57.14 13.76 -5.86
CA PRO C 217 -56.78 14.12 -4.48
C PRO C 217 -56.93 13.00 -3.48
N THR C 218 -57.82 12.04 -3.72
CA THR C 218 -58.04 10.90 -2.83
C THR C 218 -57.17 9.69 -3.17
N LEU C 219 -56.27 9.79 -4.15
CA LEU C 219 -55.41 8.69 -4.56
C LEU C 219 -54.06 8.80 -3.86
N LYS C 220 -53.64 7.72 -3.24
CA LYS C 220 -52.31 7.59 -2.62
C LYS C 220 -51.55 6.55 -3.43
N LEU C 221 -50.74 7.01 -4.38
CA LEU C 221 -49.95 6.09 -5.18
C LEU C 221 -48.95 5.33 -4.32
N GLU C 222 -48.34 6.01 -3.36
CA GLU C 222 -47.18 5.45 -2.67
C GLU C 222 -47.54 4.29 -1.77
N GLU C 223 -48.82 4.09 -1.45
CA GLU C 223 -49.25 2.95 -0.65
C GLU C 223 -49.65 1.73 -1.49
N ILE C 224 -49.53 1.79 -2.82
CA ILE C 224 -49.86 0.66 -3.67
C ILE C 224 -48.66 -0.28 -3.69
N THR C 225 -48.88 -1.54 -3.33
CA THR C 225 -47.83 -2.53 -3.25
C THR C 225 -47.82 -3.40 -4.50
N ASN C 226 -46.63 -3.78 -4.92
CA ASN C 226 -46.46 -4.58 -6.13
C ASN C 226 -46.68 -6.05 -5.78
N ARG C 227 -46.37 -6.94 -6.73
CA ARG C 227 -46.65 -8.36 -6.53
C ARG C 227 -45.86 -8.94 -5.37
N LYS C 228 -44.67 -8.40 -5.10
CA LYS C 228 -43.86 -8.83 -3.98
C LYS C 228 -44.26 -8.18 -2.66
N GLY C 229 -45.33 -7.40 -2.63
CA GLY C 229 -45.75 -6.75 -1.41
C GLY C 229 -44.97 -5.51 -1.04
N LEU C 230 -44.16 -4.97 -1.95
CA LEU C 230 -43.28 -3.85 -1.67
C LEU C 230 -43.92 -2.56 -2.17
N THR C 231 -43.73 -1.49 -1.40
CA THR C 231 -44.02 -0.14 -1.84
C THR C 231 -42.82 0.41 -2.58
N PRO C 232 -42.96 1.54 -3.28
CA PRO C 232 -41.79 2.14 -3.93
C PRO C 232 -40.66 2.44 -2.97
N LEU C 233 -40.96 2.87 -1.75
CA LEU C 233 -39.89 3.08 -0.79
C LEU C 233 -39.24 1.77 -0.40
N ALA C 234 -40.04 0.73 -0.17
CA ALA C 234 -39.48 -0.57 0.16
C ALA C 234 -38.69 -1.14 -1.01
N LEU C 235 -39.19 -0.96 -2.22
CA LEU C 235 -38.46 -1.44 -3.39
C LEU C 235 -37.13 -0.73 -3.54
N ALA C 236 -37.12 0.59 -3.31
CA ALA C 236 -35.88 1.33 -3.38
C ALA C 236 -34.91 0.89 -2.29
N ALA C 237 -35.41 0.66 -1.08
CA ALA C 237 -34.54 0.24 0.01
C ALA C 237 -33.98 -1.15 -0.23
N SER C 238 -34.79 -2.04 -0.77
CA SER C 238 -34.30 -3.37 -1.11
C SER C 238 -33.25 -3.33 -2.20
N SER C 239 -33.50 -2.56 -3.25
CA SER C 239 -32.58 -2.57 -4.38
C SER C 239 -31.29 -1.79 -4.13
N GLY C 240 -31.17 -1.07 -3.03
CA GLY C 240 -29.95 -0.33 -2.76
C GLY C 240 -29.81 0.95 -3.52
N LYS C 241 -30.92 1.62 -3.82
CA LYS C 241 -30.90 2.88 -4.56
C LYS C 241 -30.71 4.02 -3.56
N ILE C 242 -29.50 4.57 -3.49
CA ILE C 242 -29.25 5.62 -2.51
C ILE C 242 -30.01 6.88 -2.86
N GLY C 243 -29.96 7.29 -4.13
CA GLY C 243 -30.50 8.60 -4.49
C GLY C 243 -31.99 8.69 -4.27
N VAL C 244 -32.73 7.67 -4.69
CA VAL C 244 -34.17 7.66 -4.52
C VAL C 244 -34.53 7.61 -3.05
N LEU C 245 -33.82 6.79 -2.28
CA LEU C 245 -34.11 6.65 -0.87
C LEU C 245 -33.86 7.96 -0.13
N ALA C 246 -32.72 8.58 -0.38
CA ALA C 246 -32.37 9.84 0.27
C ALA C 246 -33.35 10.93 -0.12
N TYR C 247 -33.79 10.93 -1.38
CA TYR C 247 -34.81 11.88 -1.80
C TYR C 247 -36.11 11.67 -1.06
N ILE C 248 -36.60 10.43 -1.01
CA ILE C 248 -37.93 10.19 -0.44
C ILE C 248 -37.96 10.51 1.04
N LEU C 249 -36.95 10.06 1.78
CA LEU C 249 -36.99 10.26 3.22
C LEU C 249 -36.87 11.73 3.60
N GLN C 250 -36.26 12.54 2.73
CA GLN C 250 -36.04 13.97 2.97
C GLN C 250 -36.90 14.83 2.05
N ARG C 251 -38.05 14.34 1.64
CA ARG C 251 -38.88 15.07 0.68
C ARG C 251 -39.60 16.21 1.38
N GLU C 252 -39.50 17.39 0.80
CA GLU C 252 -40.22 18.57 1.28
C GLU C 252 -40.62 19.40 0.08
N ILE C 253 -41.92 19.62 -0.08
CA ILE C 253 -42.50 20.32 -1.24
C ILE C 253 -43.01 21.66 -0.74
N HIS C 254 -42.37 22.74 -1.20
CA HIS C 254 -42.78 24.09 -0.87
C HIS C 254 -43.73 24.57 -1.95
N GLU C 255 -45.00 24.20 -1.80
CA GLU C 255 -46.00 24.53 -2.77
C GLU C 255 -47.36 24.35 -2.10
N PRO C 256 -48.32 25.27 -2.25
CA PRO C 256 -49.67 24.97 -1.76
C PRO C 256 -50.32 23.89 -2.59
N GLU C 257 -51.18 23.11 -1.94
CA GLU C 257 -51.87 21.94 -2.49
C GLU C 257 -50.92 20.79 -2.84
N CYS C 258 -49.65 20.87 -2.42
CA CYS C 258 -48.73 19.74 -2.51
C CYS C 258 -47.84 19.63 -1.28
N ARG C 259 -48.21 20.28 -0.17
CA ARG C 259 -47.44 20.14 1.06
C ARG C 259 -47.73 18.82 1.74
N HIS C 260 -48.98 18.32 1.65
CA HIS C 260 -49.35 17.08 2.31
C HIS C 260 -48.60 15.87 1.75
N LEU C 261 -47.99 15.98 0.59
CA LEU C 261 -47.14 14.93 0.07
C LEU C 261 -45.74 14.96 0.66
N SER C 262 -45.38 15.98 1.43
CA SER C 262 -44.05 16.03 2.00
C SER C 262 -43.93 15.03 3.13
N ARG C 263 -42.69 14.64 3.42
CA ARG C 263 -42.34 13.79 4.55
C ARG C 263 -41.42 14.48 5.54
N LYS C 264 -40.55 15.34 5.06
CA LYS C 264 -39.77 16.24 5.91
C LYS C 264 -40.53 17.54 6.02
N PHE C 265 -40.42 18.21 7.15
CA PHE C 265 -41.16 19.44 7.40
C PHE C 265 -40.35 20.31 8.33
N THR C 266 -39.70 21.33 7.78
CA THR C 266 -38.76 22.13 8.53
C THR C 266 -39.50 23.08 9.47
N GLU C 267 -39.23 22.96 10.76
CA GLU C 267 -39.91 23.78 11.75
C GLU C 267 -39.21 25.11 11.98
N TRP C 268 -37.88 25.12 12.04
CA TRP C 268 -37.18 26.40 12.07
C TRP C 268 -35.74 26.19 11.64
N ALA C 269 -35.04 27.32 11.47
CA ALA C 269 -33.61 27.32 11.23
C ALA C 269 -32.97 28.53 11.89
N TYR C 270 -31.92 28.27 12.64
CA TYR C 270 -30.96 29.26 13.10
C TYR C 270 -29.71 29.13 12.24
N GLY C 271 -28.67 29.89 12.57
CA GLY C 271 -27.51 30.05 11.74
C GLY C 271 -26.84 28.77 11.25
N PRO C 272 -26.25 28.01 12.19
CA PRO C 272 -25.69 26.70 11.84
C PRO C 272 -26.61 25.52 12.05
N VAL C 273 -27.69 25.71 12.80
CA VAL C 273 -28.55 24.65 13.29
C VAL C 273 -29.92 24.84 12.68
N HIS C 274 -30.60 23.75 12.36
CA HIS C 274 -32.00 23.86 12.00
C HIS C 274 -32.75 22.60 12.40
N SER C 275 -34.00 22.80 12.81
CA SER C 275 -34.83 21.76 13.38
C SER C 275 -35.96 21.45 12.42
N SER C 276 -36.19 20.16 12.21
CA SER C 276 -37.19 19.66 11.28
C SER C 276 -37.83 18.41 11.85
N LEU C 277 -38.94 18.01 11.25
CA LEU C 277 -39.65 16.80 11.58
C LEU C 277 -39.63 15.86 10.39
N TYR C 278 -39.63 14.56 10.67
CA TYR C 278 -39.57 13.51 9.66
C TYR C 278 -40.76 12.58 9.83
N ASP C 279 -41.32 12.14 8.71
CA ASP C 279 -42.66 11.55 8.74
C ASP C 279 -42.69 10.21 9.46
N LEU C 280 -41.65 9.39 9.29
CA LEU C 280 -41.46 8.14 10.02
C LEU C 280 -42.40 7.01 9.64
N SER C 281 -43.38 7.25 8.77
CA SER C 281 -44.31 6.19 8.41
C SER C 281 -43.63 5.13 7.56
N CYS C 282 -43.83 3.87 7.92
CA CYS C 282 -43.20 2.73 7.28
C CYS C 282 -41.69 2.78 7.34
N ILE C 283 -41.14 3.38 8.40
CA ILE C 283 -39.75 3.19 8.80
C ILE C 283 -39.65 2.18 9.93
N ASP C 284 -40.44 2.40 10.98
CA ASP C 284 -40.44 1.59 12.19
C ASP C 284 -41.62 0.63 12.27
N THR C 285 -42.83 1.16 12.13
CA THR C 285 -44.06 0.42 12.39
C THR C 285 -44.82 0.35 11.07
N CYS C 286 -44.39 -0.56 10.22
CA CYS C 286 -44.99 -0.72 8.91
C CYS C 286 -46.11 -1.74 8.90
N GLU C 287 -45.99 -2.78 9.72
CA GLU C 287 -46.97 -3.85 9.89
C GLU C 287 -47.06 -4.82 8.72
N LYS C 288 -46.38 -4.54 7.60
CA LYS C 288 -46.08 -5.55 6.59
C LYS C 288 -44.58 -5.67 6.37
N ASN C 289 -43.92 -4.58 5.97
CA ASN C 289 -42.51 -4.65 5.58
C ASN C 289 -41.90 -3.26 5.71
N SER C 290 -41.17 -3.03 6.79
CA SER C 290 -40.59 -1.71 7.05
C SER C 290 -39.28 -1.54 6.29
N VAL C 291 -38.79 -0.30 6.27
CA VAL C 291 -37.54 -0.01 5.59
C VAL C 291 -36.37 -0.65 6.30
N LEU C 292 -36.39 -0.61 7.63
CA LEU C 292 -35.26 -1.13 8.40
C LEU C 292 -35.15 -2.64 8.27
N GLU C 293 -36.28 -3.34 8.20
CA GLU C 293 -36.24 -4.78 7.93
C GLU C 293 -35.58 -5.05 6.59
N VAL C 294 -35.94 -4.26 5.60
CA VAL C 294 -35.44 -4.49 4.24
C VAL C 294 -33.95 -4.23 4.18
N ILE C 295 -33.50 -3.15 4.81
CA ILE C 295 -32.07 -2.83 4.78
C ILE C 295 -31.29 -3.85 5.58
N ALA C 296 -31.76 -4.18 6.78
CA ALA C 296 -31.02 -5.09 7.65
C ALA C 296 -30.97 -6.49 7.10
N TYR C 297 -32.12 -7.07 6.73
CA TYR C 297 -32.19 -8.46 6.30
C TYR C 297 -31.97 -8.62 4.81
N SER C 298 -31.31 -7.66 4.17
CA SER C 298 -30.94 -7.81 2.78
C SER C 298 -29.88 -8.89 2.65
N SER C 299 -29.69 -9.36 1.43
CA SER C 299 -28.95 -10.58 1.15
C SER C 299 -27.49 -10.34 0.82
N SER C 300 -26.89 -9.23 1.28
CA SER C 300 -25.47 -8.93 1.14
C SER C 300 -25.02 -8.59 -0.28
N GLU C 301 -25.91 -8.66 -1.26
CA GLU C 301 -25.64 -8.30 -2.64
C GLU C 301 -26.14 -6.92 -3.00
N THR C 302 -26.97 -6.32 -2.15
CA THR C 302 -27.45 -4.96 -2.32
C THR C 302 -26.25 -4.01 -2.38
N PRO C 303 -26.11 -3.15 -3.41
CA PRO C 303 -24.84 -2.43 -3.59
C PRO C 303 -24.43 -1.52 -2.46
N ASN C 304 -25.37 -0.86 -1.80
CA ASN C 304 -25.10 0.16 -0.80
C ASN C 304 -25.72 -0.21 0.52
N ARG C 305 -25.58 -1.49 0.89
CA ARG C 305 -26.21 -2.01 2.08
C ARG C 305 -25.80 -1.26 3.33
N HIS C 306 -24.54 -0.87 3.40
CA HIS C 306 -24.06 -0.16 4.57
C HIS C 306 -24.32 1.33 4.50
N ASP C 307 -24.21 1.93 3.33
CA ASP C 307 -24.34 3.38 3.23
C ASP C 307 -25.77 3.84 3.46
N MET C 308 -26.75 2.97 3.24
CA MET C 308 -28.14 3.38 3.39
C MET C 308 -28.46 3.79 4.82
N LEU C 309 -27.79 3.21 5.81
CA LEU C 309 -28.07 3.58 7.18
C LEU C 309 -27.51 4.94 7.56
N LEU C 310 -26.61 5.51 6.77
CA LEU C 310 -26.12 6.86 7.03
C LEU C 310 -27.14 7.94 6.71
N VAL C 311 -28.21 7.61 5.98
CA VAL C 311 -29.22 8.61 5.64
C VAL C 311 -29.91 9.06 6.93
N GLU C 312 -29.99 10.38 7.10
CA GLU C 312 -30.08 11.06 8.39
C GLU C 312 -31.20 10.60 9.31
N PRO C 313 -32.48 10.54 8.88
CA PRO C 313 -33.52 10.08 9.81
C PRO C 313 -33.29 8.67 10.30
N LEU C 314 -32.75 7.80 9.45
CA LEU C 314 -32.43 6.45 9.87
C LEU C 314 -31.32 6.45 10.91
N ASN C 315 -30.26 7.21 10.67
CA ASN C 315 -29.12 7.20 11.58
C ASN C 315 -29.54 7.70 12.95
N ARG C 316 -30.35 8.76 12.97
CA ARG C 316 -30.84 9.27 14.25
C ARG C 316 -31.79 8.28 14.89
N LEU C 317 -32.59 7.55 14.12
CA LEU C 317 -33.49 6.58 14.71
C LEU C 317 -32.72 5.48 15.40
N LEU C 318 -31.70 4.97 14.75
CA LEU C 318 -30.94 3.89 15.34
C LEU C 318 -30.20 4.38 16.57
N GLN C 319 -29.65 5.59 16.53
CA GLN C 319 -28.98 6.11 17.71
C GLN C 319 -29.95 6.31 18.86
N ASP C 320 -31.15 6.83 18.57
CA ASP C 320 -32.15 7.03 19.61
C ASP C 320 -32.60 5.71 20.20
N LYS C 321 -32.90 4.74 19.35
CA LYS C 321 -33.38 3.45 19.82
C LYS C 321 -32.31 2.75 20.65
N TRP C 322 -31.05 2.86 20.23
CA TRP C 322 -29.96 2.29 21.01
C TRP C 322 -29.87 2.94 22.38
N ASP C 323 -29.81 4.26 22.42
CA ASP C 323 -29.63 4.92 23.70
C ASP C 323 -30.85 4.84 24.59
N ARG C 324 -32.04 4.58 24.04
CA ARG C 324 -33.23 4.61 24.87
C ARG C 324 -33.31 3.38 25.75
N PHE C 325 -33.50 2.21 25.14
CA PHE C 325 -33.71 0.97 25.89
C PHE C 325 -32.94 -0.23 25.36
N VAL C 326 -32.50 -0.24 24.11
CA VAL C 326 -31.92 -1.46 23.55
C VAL C 326 -30.56 -1.74 24.17
N LYS C 327 -29.79 -0.70 24.48
CA LYS C 327 -28.44 -0.88 25.00
C LYS C 327 -28.42 -1.67 26.29
N ARG C 328 -29.31 -1.33 27.22
CA ARG C 328 -29.37 -2.06 28.48
C ARG C 328 -29.78 -3.50 28.26
N ILE C 329 -30.71 -3.75 27.34
CA ILE C 329 -31.15 -5.11 27.10
C ILE C 329 -30.03 -5.94 26.51
N PHE C 330 -29.25 -5.34 25.60
CA PHE C 330 -28.12 -6.06 25.02
C PHE C 330 -27.10 -6.42 26.09
N TYR C 331 -26.79 -5.48 26.98
CA TYR C 331 -25.81 -5.78 28.01
C TYR C 331 -26.34 -6.84 28.97
N PHE C 332 -27.64 -6.80 29.27
CA PHE C 332 -28.23 -7.83 30.10
C PHE C 332 -28.10 -9.20 29.46
N ASN C 333 -28.36 -9.28 28.15
CA ASN C 333 -28.24 -10.57 27.46
C ASN C 333 -26.80 -11.06 27.48
N PHE C 334 -25.85 -10.17 27.29
CA PHE C 334 -24.45 -10.55 27.31
C PHE C 334 -24.05 -11.09 28.68
N PHE C 335 -24.50 -10.43 29.74
CA PHE C 335 -24.23 -10.89 31.09
C PHE C 335 -24.86 -12.24 31.36
N VAL C 336 -26.08 -12.44 30.89
CA VAL C 336 -26.74 -13.72 31.13
C VAL C 336 -26.02 -14.83 30.40
N TYR C 337 -25.55 -14.56 29.19
CA TYR C 337 -24.79 -15.57 28.48
C TYR C 337 -23.50 -15.90 29.19
N CYS C 338 -22.84 -14.89 29.77
CA CYS C 338 -21.65 -15.15 30.58
C CYS C 338 -21.97 -16.09 31.73
N LEU C 339 -23.07 -15.84 32.44
CA LEU C 339 -23.42 -16.71 33.56
C LEU C 339 -23.72 -18.11 33.07
N TYR C 340 -24.42 -18.23 31.96
CA TYR C 340 -24.76 -19.54 31.43
C TYR C 340 -23.51 -20.33 31.10
N MET C 341 -22.56 -19.69 30.44
CA MET C 341 -21.34 -20.42 30.10
C MET C 341 -20.53 -20.77 31.33
N ILE C 342 -20.54 -19.93 32.35
CA ILE C 342 -19.80 -20.27 33.57
C ILE C 342 -20.42 -21.49 34.24
N ILE C 343 -21.74 -21.52 34.32
CA ILE C 343 -22.42 -22.67 34.92
C ILE C 343 -22.15 -23.92 34.10
N PHE C 344 -22.20 -23.80 32.78
CA PHE C 344 -21.96 -24.96 31.93
C PHE C 344 -20.53 -25.47 32.09
N THR C 345 -19.56 -24.57 32.17
CA THR C 345 -18.18 -24.97 32.34
C THR C 345 -17.97 -25.68 33.66
N ALA C 346 -18.55 -25.14 34.73
CA ALA C 346 -18.40 -25.76 36.04
C ALA C 346 -19.03 -27.15 36.06
N ALA C 347 -20.23 -27.28 35.50
CA ALA C 347 -20.90 -28.57 35.50
C ALA C 347 -20.16 -29.58 34.64
N ALA C 348 -19.55 -29.13 33.54
CA ALA C 348 -18.82 -30.04 32.68
C ALA C 348 -17.54 -30.52 33.33
N TYR C 349 -16.82 -29.61 33.99
CA TYR C 349 -15.52 -29.97 34.56
C TYR C 349 -15.66 -31.05 35.62
N TYR C 350 -16.72 -31.00 36.42
CA TYR C 350 -16.94 -31.91 37.53
C TYR C 350 -17.84 -33.08 37.15
N ARG C 351 -17.79 -33.56 35.91
CA ARG C 351 -18.57 -34.73 35.57
C ARG C 351 -18.03 -35.91 36.36
N PRO C 352 -18.85 -36.92 36.65
CA PRO C 352 -18.32 -38.11 37.29
C PRO C 352 -17.58 -38.97 36.27
N VAL C 353 -16.63 -39.75 36.77
CA VAL C 353 -15.71 -40.52 35.92
C VAL C 353 -16.05 -42.01 35.91
N GLU C 354 -17.17 -42.42 36.51
CA GLU C 354 -17.57 -43.81 36.50
C GLU C 354 -18.25 -44.16 35.19
N GLY C 355 -18.31 -45.46 34.91
CA GLY C 355 -18.79 -45.90 33.62
C GLY C 355 -20.30 -45.85 33.51
N LEU C 356 -20.76 -45.93 32.26
CA LEU C 356 -22.15 -46.17 31.92
C LEU C 356 -23.12 -45.15 32.53
N PRO C 357 -23.25 -43.95 31.98
CA PRO C 357 -24.29 -43.03 32.42
C PRO C 357 -25.67 -43.62 32.21
N PRO C 358 -26.72 -43.02 32.77
CA PRO C 358 -26.78 -41.88 33.66
C PRO C 358 -26.32 -42.26 35.05
N TYR C 359 -26.08 -41.27 35.90
CA TYR C 359 -25.50 -41.48 37.22
C TYR C 359 -26.53 -41.19 38.29
N LYS C 360 -26.55 -42.04 39.31
CA LYS C 360 -27.50 -41.92 40.40
C LYS C 360 -27.13 -40.75 41.28
N LEU C 361 -28.15 -40.05 41.76
CA LEU C 361 -27.95 -38.87 42.58
C LEU C 361 -27.82 -39.28 44.05
N LYS C 362 -26.77 -38.77 44.70
CA LYS C 362 -26.56 -38.95 46.12
C LYS C 362 -27.09 -37.74 46.86
N ASN C 363 -27.52 -37.95 48.11
CA ASN C 363 -28.02 -36.86 48.94
C ASN C 363 -26.82 -36.13 49.54
N THR C 364 -26.14 -35.39 48.67
CA THR C 364 -24.99 -34.58 49.04
C THR C 364 -25.03 -33.31 48.20
N VAL C 365 -24.37 -32.28 48.73
CA VAL C 365 -24.50 -30.94 48.17
C VAL C 365 -23.93 -30.88 46.75
N GLY C 366 -22.76 -31.50 46.55
CA GLY C 366 -22.12 -31.45 45.24
C GLY C 366 -22.97 -32.05 44.15
N ASP C 367 -23.66 -33.15 44.45
CA ASP C 367 -24.54 -33.75 43.46
C ASP C 367 -25.70 -32.83 43.11
N TYR C 368 -26.26 -32.14 44.10
CA TYR C 368 -27.36 -31.24 43.82
C TYR C 368 -26.91 -30.09 42.94
N PHE C 369 -25.76 -29.49 43.24
CA PHE C 369 -25.28 -28.42 42.38
C PHE C 369 -24.93 -28.94 40.99
N ARG C 370 -24.37 -30.14 40.89
CA ARG C 370 -24.01 -30.67 39.59
C ARG C 370 -25.24 -30.91 38.73
N VAL C 371 -26.27 -31.55 39.29
CA VAL C 371 -27.46 -31.81 38.48
C VAL C 371 -28.19 -30.51 38.18
N THR C 372 -28.12 -29.53 39.08
CA THR C 372 -28.66 -28.22 38.80
C THR C 372 -27.98 -27.59 37.59
N GLY C 373 -26.65 -27.62 37.56
CA GLY C 373 -25.94 -27.07 36.43
C GLY C 373 -26.23 -27.81 35.14
N GLU C 374 -26.35 -29.13 35.21
CA GLU C 374 -26.64 -29.91 34.02
C GLU C 374 -28.01 -29.58 33.47
N ILE C 375 -29.00 -29.41 34.35
CA ILE C 375 -30.34 -29.08 33.89
C ILE C 375 -30.34 -27.72 33.24
N LEU C 376 -29.65 -26.74 33.84
CA LEU C 376 -29.60 -25.41 33.23
C LEU C 376 -28.88 -25.43 31.89
N SER C 377 -27.82 -26.23 31.77
CA SER C 377 -27.09 -26.32 30.52
C SER C 377 -27.96 -26.88 29.41
N VAL C 378 -28.67 -27.97 29.69
CA VAL C 378 -29.51 -28.58 28.67
C VAL C 378 -30.66 -27.65 28.32
N SER C 379 -31.18 -26.93 29.32
CA SER C 379 -32.20 -25.94 29.06
C SER C 379 -31.72 -24.88 28.09
N GLY C 380 -30.52 -24.36 28.30
CA GLY C 380 -29.99 -23.36 27.40
C GLY C 380 -29.81 -23.90 26.00
N GLY C 381 -29.37 -25.16 25.89
CA GLY C 381 -29.24 -25.76 24.57
C GLY C 381 -30.56 -25.86 23.84
N VAL C 382 -31.61 -26.25 24.56
CA VAL C 382 -32.94 -26.33 23.93
C VAL C 382 -33.41 -24.96 23.51
N TYR C 383 -33.15 -23.94 24.33
CA TYR C 383 -33.55 -22.59 23.97
C TYR C 383 -32.90 -22.14 22.70
N PHE C 384 -31.58 -22.32 22.59
CA PHE C 384 -30.90 -21.90 21.37
C PHE C 384 -31.35 -22.72 20.18
N PHE C 385 -31.70 -23.99 20.40
CA PHE C 385 -32.22 -24.82 19.33
C PHE C 385 -33.49 -24.23 18.73
N PHE C 386 -34.47 -23.94 19.57
CA PHE C 386 -35.71 -23.42 19.03
C PHE C 386 -35.56 -22.01 18.48
N ARG C 387 -34.71 -21.19 19.10
CA ARG C 387 -34.45 -19.86 18.56
C ARG C 387 -33.86 -19.96 17.15
N GLY C 388 -32.97 -20.93 16.95
CA GLY C 388 -32.40 -21.10 15.63
C GLY C 388 -33.41 -21.55 14.60
N ILE C 389 -34.29 -22.48 14.99
CA ILE C 389 -35.32 -22.93 14.05
C ILE C 389 -36.24 -21.77 13.69
N GLN C 390 -36.60 -20.95 14.68
CA GLN C 390 -37.47 -19.82 14.38
C GLN C 390 -36.80 -18.85 13.43
N TYR C 391 -35.49 -18.62 13.61
CA TYR C 391 -34.77 -17.76 12.68
C TYR C 391 -34.82 -18.32 11.26
N PHE C 392 -34.52 -19.60 11.12
CA PHE C 392 -34.41 -20.18 9.79
C PHE C 392 -35.77 -20.22 9.11
N LEU C 393 -36.84 -20.47 9.85
CA LEU C 393 -38.16 -20.46 9.23
C LEU C 393 -38.60 -19.05 8.87
N GLN C 394 -38.28 -18.06 9.70
CA GLN C 394 -38.73 -16.71 9.38
C GLN C 394 -37.98 -16.15 8.18
N ARG C 395 -36.68 -16.42 8.08
CA ARG C 395 -35.88 -15.83 7.02
C ARG C 395 -35.93 -16.62 5.72
N ARG C 396 -35.95 -17.94 5.79
CA ARG C 396 -35.93 -18.80 4.62
C ARG C 396 -34.73 -18.50 3.70
N PRO C 397 -33.52 -18.53 4.22
CA PRO C 397 -32.37 -18.23 3.37
C PRO C 397 -32.10 -19.36 2.40
N SER C 398 -31.56 -19.00 1.25
CA SER C 398 -31.20 -19.99 0.25
C SER C 398 -29.90 -20.67 0.64
N LEU C 399 -29.60 -21.77 -0.04
CA LEU C 399 -28.36 -22.48 0.25
C LEU C 399 -27.15 -21.64 -0.12
N LYS C 400 -27.23 -20.92 -1.24
CA LYS C 400 -26.07 -20.20 -1.75
C LYS C 400 -25.61 -19.12 -0.80
N SER C 401 -26.55 -18.41 -0.17
CA SER C 401 -26.27 -17.38 0.82
C SER C 401 -26.55 -17.85 2.23
N LEU C 402 -26.60 -19.16 2.47
CA LEU C 402 -26.85 -19.64 3.83
C LEU C 402 -25.75 -19.21 4.77
N PHE C 403 -24.50 -19.28 4.31
CA PHE C 403 -23.34 -18.96 5.14
C PHE C 403 -22.83 -17.55 4.97
N VAL C 404 -23.02 -16.95 3.80
CA VAL C 404 -22.51 -15.61 3.55
C VAL C 404 -23.14 -14.61 4.50
N ASP C 405 -24.43 -14.73 4.73
CA ASP C 405 -25.13 -14.16 5.86
C ASP C 405 -25.40 -15.28 6.85
N SER C 406 -25.95 -14.95 8.01
CA SER C 406 -26.43 -15.94 8.98
C SER C 406 -25.32 -16.81 9.54
N TYR C 407 -24.07 -16.35 9.51
CA TYR C 407 -22.97 -17.14 10.04
C TYR C 407 -23.14 -17.37 11.54
N SER C 408 -23.47 -16.31 12.27
CA SER C 408 -23.61 -16.42 13.71
C SER C 408 -24.75 -17.32 14.11
N GLU C 409 -25.88 -17.24 13.40
CA GLU C 409 -27.03 -18.06 13.76
C GLU C 409 -26.75 -19.51 13.51
N ILE C 410 -26.00 -19.80 12.45
CA ILE C 410 -25.61 -21.17 12.17
C ILE C 410 -24.73 -21.70 13.30
N LEU C 411 -23.80 -20.88 13.78
CA LEU C 411 -22.92 -21.38 14.83
C LEU C 411 -23.66 -21.61 16.13
N PHE C 412 -24.58 -20.73 16.50
CA PHE C 412 -25.35 -20.98 17.71
C PHE C 412 -26.22 -22.22 17.55
N PHE C 413 -26.76 -22.42 16.34
CA PHE C 413 -27.55 -23.61 16.11
C PHE C 413 -26.71 -24.87 16.25
N VAL C 414 -25.48 -24.85 15.73
CA VAL C 414 -24.63 -26.03 15.79
C VAL C 414 -24.23 -26.32 17.23
N GLN C 415 -24.00 -25.29 18.03
CA GLN C 415 -23.76 -25.49 19.45
C GLN C 415 -24.92 -26.24 20.08
N SER C 416 -26.14 -25.81 19.78
CA SER C 416 -27.28 -26.49 20.37
C SER C 416 -27.42 -27.92 19.87
N LEU C 417 -27.06 -28.17 18.61
CA LEU C 417 -27.13 -29.53 18.09
C LEU C 417 -26.17 -30.44 18.83
N PHE C 418 -24.96 -29.96 19.12
CA PHE C 418 -24.04 -30.77 19.90
C PHE C 418 -24.57 -31.03 21.29
N MET C 419 -25.21 -30.04 21.90
CA MET C 419 -25.78 -30.27 23.23
C MET C 419 -26.87 -31.33 23.19
N LEU C 420 -27.76 -31.27 22.20
CA LEU C 420 -28.85 -32.24 22.18
C LEU C 420 -28.35 -33.64 21.86
N VAL C 421 -27.37 -33.77 20.96
CA VAL C 421 -26.78 -35.07 20.71
C VAL C 421 -26.12 -35.61 21.97
N SER C 422 -25.51 -34.71 22.76
CA SER C 422 -24.94 -35.13 24.03
C SER C 422 -26.02 -35.65 24.97
N VAL C 423 -27.17 -35.00 25.02
CA VAL C 423 -28.23 -35.47 25.92
C VAL C 423 -28.71 -36.85 25.48
N VAL C 424 -28.88 -37.02 24.17
CA VAL C 424 -29.38 -38.29 23.65
C VAL C 424 -28.39 -39.41 23.97
N LEU C 425 -27.10 -39.17 23.78
CA LEU C 425 -26.13 -40.19 24.12
C LEU C 425 -26.07 -40.44 25.62
N TYR C 426 -26.29 -39.40 26.42
CA TYR C 426 -26.26 -39.56 27.87
C TYR C 426 -27.34 -40.51 28.33
N PHE C 427 -28.57 -40.30 27.88
CA PHE C 427 -29.65 -41.17 28.30
C PHE C 427 -29.67 -42.50 27.60
N SER C 428 -28.93 -42.65 26.49
CA SER C 428 -28.76 -43.95 25.84
C SER C 428 -27.66 -44.79 26.46
N GLN C 429 -27.09 -44.35 27.59
CA GLN C 429 -26.06 -45.11 28.29
C GLN C 429 -24.83 -45.34 27.42
N ARG C 430 -24.20 -44.24 27.03
CA ARG C 430 -22.94 -44.26 26.32
C ARG C 430 -22.02 -43.21 26.93
N LYS C 431 -20.76 -43.58 27.14
CA LYS C 431 -19.77 -42.58 27.56
C LYS C 431 -19.55 -41.52 26.49
N GLU C 432 -19.86 -41.81 25.22
CA GLU C 432 -19.51 -40.92 24.12
C GLU C 432 -20.24 -39.60 24.17
N TYR C 433 -21.21 -39.41 25.05
CA TYR C 433 -21.78 -38.09 25.25
C TYR C 433 -20.72 -37.08 25.64
N VAL C 434 -19.65 -37.51 26.31
CA VAL C 434 -18.54 -36.61 26.60
C VAL C 434 -17.98 -36.05 25.32
N ALA C 435 -17.83 -36.90 24.29
CA ALA C 435 -17.29 -36.45 23.02
C ALA C 435 -18.18 -35.39 22.40
N SER C 436 -19.49 -35.45 22.63
CA SER C 436 -20.34 -34.38 22.14
C SER C 436 -20.17 -33.13 22.99
N MET C 437 -20.21 -33.31 24.31
CA MET C 437 -20.38 -32.18 25.23
C MET C 437 -19.25 -31.19 25.09
N VAL C 438 -18.02 -31.70 25.02
CA VAL C 438 -16.85 -30.85 24.96
C VAL C 438 -16.85 -30.00 23.72
N PHE C 439 -17.34 -30.53 22.60
CA PHE C 439 -17.36 -29.70 21.41
C PHE C 439 -18.29 -28.52 21.60
N SER C 440 -19.46 -28.77 22.18
CA SER C 440 -20.37 -27.68 22.49
C SER C 440 -19.72 -26.72 23.45
N LEU C 441 -18.99 -27.26 24.43
CA LEU C 441 -18.31 -26.42 25.41
C LEU C 441 -17.32 -25.51 24.74
N ALA C 442 -16.52 -26.07 23.81
CA ALA C 442 -15.57 -25.25 23.09
C ALA C 442 -16.27 -24.19 22.28
N MET C 443 -17.33 -24.59 21.57
CA MET C 443 -18.07 -23.65 20.74
C MET C 443 -18.72 -22.61 21.62
N GLY C 444 -19.17 -23.02 22.80
CA GLY C 444 -19.86 -22.12 23.69
C GLY C 444 -19.02 -20.93 24.06
N TRP C 445 -17.71 -21.13 24.21
CA TRP C 445 -16.90 -19.99 24.56
C TRP C 445 -16.66 -19.11 23.35
N THR C 446 -16.39 -19.70 22.20
CA THR C 446 -15.95 -18.86 21.10
C THR C 446 -17.09 -18.04 20.54
N ASN C 447 -18.32 -18.48 20.71
CA ASN C 447 -19.46 -17.68 20.32
C ASN C 447 -19.64 -16.43 21.15
N MET C 448 -18.90 -16.27 22.24
CA MET C 448 -18.80 -14.98 22.92
C MET C 448 -18.45 -13.86 21.97
N LEU C 449 -17.66 -14.15 20.93
CA LEU C 449 -17.28 -13.11 19.99
C LEU C 449 -18.46 -12.48 19.28
N TYR C 450 -19.59 -13.17 19.21
CA TYR C 450 -20.79 -12.57 18.62
C TYR C 450 -21.16 -11.29 19.33
N TYR C 451 -20.94 -11.21 20.64
CA TYR C 451 -21.30 -10.02 21.37
C TYR C 451 -20.31 -8.89 21.20
N THR C 452 -19.14 -9.12 20.58
CA THR C 452 -18.27 -7.99 20.32
C THR C 452 -18.77 -7.14 19.17
N ARG C 453 -19.68 -7.65 18.36
CA ARG C 453 -20.26 -6.85 17.31
C ARG C 453 -21.14 -5.78 17.94
N GLY C 454 -21.10 -4.59 17.38
CA GLY C 454 -21.79 -3.45 17.94
C GLY C 454 -20.92 -2.57 18.81
N PHE C 455 -19.74 -3.02 19.18
CA PHE C 455 -18.73 -2.15 19.74
C PHE C 455 -17.95 -1.56 18.58
N GLN C 456 -17.65 -0.26 18.64
CA GLN C 456 -17.00 0.38 17.51
C GLN C 456 -15.61 -0.16 17.26
N GLN C 457 -14.84 -0.41 18.31
CA GLN C 457 -13.48 -0.90 18.14
C GLN C 457 -13.44 -2.41 18.01
N MET C 458 -14.01 -3.11 18.99
CA MET C 458 -13.75 -4.53 19.12
C MET C 458 -14.40 -5.35 18.02
N GLY C 459 -15.58 -4.94 17.55
CA GLY C 459 -16.37 -5.78 16.66
C GLY C 459 -15.72 -6.07 15.33
N ILE C 460 -14.66 -5.35 14.98
CA ILE C 460 -13.96 -5.62 13.74
C ILE C 460 -13.39 -7.04 13.74
N TYR C 461 -12.88 -7.52 14.88
CA TYR C 461 -12.11 -8.75 14.88
C TYR C 461 -12.93 -9.94 14.45
N ALA C 462 -14.14 -10.05 14.99
CA ALA C 462 -15.03 -11.15 14.66
C ALA C 462 -15.33 -11.14 13.19
N VAL C 463 -15.55 -9.96 12.62
CA VAL C 463 -15.87 -9.86 11.21
C VAL C 463 -14.72 -10.41 10.39
N MET C 464 -13.49 -10.07 10.77
CA MET C 464 -12.33 -10.54 10.03
C MET C 464 -12.24 -12.04 10.07
N ILE C 465 -12.51 -12.63 11.25
CA ILE C 465 -12.41 -14.08 11.39
C ILE C 465 -13.36 -14.75 10.43
N GLU C 466 -14.58 -14.21 10.32
CA GLU C 466 -15.61 -14.81 9.49
C GLU C 466 -15.15 -14.89 8.05
N LYS C 467 -14.65 -13.80 7.52
CA LYS C 467 -14.31 -13.81 6.11
C LYS C 467 -13.08 -14.67 5.88
N MET C 468 -12.14 -14.65 6.81
CA MET C 468 -10.94 -15.44 6.60
C MET C 468 -11.26 -16.91 6.63
N ILE C 469 -12.34 -17.30 7.30
CA ILE C 469 -12.76 -18.69 7.20
C ILE C 469 -13.53 -18.91 5.90
N LEU C 470 -14.43 -18.01 5.56
CA LEU C 470 -15.33 -18.32 4.46
C LEU C 470 -14.64 -18.16 3.12
N ARG C 471 -13.87 -17.10 2.93
CA ARG C 471 -13.26 -16.80 1.64
C ARG C 471 -11.87 -17.37 1.48
N ASP C 472 -11.03 -17.33 2.52
CA ASP C 472 -9.64 -17.72 2.35
C ASP C 472 -9.41 -19.19 2.61
N LEU C 473 -9.76 -19.70 3.78
CA LEU C 473 -9.43 -21.08 4.10
C LEU C 473 -10.20 -22.04 3.23
N CYS C 474 -11.49 -21.80 2.99
CA CYS C 474 -12.28 -22.78 2.24
C CYS C 474 -11.79 -22.93 0.81
N ARG C 475 -11.27 -21.87 0.21
CA ARG C 475 -10.70 -21.97 -1.13
C ARG C 475 -9.32 -22.57 -1.12
N PHE C 476 -8.58 -22.37 -0.04
CA PHE C 476 -7.23 -22.90 0.05
C PHE C 476 -7.22 -24.37 0.42
N MET C 477 -8.33 -24.92 0.92
CA MET C 477 -8.34 -26.33 1.26
C MET C 477 -8.13 -27.23 0.06
N PHE C 478 -8.69 -26.90 -1.11
CA PHE C 478 -8.49 -27.76 -2.27
C PHE C 478 -7.02 -27.83 -2.64
N VAL C 479 -6.37 -26.66 -2.70
CA VAL C 479 -4.96 -26.60 -3.08
C VAL C 479 -4.13 -27.38 -2.09
N TYR C 480 -4.32 -27.11 -0.81
CA TYR C 480 -3.46 -27.72 0.17
C TYR C 480 -3.69 -29.21 0.24
N LEU C 481 -4.94 -29.64 0.18
CA LEU C 481 -5.20 -31.07 0.28
C LEU C 481 -4.69 -31.82 -0.92
N VAL C 482 -4.69 -31.18 -2.09
CA VAL C 482 -4.11 -31.84 -3.26
C VAL C 482 -2.63 -32.09 -3.02
N PHE C 483 -1.91 -31.07 -2.52
CA PHE C 483 -0.50 -31.28 -2.19
C PHE C 483 -0.31 -32.34 -1.12
N LEU C 484 -1.13 -32.28 -0.07
CA LEU C 484 -0.96 -33.16 1.07
C LEU C 484 -1.19 -34.61 0.68
N PHE C 485 -2.31 -34.87 0.03
CA PHE C 485 -2.63 -36.24 -0.31
C PHE C 485 -1.69 -36.78 -1.36
N GLY C 486 -1.23 -35.94 -2.29
CA GLY C 486 -0.28 -36.41 -3.28
C GLY C 486 1.02 -36.87 -2.65
N PHE C 487 1.64 -36.02 -1.85
CA PHE C 487 2.90 -36.42 -1.26
C PHE C 487 2.72 -37.53 -0.24
N SER C 488 1.58 -37.57 0.44
CA SER C 488 1.32 -38.60 1.42
C SER C 488 1.23 -39.98 0.78
N THR C 489 0.45 -40.09 -0.29
CA THR C 489 0.39 -41.39 -0.96
C THR C 489 1.71 -41.74 -1.60
N ALA C 490 2.46 -40.74 -2.06
CA ALA C 490 3.80 -41.00 -2.59
C ALA C 490 4.71 -41.63 -1.54
N VAL C 491 4.78 -41.03 -0.36
CA VAL C 491 5.65 -41.55 0.68
C VAL C 491 5.20 -42.94 1.13
N VAL C 492 3.90 -43.12 1.31
CA VAL C 492 3.40 -44.40 1.81
C VAL C 492 3.67 -45.49 0.80
N THR C 493 3.58 -45.17 -0.49
CA THR C 493 3.97 -46.11 -1.51
C THR C 493 5.44 -46.45 -1.42
N LEU C 494 6.28 -45.46 -1.17
CA LEU C 494 7.71 -45.71 -1.16
C LEU C 494 8.12 -46.56 0.01
N ILE C 495 7.65 -46.23 1.18
CA ILE C 495 8.11 -46.81 2.42
C ILE C 495 7.31 -48.08 2.69
N GLU C 496 8.00 -49.15 3.10
CA GLU C 496 7.32 -50.36 3.50
C GLU C 496 7.93 -50.65 4.85
N ASP C 497 7.14 -51.16 5.80
CA ASP C 497 7.62 -51.44 7.17
C ASP C 497 8.24 -50.26 7.92
N GLY C 498 7.41 -49.43 8.53
CA GLY C 498 7.88 -48.28 9.26
C GLY C 498 6.76 -47.53 9.95
N LYS C 499 7.12 -46.37 10.50
CA LYS C 499 6.11 -45.42 10.99
C LYS C 499 5.38 -44.78 9.83
N TYR C 500 6.10 -44.39 8.78
CA TYR C 500 5.51 -43.84 7.56
C TYR C 500 5.06 -44.97 6.65
N ASN C 501 4.18 -45.84 7.12
CA ASN C 501 3.60 -46.89 6.32
C ASN C 501 2.11 -47.04 6.62
N SER C 502 1.46 -45.97 7.06
CA SER C 502 0.02 -45.96 7.18
C SER C 502 -0.41 -44.52 7.06
N LEU C 503 -1.53 -44.30 6.39
CA LEU C 503 -1.78 -42.98 5.84
C LEU C 503 -2.04 -41.94 6.92
N TYR C 504 -2.67 -42.33 8.01
CA TYR C 504 -2.93 -41.36 9.07
C TYR C 504 -1.63 -40.81 9.64
N SER C 505 -0.68 -41.68 9.94
CA SER C 505 0.53 -41.20 10.58
C SER C 505 1.34 -40.34 9.63
N THR C 506 1.46 -40.75 8.38
CA THR C 506 2.18 -39.93 7.42
C THR C 506 1.49 -38.61 7.17
N CYS C 507 0.16 -38.61 7.10
CA CYS C 507 -0.56 -37.35 6.95
C CYS C 507 -0.32 -36.44 8.13
N LEU C 508 -0.30 -37.00 9.34
CA LEU C 508 -0.04 -36.20 10.53
C LEU C 508 1.34 -35.56 10.47
N GLU C 509 2.36 -36.34 10.13
CA GLU C 509 3.69 -35.77 10.11
C GLU C 509 3.82 -34.71 9.01
N LEU C 510 3.21 -34.95 7.86
CA LEU C 510 3.37 -33.99 6.78
C LEU C 510 2.63 -32.70 7.10
N PHE C 511 1.48 -32.81 7.74
CA PHE C 511 0.80 -31.61 8.19
C PHE C 511 1.64 -30.85 9.18
N LYS C 512 2.28 -31.55 10.12
CA LYS C 512 3.15 -30.87 11.08
C LYS C 512 4.29 -30.15 10.39
N PHE C 513 4.80 -30.72 9.30
CA PHE C 513 5.81 -30.00 8.54
C PHE C 513 5.26 -28.72 7.95
N THR C 514 4.01 -28.76 7.47
CA THR C 514 3.45 -27.59 6.82
C THR C 514 3.36 -26.41 7.77
N ILE C 515 3.06 -26.65 9.06
CA ILE C 515 3.02 -25.56 10.03
C ILE C 515 4.34 -25.42 10.79
N GLY C 516 5.41 -26.03 10.30
CA GLY C 516 6.72 -25.74 10.84
C GLY C 516 6.99 -26.27 12.22
N MET C 517 6.56 -27.49 12.52
CA MET C 517 6.95 -28.15 13.76
C MET C 517 7.24 -29.63 13.53
N GLY C 518 7.98 -29.94 12.48
CA GLY C 518 8.39 -31.29 12.18
C GLY C 518 9.61 -31.68 12.98
N ASP C 519 10.38 -32.65 12.44
CA ASP C 519 11.70 -32.97 12.99
C ASP C 519 12.81 -33.04 11.93
N LEU C 520 12.51 -33.60 10.75
CA LEU C 520 13.51 -33.82 9.70
C LEU C 520 14.71 -34.61 10.21
N GLU C 521 14.44 -35.66 10.97
CA GLU C 521 15.48 -36.58 11.46
C GLU C 521 15.64 -37.73 10.47
N PHE C 522 16.52 -37.52 9.50
CA PHE C 522 16.93 -38.55 8.55
C PHE C 522 18.00 -39.45 9.20
N THR C 523 17.54 -40.41 10.01
CA THR C 523 18.43 -41.31 10.75
C THR C 523 17.98 -42.75 10.75
N GLU C 524 16.82 -43.08 10.20
CA GLU C 524 16.36 -44.46 10.22
C GLU C 524 17.09 -45.25 9.15
N ASN C 525 16.99 -46.56 9.26
CA ASN C 525 17.58 -47.49 8.31
C ASN C 525 16.44 -47.96 7.41
N TYR C 526 16.34 -47.37 6.22
CA TYR C 526 15.41 -47.87 5.21
C TYR C 526 15.99 -47.65 3.83
N ASP C 527 15.40 -48.37 2.88
CA ASP C 527 15.76 -48.32 1.48
C ASP C 527 15.18 -47.06 0.83
N PHE C 528 15.85 -46.61 -0.23
CA PHE C 528 15.48 -45.38 -0.92
C PHE C 528 15.55 -44.18 0.02
N LYS C 529 16.61 -44.09 0.80
CA LYS C 529 16.76 -42.96 1.71
C LYS C 529 16.86 -41.66 0.95
N ALA C 530 17.59 -41.66 -0.16
CA ALA C 530 17.80 -40.45 -0.92
C ALA C 530 16.50 -39.91 -1.48
N VAL C 531 15.66 -40.78 -2.01
CA VAL C 531 14.40 -40.34 -2.60
C VAL C 531 13.47 -39.83 -1.52
N PHE C 532 13.47 -40.49 -0.37
CA PHE C 532 12.67 -40.03 0.75
C PHE C 532 13.09 -38.63 1.16
N ILE C 533 14.40 -38.38 1.23
CA ILE C 533 14.90 -37.06 1.60
C ILE C 533 14.47 -36.03 0.57
N ILE C 534 14.60 -36.37 -0.71
CA ILE C 534 14.26 -35.41 -1.76
C ILE C 534 12.78 -35.06 -1.69
N LEU C 535 11.94 -36.06 -1.44
CA LEU C 535 10.51 -35.81 -1.34
C LEU C 535 10.19 -34.94 -0.14
N LEU C 536 10.81 -35.19 1.01
CA LEU C 536 10.49 -34.38 2.17
C LEU C 536 10.94 -32.95 1.98
N LEU C 537 12.13 -32.74 1.40
CA LEU C 537 12.59 -31.38 1.21
C LEU C 537 11.72 -30.65 0.20
N ALA C 538 11.28 -31.33 -0.85
CA ALA C 538 10.38 -30.72 -1.81
C ALA C 538 9.06 -30.37 -1.17
N TYR C 539 8.56 -31.23 -0.29
CA TYR C 539 7.30 -30.94 0.38
C TYR C 539 7.42 -29.74 1.29
N VAL C 540 8.50 -29.68 2.06
CA VAL C 540 8.68 -28.59 3.00
C VAL C 540 8.78 -27.27 2.25
N ILE C 541 9.55 -27.26 1.17
CA ILE C 541 9.73 -26.03 0.41
C ILE C 541 8.42 -25.62 -0.23
N LEU C 542 7.68 -26.57 -0.80
CA LEU C 542 6.46 -26.22 -1.50
C LEU C 542 5.37 -25.74 -0.55
N THR C 543 5.19 -26.41 0.58
CA THR C 543 4.09 -26.06 1.46
C THR C 543 4.48 -25.11 2.57
N TYR C 544 5.60 -25.29 3.24
CA TYR C 544 5.92 -24.38 4.34
C TYR C 544 6.40 -23.04 3.80
N ILE C 545 7.39 -23.04 2.92
CA ILE C 545 7.91 -21.76 2.46
C ILE C 545 6.92 -21.08 1.52
N LEU C 546 6.45 -21.80 0.51
CA LEU C 546 5.75 -21.14 -0.57
C LEU C 546 4.26 -20.97 -0.27
N LEU C 547 3.53 -22.07 -0.08
CA LEU C 547 2.07 -21.96 0.03
C LEU C 547 1.64 -21.24 1.29
N LEU C 548 2.27 -21.53 2.41
CA LEU C 548 1.78 -20.98 3.67
C LEU C 548 1.94 -19.48 3.70
N ASN C 549 3.04 -18.97 3.19
CA ASN C 549 3.19 -17.53 3.09
C ASN C 549 2.29 -16.94 2.03
N MET C 550 1.94 -17.74 1.01
CA MET C 550 0.92 -17.28 0.06
C MET C 550 -0.41 -17.03 0.76
N LEU C 551 -0.80 -18.00 1.58
CA LEU C 551 -2.04 -17.86 2.34
C LEU C 551 -1.97 -16.69 3.29
N ILE C 552 -0.82 -16.50 3.92
CA ILE C 552 -0.69 -15.42 4.88
C ILE C 552 -0.79 -14.06 4.19
N ALA C 553 -0.22 -13.94 3.00
CA ALA C 553 -0.37 -12.69 2.26
C ALA C 553 -1.80 -12.44 1.85
N LEU C 554 -2.49 -13.48 1.42
CA LEU C 554 -3.89 -13.30 1.04
C LEU C 554 -4.77 -12.92 2.22
N MET C 555 -4.57 -13.57 3.38
CA MET C 555 -5.30 -13.17 4.57
C MET C 555 -4.95 -11.76 5.00
N GLY C 556 -3.69 -11.38 4.85
CA GLY C 556 -3.31 -10.02 5.18
C GLY C 556 -4.02 -8.99 4.33
N GLU C 557 -4.17 -9.27 3.04
CA GLU C 557 -4.90 -8.33 2.19
C GLU C 557 -6.38 -8.32 2.56
N THR C 558 -6.95 -9.46 2.89
CA THR C 558 -8.35 -9.47 3.31
C THR C 558 -8.55 -8.61 4.56
N VAL C 559 -7.63 -8.71 5.51
CA VAL C 559 -7.70 -7.90 6.72
C VAL C 559 -7.57 -6.42 6.37
N ASN C 560 -6.62 -6.10 5.52
CA ASN C 560 -6.35 -4.70 5.23
C ASN C 560 -7.48 -4.07 4.43
N LYS C 561 -8.12 -4.84 3.56
CA LYS C 561 -9.20 -4.30 2.74
C LYS C 561 -10.48 -4.05 3.51
N ILE C 562 -10.55 -4.44 4.79
CA ILE C 562 -11.63 -4.03 5.68
C ILE C 562 -11.11 -3.42 6.96
N ALA C 563 -9.98 -2.74 6.89
CA ALA C 563 -9.60 -1.85 7.99
C ALA C 563 -10.43 -0.58 7.95
N GLN C 564 -10.65 -0.03 6.76
CA GLN C 564 -11.37 1.24 6.66
C GLN C 564 -12.88 1.09 6.80
N GLU C 565 -13.43 -0.10 6.63
CA GLU C 565 -14.87 -0.30 6.59
C GLU C 565 -15.49 -0.45 7.97
N SER C 566 -14.76 -0.13 9.03
CA SER C 566 -15.16 -0.49 10.38
C SER C 566 -16.42 0.22 10.82
N LYS C 567 -16.52 1.53 10.56
CA LYS C 567 -17.67 2.30 11.04
C LYS C 567 -18.96 1.79 10.43
N ASN C 568 -18.90 1.50 9.14
CA ASN C 568 -20.06 1.02 8.42
C ASN C 568 -20.52 -0.32 8.96
N ILE C 569 -19.57 -1.20 9.21
CA ILE C 569 -19.90 -2.55 9.65
C ILE C 569 -20.49 -2.49 11.04
N TRP C 570 -19.91 -1.65 11.90
CA TRP C 570 -20.44 -1.40 13.22
C TRP C 570 -21.89 -0.95 13.16
N LYS C 571 -22.19 0.01 12.27
CA LYS C 571 -23.56 0.53 12.18
C LYS C 571 -24.54 -0.53 11.74
N LEU C 572 -24.15 -1.35 10.77
CA LEU C 572 -25.07 -2.36 10.27
C LEU C 572 -25.37 -3.41 11.34
N GLN C 573 -24.34 -3.85 12.06
CA GLN C 573 -24.57 -4.84 13.11
C GLN C 573 -25.43 -4.27 14.23
N ARG C 574 -25.19 -3.00 14.54
CA ARG C 574 -26.04 -2.27 15.49
C ARG C 574 -27.50 -2.29 15.06
N ALA C 575 -27.75 -2.09 13.77
CA ALA C 575 -29.12 -2.11 13.27
C ALA C 575 -29.77 -3.47 13.42
N ILE C 576 -29.03 -4.53 13.11
CA ILE C 576 -29.59 -5.87 13.18
C ILE C 576 -29.93 -6.22 14.62
N THR C 577 -29.05 -5.86 15.54
CA THR C 577 -29.31 -6.09 16.95
C THR C 577 -30.56 -5.37 17.41
N ILE C 578 -30.73 -4.12 16.98
CA ILE C 578 -31.90 -3.35 17.41
C ILE C 578 -33.17 -3.99 16.90
N LEU C 579 -33.15 -4.45 15.65
CA LEU C 579 -34.36 -5.06 15.10
C LEU C 579 -34.73 -6.35 15.82
N ASP C 580 -33.74 -7.20 16.11
CA ASP C 580 -34.07 -8.43 16.84
C ASP C 580 -34.59 -8.14 18.23
N THR C 581 -33.95 -7.21 18.94
CA THR C 581 -34.37 -6.87 20.29
C THR C 581 -35.79 -6.33 20.28
N GLU C 582 -36.12 -5.48 19.31
CA GLU C 582 -37.47 -4.93 19.25
C GLU C 582 -38.48 -5.97 18.81
N LYS C 583 -38.08 -6.93 17.97
CA LYS C 583 -39.01 -7.97 17.59
C LYS C 583 -39.39 -8.85 18.77
N SER C 584 -38.41 -9.28 19.56
CA SER C 584 -38.77 -10.28 20.58
C SER C 584 -39.43 -9.63 21.79
N PHE C 585 -38.65 -8.89 22.59
CA PHE C 585 -39.13 -7.88 23.54
C PHE C 585 -39.89 -8.37 24.77
N LEU C 586 -40.40 -9.62 24.77
CA LEU C 586 -40.84 -10.42 25.94
C LEU C 586 -41.60 -9.62 27.01
N LYS C 587 -42.47 -8.70 26.57
CA LYS C 587 -43.34 -7.96 27.48
C LYS C 587 -44.74 -7.70 26.92
N CYS C 588 -45.05 -8.15 25.70
CA CYS C 588 -46.35 -8.03 25.02
C CYS C 588 -46.70 -6.60 24.60
N MET C 589 -45.89 -5.61 24.93
CA MET C 589 -46.09 -4.24 24.50
C MET C 589 -45.27 -4.03 23.24
N ARG C 590 -45.64 -2.99 22.48
CA ARG C 590 -44.88 -2.57 21.32
C ARG C 590 -44.64 -1.07 21.39
N LYS C 591 -44.19 -0.63 22.57
CA LYS C 591 -43.78 0.77 22.78
C LYS C 591 -42.41 0.97 22.14
N ALA C 592 -42.43 0.98 20.81
CA ALA C 592 -41.26 1.25 19.97
C ALA C 592 -41.44 2.50 19.12
N PHE C 593 -42.33 3.41 19.52
CA PHE C 593 -42.48 4.68 18.83
C PHE C 593 -41.49 5.70 19.38
N ARG C 594 -41.32 6.78 18.63
CA ARG C 594 -40.24 7.75 18.82
C ARG C 594 -40.69 9.09 19.36
N SER C 595 -41.63 9.76 18.68
CA SER C 595 -42.27 10.93 19.23
C SER C 595 -43.75 10.79 18.97
N GLY C 596 -44.50 11.77 19.41
CA GLY C 596 -45.93 11.60 19.52
C GLY C 596 -46.59 11.54 18.17
N LYS C 597 -47.87 11.20 18.19
CA LYS C 597 -48.69 11.18 16.99
C LYS C 597 -49.08 12.62 16.66
N LEU C 598 -48.08 13.39 16.24
CA LEU C 598 -48.21 14.82 16.05
C LEU C 598 -48.67 15.14 14.64
N LEU C 599 -49.24 16.32 14.50
CA LEU C 599 -49.69 16.84 13.21
C LEU C 599 -48.56 17.59 12.52
N GLN C 600 -48.29 17.21 11.27
CA GLN C 600 -47.26 17.89 10.49
C GLN C 600 -47.89 19.05 9.75
N VAL C 601 -48.80 18.72 8.85
CA VAL C 601 -49.50 19.69 8.03
C VAL C 601 -50.88 19.97 8.57
N GLY C 602 -51.71 18.94 8.67
CA GLY C 602 -53.07 19.09 9.10
C GLY C 602 -54.01 19.62 8.06
N PHE C 603 -53.56 19.73 6.80
CA PHE C 603 -54.37 20.28 5.71
C PHE C 603 -54.30 19.26 4.59
N THR C 604 -55.15 18.27 4.70
CA THR C 604 -55.26 17.24 3.70
C THR C 604 -55.96 17.82 2.48
N PRO C 605 -56.03 17.08 1.38
CA PRO C 605 -56.88 17.54 0.26
C PRO C 605 -58.35 17.66 0.65
N ASP C 606 -58.83 16.81 1.56
CA ASP C 606 -60.15 16.94 2.14
C ASP C 606 -60.02 17.84 3.37
N GLY C 607 -61.10 18.00 4.11
CA GLY C 607 -61.05 18.87 5.26
C GLY C 607 -60.37 18.28 6.48
N LYS C 608 -59.94 17.03 6.44
CA LYS C 608 -59.36 16.39 7.60
C LYS C 608 -57.92 16.88 7.81
N ASP C 609 -57.30 16.39 8.87
CA ASP C 609 -55.92 16.71 9.24
C ASP C 609 -55.18 15.41 9.49
N ASP C 610 -53.86 15.42 9.28
CA ASP C 610 -53.03 14.23 9.39
C ASP C 610 -52.13 14.33 10.61
N TYR C 611 -52.19 13.30 11.44
CA TYR C 611 -51.27 13.09 12.55
C TYR C 611 -50.47 11.83 12.20
N ARG C 612 -49.14 11.97 12.10
CA ARG C 612 -48.31 11.03 11.35
C ARG C 612 -47.13 10.42 12.10
N TRP C 613 -47.07 10.53 13.43
CA TRP C 613 -45.94 10.01 14.19
C TRP C 613 -44.62 10.62 13.73
N CYS C 614 -44.56 11.94 13.77
CA CYS C 614 -43.37 12.60 13.29
C CYS C 614 -42.21 12.34 14.25
N PHE C 615 -41.00 12.64 13.78
CA PHE C 615 -39.77 12.45 14.53
C PHE C 615 -38.91 13.70 14.40
N ARG C 616 -38.53 14.28 15.53
CA ARG C 616 -37.79 15.53 15.54
C ARG C 616 -36.31 15.27 15.32
N VAL C 617 -35.68 16.08 14.49
CA VAL C 617 -34.23 16.06 14.33
C VAL C 617 -33.75 17.49 14.24
N ASP C 618 -32.70 17.80 14.99
CA ASP C 618 -32.03 19.10 14.95
C ASP C 618 -30.68 18.86 14.30
N GLU C 619 -30.55 19.26 13.04
CA GLU C 619 -29.34 19.05 12.27
C GLU C 619 -28.44 20.27 12.42
N VAL C 620 -27.15 20.04 12.12
CA VAL C 620 -26.12 21.07 12.14
C VAL C 620 -25.37 21.04 10.82
N ASN C 621 -25.12 22.21 10.25
CA ASN C 621 -24.36 22.32 9.01
C ASN C 621 -23.67 23.66 8.98
N TRP C 622 -22.36 23.66 8.77
CA TRP C 622 -21.54 24.87 8.79
C TRP C 622 -21.25 25.40 7.39
N THR C 623 -22.13 25.13 6.42
CA THR C 623 -21.96 25.65 5.08
C THR C 623 -22.20 27.16 5.08
N THR C 624 -21.21 27.91 4.59
CA THR C 624 -21.21 29.36 4.61
C THR C 624 -21.33 29.87 6.05
N SER D 89 19.66 8.93 -56.23
CA SER D 89 19.28 8.10 -55.10
C SER D 89 20.47 7.83 -54.20
N TYR D 90 20.21 7.22 -53.04
CA TYR D 90 21.27 6.76 -52.15
C TYR D 90 21.62 5.32 -52.50
N THR D 91 22.89 5.11 -52.88
CA THR D 91 23.38 3.80 -53.29
C THR D 91 24.09 3.04 -52.18
N ASP D 92 24.21 3.60 -50.98
CA ASP D 92 24.91 2.92 -49.89
C ASP D 92 23.99 1.86 -49.27
N SER D 93 24.54 1.11 -48.32
CA SER D 93 23.81 0.02 -47.68
C SER D 93 22.83 0.51 -46.61
N TYR D 94 22.94 1.77 -46.17
CA TYR D 94 22.14 2.26 -45.06
C TYR D 94 20.84 2.93 -45.50
N TYR D 95 20.90 3.79 -46.52
CA TYR D 95 19.73 4.46 -47.08
C TYR D 95 19.38 3.94 -48.47
N LYS D 96 19.65 2.65 -48.73
CA LYS D 96 19.44 2.04 -50.03
C LYS D 96 18.03 2.23 -50.55
N GLY D 97 17.91 2.90 -51.69
CA GLY D 97 16.65 3.09 -52.37
C GLY D 97 15.95 4.41 -52.13
N GLN D 98 16.39 5.21 -51.17
CA GLN D 98 15.74 6.49 -50.97
C GLN D 98 16.02 7.39 -52.15
N THR D 99 14.98 8.07 -52.61
CA THR D 99 15.03 8.97 -53.76
C THR D 99 14.25 10.23 -53.43
N ALA D 100 14.22 11.14 -54.41
CA ALA D 100 13.71 12.49 -54.16
C ALA D 100 12.23 12.48 -53.82
N LEU D 101 11.47 11.51 -54.33
CA LEU D 101 10.04 11.46 -54.04
C LEU D 101 9.79 11.21 -52.55
N HIS D 102 10.56 10.29 -51.96
CA HIS D 102 10.41 10.02 -50.54
C HIS D 102 10.78 11.25 -49.71
N ILE D 103 11.83 11.96 -50.12
CA ILE D 103 12.23 13.16 -49.38
C ILE D 103 11.15 14.23 -49.51
N ALA D 104 10.56 14.35 -50.70
CA ALA D 104 9.51 15.32 -50.92
C ALA D 104 8.29 15.03 -50.05
N ILE D 105 7.88 13.77 -49.99
CA ILE D 105 6.74 13.41 -49.17
C ILE D 105 7.05 13.63 -47.70
N GLU D 106 8.25 13.23 -47.27
CA GLU D 106 8.66 13.36 -45.89
C GLU D 106 8.67 14.81 -45.44
N ARG D 107 9.16 15.70 -46.29
CA ARG D 107 9.16 17.11 -45.96
C ARG D 107 7.77 17.74 -46.02
N ARG D 108 6.76 17.02 -46.51
CA ARG D 108 5.39 17.54 -46.60
C ARG D 108 5.34 18.72 -47.57
N ASN D 109 5.96 18.53 -48.73
CA ASN D 109 6.00 19.51 -49.80
C ASN D 109 5.09 18.97 -50.92
N MET D 110 3.83 19.38 -50.87
CA MET D 110 2.84 18.91 -51.85
C MET D 110 3.23 19.32 -53.26
N THR D 111 3.74 20.55 -53.41
CA THR D 111 4.11 21.03 -54.73
C THR D 111 5.22 20.19 -55.33
N LEU D 112 6.26 19.92 -54.53
CA LEU D 112 7.39 19.15 -55.05
C LEU D 112 6.98 17.74 -55.40
N VAL D 113 6.06 17.16 -54.62
CA VAL D 113 5.54 15.82 -54.92
C VAL D 113 4.84 15.84 -56.26
N THR D 114 4.00 16.86 -56.47
CA THR D 114 3.27 16.99 -57.73
C THR D 114 4.25 17.12 -58.90
N LEU D 115 5.28 17.94 -58.73
CA LEU D 115 6.26 18.14 -59.78
C LEU D 115 7.02 16.86 -60.09
N LEU D 116 7.49 16.16 -59.07
CA LEU D 116 8.27 14.95 -59.28
C LEU D 116 7.45 13.88 -59.97
N VAL D 117 6.18 13.74 -59.58
CA VAL D 117 5.31 12.77 -60.26
C VAL D 117 5.08 13.20 -61.70
N GLU D 118 4.89 14.50 -61.93
CA GLU D 118 4.74 15.00 -63.30
C GLU D 118 5.96 14.69 -64.16
N ASN D 119 7.15 14.75 -63.57
CA ASN D 119 8.39 14.60 -64.32
C ASN D 119 8.86 13.14 -64.46
N GLY D 120 8.04 12.17 -64.09
CA GLY D 120 8.39 10.78 -64.29
C GLY D 120 9.09 10.11 -63.12
N ALA D 121 8.87 10.59 -61.90
CA ALA D 121 9.40 9.91 -60.73
C ALA D 121 8.75 8.54 -60.56
N ASP D 122 9.50 7.59 -60.02
CA ASP D 122 9.01 6.24 -59.79
C ASP D 122 8.24 6.20 -58.48
N VAL D 123 6.91 6.10 -58.57
CA VAL D 123 6.06 6.05 -57.38
C VAL D 123 5.94 4.66 -56.78
N GLN D 124 6.76 3.70 -57.23
CA GLN D 124 6.82 2.37 -56.62
C GLN D 124 8.25 1.91 -56.37
N ALA D 125 9.20 2.83 -56.25
CA ALA D 125 10.54 2.45 -55.83
C ALA D 125 10.53 2.04 -54.37
N ALA D 126 11.40 1.08 -54.03
CA ALA D 126 11.48 0.50 -52.69
C ALA D 126 12.69 1.07 -51.97
N ALA D 127 12.44 1.80 -50.89
CA ALA D 127 13.49 2.32 -50.02
C ALA D 127 13.75 1.26 -48.96
N ASN D 128 14.75 0.40 -49.20
CA ASN D 128 14.98 -0.81 -48.40
C ASN D 128 16.34 -0.78 -47.72
N GLY D 129 16.81 0.40 -47.34
CA GLY D 129 18.04 0.47 -46.56
C GLY D 129 17.80 0.04 -45.13
N ASP D 130 18.92 -0.21 -44.43
CA ASP D 130 18.83 -0.65 -43.04
C ASP D 130 18.18 0.39 -42.15
N PHE D 131 18.28 1.67 -42.53
CA PHE D 131 17.56 2.69 -41.80
C PHE D 131 16.05 2.49 -41.92
N PHE D 132 15.58 1.97 -43.05
CA PHE D 132 14.16 1.89 -43.38
C PHE D 132 13.53 0.53 -43.11
N LYS D 133 14.30 -0.47 -42.73
CA LYS D 133 13.80 -1.83 -42.59
C LYS D 133 13.31 -2.06 -41.16
N LYS D 134 12.60 -3.16 -40.98
CA LYS D 134 12.20 -3.57 -39.64
C LYS D 134 13.42 -4.01 -38.85
N THR D 135 13.54 -3.49 -37.62
CA THR D 135 14.65 -3.86 -36.76
C THR D 135 14.30 -3.48 -35.34
N LYS D 136 15.00 -4.11 -34.39
CA LYS D 136 14.79 -3.90 -32.97
C LYS D 136 15.91 -3.10 -32.32
N GLY D 137 17.16 -3.57 -32.44
CA GLY D 137 18.28 -2.98 -31.74
C GLY D 137 19.02 -1.93 -32.53
N ARG D 138 18.28 -1.05 -33.21
CA ARG D 138 18.89 0.01 -34.00
C ARG D 138 17.82 1.05 -34.31
N PRO D 139 18.06 2.36 -34.16
CA PRO D 139 17.03 3.33 -34.55
C PRO D 139 16.82 3.34 -36.05
N GLY D 140 15.60 3.66 -36.44
CA GLY D 140 15.24 3.64 -37.84
C GLY D 140 13.82 4.14 -38.00
N PHE D 141 13.35 4.08 -39.23
CA PHE D 141 12.00 4.54 -39.58
C PHE D 141 11.46 3.56 -40.61
N TYR D 142 10.74 2.55 -40.12
CA TYR D 142 10.04 1.62 -40.98
C TYR D 142 8.67 2.20 -41.30
N PHE D 143 8.43 2.44 -42.57
CA PHE D 143 7.13 2.86 -43.07
C PHE D 143 6.57 1.91 -44.13
N GLY D 144 7.32 0.90 -44.56
CA GLY D 144 6.92 -0.01 -45.60
C GLY D 144 7.59 0.19 -46.94
N GLU D 145 8.60 1.06 -47.02
CA GLU D 145 9.52 1.17 -48.14
C GLU D 145 8.96 1.81 -49.41
N LEU D 146 7.63 2.13 -49.47
CA LEU D 146 7.01 2.67 -50.68
C LEU D 146 6.54 4.11 -50.49
N PRO D 147 6.51 4.95 -51.53
CA PRO D 147 6.01 6.32 -51.34
C PRO D 147 4.57 6.39 -50.86
N LEU D 148 3.71 5.50 -51.36
CA LEU D 148 2.32 5.49 -50.91
C LEU D 148 2.23 5.13 -49.45
N SER D 149 2.99 4.12 -49.01
CA SER D 149 3.02 3.77 -47.60
C SER D 149 3.58 4.91 -46.76
N LEU D 150 4.58 5.62 -47.29
CA LEU D 150 5.14 6.75 -46.56
C LEU D 150 4.10 7.84 -46.37
N ALA D 151 3.37 8.15 -47.44
CA ALA D 151 2.32 9.16 -47.36
C ALA D 151 1.25 8.76 -46.37
N ALA D 152 0.86 7.50 -46.39
CA ALA D 152 -0.19 7.05 -45.48
C ALA D 152 0.27 7.08 -44.03
N CYS D 153 1.50 6.60 -43.77
CA CYS D 153 1.99 6.54 -42.40
C CYS D 153 2.21 7.93 -41.81
N THR D 154 2.55 8.92 -42.64
CA THR D 154 2.88 10.26 -42.17
C THR D 154 1.65 11.17 -42.01
N ASN D 155 0.43 10.65 -42.18
CA ASN D 155 -0.80 11.41 -42.03
C ASN D 155 -0.90 12.52 -43.08
N GLN D 156 -0.71 12.15 -44.35
CA GLN D 156 -0.83 13.06 -45.48
C GLN D 156 -1.81 12.47 -46.50
N LEU D 157 -3.09 12.80 -46.34
CA LEU D 157 -4.11 12.20 -47.21
C LEU D 157 -4.09 12.79 -48.61
N ALA D 158 -3.77 14.08 -48.75
CA ALA D 158 -3.82 14.72 -50.06
C ALA D 158 -2.82 14.08 -51.00
N ILE D 159 -1.63 13.77 -50.50
CA ILE D 159 -0.62 13.11 -51.32
C ILE D 159 -1.08 11.71 -51.69
N VAL D 160 -1.75 11.03 -50.76
CA VAL D 160 -2.30 9.69 -51.04
C VAL D 160 -3.27 9.76 -52.20
N LYS D 161 -4.18 10.74 -52.14
CA LYS D 161 -5.18 10.89 -53.19
C LYS D 161 -4.52 11.21 -54.52
N PHE D 162 -3.53 12.11 -54.50
CA PHE D 162 -2.82 12.45 -55.73
C PHE D 162 -2.09 11.24 -56.30
N LEU D 163 -1.40 10.49 -55.44
CA LEU D 163 -0.62 9.33 -55.89
C LEU D 163 -1.51 8.27 -56.50
N LEU D 164 -2.71 8.09 -55.96
CA LEU D 164 -3.60 7.06 -56.49
C LEU D 164 -4.34 7.53 -57.74
N GLN D 165 -4.78 8.78 -57.75
CA GLN D 165 -5.73 9.27 -58.74
C GLN D 165 -5.09 9.98 -59.92
N ASN D 166 -3.80 10.33 -59.87
CA ASN D 166 -3.19 11.07 -60.95
C ASN D 166 -3.13 10.24 -62.22
N SER D 167 -3.29 10.91 -63.36
CA SER D 167 -3.16 10.28 -64.66
C SER D 167 -1.72 10.23 -65.15
N TRP D 168 -0.79 10.95 -64.52
CA TRP D 168 0.60 10.89 -64.93
C TRP D 168 1.17 9.49 -64.71
N GLN D 169 1.04 8.98 -63.49
CA GLN D 169 1.46 7.62 -63.18
C GLN D 169 0.72 7.15 -61.94
N PRO D 170 -0.33 6.33 -62.03
CA PRO D 170 -1.00 5.89 -60.81
C PRO D 170 -0.16 4.94 -59.98
N ALA D 171 -0.35 5.01 -58.68
CA ALA D 171 0.33 4.14 -57.73
C ALA D 171 -0.51 2.90 -57.45
N ASP D 172 0.17 1.78 -57.26
CA ASP D 172 -0.50 0.50 -57.03
C ASP D 172 -0.85 0.40 -55.56
N ILE D 173 -2.15 0.46 -55.26
CA ILE D 173 -2.61 0.38 -53.89
C ILE D 173 -2.32 -0.98 -53.27
N SER D 174 -2.22 -2.03 -54.10
CA SER D 174 -2.04 -3.39 -53.62
C SER D 174 -0.58 -3.82 -53.55
N ALA D 175 0.37 -2.91 -53.78
CA ALA D 175 1.78 -3.29 -53.77
C ALA D 175 2.24 -3.67 -52.37
N ARG D 176 3.27 -4.51 -52.33
CA ARG D 176 3.87 -4.99 -51.09
C ARG D 176 5.39 -4.81 -51.14
N ASP D 177 5.96 -4.60 -49.97
CA ASP D 177 7.39 -4.39 -49.84
C ASP D 177 8.12 -5.74 -49.74
N SER D 178 9.40 -5.69 -49.36
CA SER D 178 10.17 -6.91 -49.18
C SER D 178 9.62 -7.77 -48.06
N VAL D 179 9.08 -7.14 -47.01
CA VAL D 179 8.43 -7.90 -45.94
C VAL D 179 7.10 -8.47 -46.34
N GLY D 180 6.54 -8.04 -47.48
CA GLY D 180 5.21 -8.39 -47.88
C GLY D 180 4.12 -7.49 -47.33
N ASN D 181 4.47 -6.44 -46.60
CA ASN D 181 3.46 -5.56 -46.03
C ASN D 181 2.89 -4.65 -47.09
N THR D 182 1.56 -4.59 -47.14
CA THR D 182 0.84 -3.58 -47.91
C THR D 182 0.67 -2.34 -47.06
N VAL D 183 -0.06 -1.35 -47.60
CA VAL D 183 -0.23 -0.09 -46.91
C VAL D 183 -0.98 -0.28 -45.61
N LEU D 184 -1.94 -1.21 -45.59
CA LEU D 184 -2.68 -1.47 -44.36
C LEU D 184 -1.79 -2.12 -43.31
N HIS D 185 -0.92 -3.04 -43.72
CA HIS D 185 0.02 -3.62 -42.77
C HIS D 185 0.96 -2.56 -42.22
N ALA D 186 1.49 -1.71 -43.09
CA ALA D 186 2.37 -0.65 -42.64
C ALA D 186 1.64 0.33 -41.75
N LEU D 187 0.36 0.56 -42.00
CA LEU D 187 -0.43 1.36 -41.08
C LEU D 187 -0.58 0.67 -39.75
N VAL D 188 -0.72 -0.67 -39.78
CA VAL D 188 -0.92 -1.42 -38.55
C VAL D 188 0.33 -1.33 -37.68
N GLU D 189 1.50 -1.45 -38.30
CA GLU D 189 2.72 -1.50 -37.52
C GLU D 189 3.03 -0.18 -36.81
N VAL D 190 2.70 0.95 -37.42
CA VAL D 190 3.04 2.24 -36.83
C VAL D 190 2.05 2.69 -35.78
N ALA D 191 1.12 1.82 -35.37
CA ALA D 191 0.29 2.13 -34.23
C ALA D 191 1.10 1.98 -32.95
N ASP D 192 0.69 2.69 -31.91
CA ASP D 192 1.24 2.46 -30.57
C ASP D 192 0.20 2.62 -29.46
N ASN D 193 -1.09 2.58 -29.78
CA ASN D 193 -2.16 2.49 -28.78
C ASN D 193 -2.25 3.74 -27.90
N THR D 194 -1.89 4.89 -28.42
CA THR D 194 -2.25 6.18 -27.83
C THR D 194 -3.44 6.76 -28.56
N VAL D 195 -4.06 7.75 -27.93
CA VAL D 195 -5.35 8.26 -28.40
C VAL D 195 -5.21 8.91 -29.77
N ASP D 196 -4.23 9.81 -29.92
CA ASP D 196 -4.15 10.58 -31.14
C ASP D 196 -3.66 9.72 -32.29
N ASN D 197 -2.67 8.87 -32.01
CA ASN D 197 -2.19 7.91 -32.99
C ASN D 197 -3.31 6.98 -33.45
N THR D 198 -4.13 6.52 -32.50
CA THR D 198 -5.29 5.70 -32.85
C THR D 198 -6.23 6.46 -33.77
N LYS D 199 -6.47 7.74 -33.49
CA LYS D 199 -7.36 8.52 -34.33
C LYS D 199 -6.81 8.67 -35.74
N PHE D 200 -5.53 9.02 -35.87
CA PHE D 200 -4.91 9.18 -37.18
C PHE D 200 -4.97 7.89 -37.97
N VAL D 201 -4.57 6.79 -37.33
CA VAL D 201 -4.41 5.54 -38.04
C VAL D 201 -5.78 4.98 -38.42
N THR D 202 -6.76 5.11 -37.52
CA THR D 202 -8.12 4.68 -37.82
C THR D 202 -8.68 5.45 -39.02
N SER D 203 -8.53 6.78 -39.01
CA SER D 203 -9.06 7.58 -40.10
C SER D 203 -8.39 7.24 -41.42
N MET D 204 -7.06 7.18 -41.43
CA MET D 204 -6.33 6.92 -42.67
C MET D 204 -6.62 5.52 -43.19
N TYR D 205 -6.76 4.55 -42.29
CA TYR D 205 -7.11 3.19 -42.68
C TYR D 205 -8.47 3.18 -43.39
N ASN D 206 -9.45 3.88 -42.81
CA ASN D 206 -10.77 3.92 -43.41
C ASN D 206 -10.74 4.60 -44.78
N GLU D 207 -9.99 5.69 -44.91
CA GLU D 207 -9.94 6.39 -46.17
C GLU D 207 -9.27 5.55 -47.24
N ILE D 208 -8.21 4.83 -46.87
CA ILE D 208 -7.58 3.92 -47.82
C ILE D 208 -8.58 2.87 -48.29
N LEU D 209 -9.41 2.38 -47.37
CA LEU D 209 -10.38 1.37 -47.77
C LEU D 209 -11.40 1.92 -48.76
N ILE D 210 -11.88 3.13 -48.52
CA ILE D 210 -12.85 3.73 -49.44
C ILE D 210 -12.23 3.95 -50.81
N LEU D 211 -11.00 4.48 -50.83
CA LEU D 211 -10.34 4.72 -52.11
C LEU D 211 -10.05 3.42 -52.85
N GLY D 212 -9.64 2.39 -52.11
CA GLY D 212 -9.42 1.11 -52.74
C GLY D 212 -10.68 0.52 -53.33
N ALA D 213 -11.81 0.72 -52.64
CA ALA D 213 -13.08 0.27 -53.20
C ALA D 213 -13.41 1.02 -54.49
N LYS D 214 -13.24 2.34 -54.48
CA LYS D 214 -13.68 3.14 -55.62
C LYS D 214 -12.81 2.89 -56.84
N LEU D 215 -11.49 2.83 -56.64
CA LEU D 215 -10.60 2.65 -57.77
C LEU D 215 -10.57 1.20 -58.25
N HIS D 216 -10.75 0.23 -57.36
CA HIS D 216 -10.68 -1.19 -57.68
C HIS D 216 -11.82 -1.91 -56.96
N PRO D 217 -13.04 -1.85 -57.52
CA PRO D 217 -14.18 -2.52 -56.84
C PRO D 217 -14.05 -4.02 -56.69
N THR D 218 -13.19 -4.67 -57.46
CA THR D 218 -12.96 -6.12 -57.38
C THR D 218 -11.73 -6.49 -56.57
N LEU D 219 -11.11 -5.54 -55.87
CA LEU D 219 -9.94 -5.79 -55.03
C LEU D 219 -10.36 -5.93 -53.59
N LYS D 220 -9.76 -6.89 -52.88
CA LYS D 220 -9.93 -7.07 -51.44
C LYS D 220 -8.56 -6.93 -50.78
N LEU D 221 -8.29 -5.73 -50.27
CA LEU D 221 -6.99 -5.46 -49.67
C LEU D 221 -6.78 -6.28 -48.41
N GLU D 222 -7.80 -6.36 -47.56
CA GLU D 222 -7.60 -6.94 -46.23
C GLU D 222 -7.29 -8.42 -46.29
N GLU D 223 -7.69 -9.11 -47.34
CA GLU D 223 -7.37 -10.52 -47.47
C GLU D 223 -5.94 -10.77 -47.94
N ILE D 224 -5.18 -9.75 -48.29
CA ILE D 224 -3.80 -9.95 -48.73
C ILE D 224 -2.95 -10.25 -47.50
N THR D 225 -2.14 -11.30 -47.59
CA THR D 225 -1.24 -11.73 -46.52
C THR D 225 0.18 -11.31 -46.82
N ASN D 226 0.90 -10.94 -45.76
CA ASN D 226 2.30 -10.54 -45.90
C ASN D 226 3.15 -11.82 -45.94
N ARG D 227 4.48 -11.66 -45.83
CA ARG D 227 5.37 -12.80 -45.95
C ARG D 227 5.16 -13.82 -44.85
N LYS D 228 4.79 -13.36 -43.65
CA LYS D 228 4.50 -14.28 -42.56
C LYS D 228 3.13 -14.93 -42.67
N GLY D 229 2.35 -14.62 -43.72
CA GLY D 229 1.02 -15.17 -43.86
C GLY D 229 -0.05 -14.44 -43.09
N LEU D 230 0.23 -13.23 -42.62
CA LEU D 230 -0.66 -12.49 -41.74
C LEU D 230 -1.41 -11.43 -42.54
N THR D 231 -2.71 -11.36 -42.31
CA THR D 231 -3.52 -10.26 -42.77
C THR D 231 -3.31 -9.08 -41.83
N PRO D 232 -3.76 -7.87 -42.21
CA PRO D 232 -3.66 -6.74 -41.28
C PRO D 232 -4.37 -6.98 -39.97
N LEU D 233 -5.47 -7.71 -40.00
CA LEU D 233 -6.15 -8.05 -38.77
C LEU D 233 -5.30 -8.97 -37.91
N ALA D 234 -4.76 -10.03 -38.51
CA ALA D 234 -3.92 -10.96 -37.76
C ALA D 234 -2.65 -10.28 -37.29
N LEU D 235 -2.08 -9.40 -38.12
CA LEU D 235 -0.90 -8.67 -37.71
C LEU D 235 -1.19 -7.77 -36.52
N ALA D 236 -2.34 -7.10 -36.54
CA ALA D 236 -2.72 -6.25 -35.41
C ALA D 236 -2.91 -7.07 -34.16
N ALA D 237 -3.56 -8.23 -34.29
CA ALA D 237 -3.80 -9.07 -33.12
C ALA D 237 -2.49 -9.62 -32.57
N SER D 238 -1.55 -9.97 -33.45
CA SER D 238 -0.24 -10.42 -33.02
C SER D 238 0.53 -9.33 -32.30
N SER D 239 0.51 -8.11 -32.84
CA SER D 239 1.31 -7.05 -32.27
C SER D 239 0.69 -6.41 -31.04
N GLY D 240 -0.56 -6.72 -30.71
CA GLY D 240 -1.18 -6.13 -29.54
C GLY D 240 -1.71 -4.74 -29.77
N LYS D 241 -2.07 -4.39 -31.00
CA LYS D 241 -2.62 -3.08 -31.32
C LYS D 241 -4.09 -3.09 -30.94
N ILE D 242 -4.36 -2.76 -29.67
CA ILE D 242 -5.72 -2.84 -29.15
C ILE D 242 -6.64 -1.88 -29.88
N GLY D 243 -6.15 -0.67 -30.17
CA GLY D 243 -7.02 0.32 -30.80
C GLY D 243 -7.44 -0.09 -32.21
N VAL D 244 -6.49 -0.52 -33.02
CA VAL D 244 -6.78 -0.86 -34.40
C VAL D 244 -7.64 -2.11 -34.47
N LEU D 245 -7.37 -3.08 -33.61
CA LEU D 245 -8.19 -4.28 -33.55
C LEU D 245 -9.62 -3.94 -33.16
N ALA D 246 -9.77 -3.08 -32.15
CA ALA D 246 -11.09 -2.65 -31.71
C ALA D 246 -11.83 -1.95 -32.84
N TYR D 247 -11.13 -1.10 -33.58
CA TYR D 247 -11.75 -0.42 -34.71
C TYR D 247 -12.20 -1.41 -35.77
N ILE D 248 -11.32 -2.33 -36.16
CA ILE D 248 -11.62 -3.20 -37.29
C ILE D 248 -12.79 -4.11 -36.97
N LEU D 249 -12.79 -4.71 -35.78
CA LEU D 249 -13.84 -5.67 -35.47
C LEU D 249 -15.20 -5.01 -35.38
N GLN D 250 -15.26 -3.76 -34.91
CA GLN D 250 -16.50 -3.04 -34.68
C GLN D 250 -16.83 -2.09 -35.81
N ARG D 251 -16.23 -2.27 -36.97
CA ARG D 251 -16.30 -1.29 -38.04
C ARG D 251 -17.69 -1.29 -38.66
N GLU D 252 -18.34 -0.13 -38.65
CA GLU D 252 -19.61 0.06 -39.35
C GLU D 252 -19.49 1.33 -40.19
N ILE D 253 -19.87 1.23 -41.45
CA ILE D 253 -19.82 2.33 -42.41
C ILE D 253 -21.24 2.75 -42.71
N HIS D 254 -21.59 3.96 -42.29
CA HIS D 254 -22.86 4.58 -42.64
C HIS D 254 -22.65 5.42 -43.90
N GLU D 255 -22.49 4.73 -45.02
CA GLU D 255 -22.33 5.35 -46.30
C GLU D 255 -22.84 4.33 -47.32
N PRO D 256 -23.72 4.69 -48.24
CA PRO D 256 -24.14 3.71 -49.24
C PRO D 256 -23.05 3.48 -50.26
N GLU D 257 -23.22 2.41 -51.04
CA GLU D 257 -22.34 1.99 -52.12
C GLU D 257 -21.01 1.42 -51.64
N CYS D 258 -20.75 1.38 -50.32
CA CYS D 258 -19.55 0.77 -49.78
C CYS D 258 -19.83 0.07 -48.45
N ARG D 259 -21.08 -0.33 -48.21
CA ARG D 259 -21.41 -1.08 -47.00
C ARG D 259 -20.69 -2.42 -46.95
N HIS D 260 -20.33 -2.98 -48.10
CA HIS D 260 -19.67 -4.29 -48.13
C HIS D 260 -18.31 -4.27 -47.46
N LEU D 261 -17.71 -3.10 -47.22
CA LEU D 261 -16.48 -3.00 -46.47
C LEU D 261 -16.69 -3.08 -44.97
N SER D 262 -17.89 -2.81 -44.47
CA SER D 262 -18.10 -2.85 -43.03
C SER D 262 -18.11 -4.29 -42.55
N ARG D 263 -17.97 -4.45 -41.24
CA ARG D 263 -18.07 -5.74 -40.56
C ARG D 263 -19.21 -5.81 -39.57
N LYS D 264 -19.43 -4.75 -38.79
CA LYS D 264 -20.58 -4.66 -37.91
C LYS D 264 -21.75 -4.13 -38.71
N PHE D 265 -22.94 -4.61 -38.37
CA PHE D 265 -24.16 -4.24 -39.08
C PHE D 265 -25.27 -4.14 -38.06
N THR D 266 -25.65 -2.91 -37.72
CA THR D 266 -26.69 -2.70 -36.73
C THR D 266 -28.04 -3.05 -37.32
N GLU D 267 -28.78 -3.90 -36.63
CA GLU D 267 -30.11 -4.32 -37.08
C GLU D 267 -31.23 -3.49 -36.46
N TRP D 268 -31.20 -3.27 -35.15
CA TRP D 268 -32.16 -2.33 -34.59
C TRP D 268 -31.63 -1.81 -33.26
N ALA D 269 -32.28 -0.75 -32.78
CA ALA D 269 -31.95 -0.15 -31.51
C ALA D 269 -33.24 0.24 -30.80
N TYR D 270 -33.29 -0.02 -29.51
CA TYR D 270 -34.24 0.56 -28.58
C TYR D 270 -33.43 1.40 -27.61
N GLY D 271 -34.09 1.91 -26.57
CA GLY D 271 -33.56 2.99 -25.75
C GLY D 271 -32.16 2.80 -25.23
N PRO D 272 -31.94 1.83 -24.33
CA PRO D 272 -30.58 1.49 -23.91
C PRO D 272 -29.93 0.35 -24.69
N VAL D 273 -30.72 -0.47 -25.38
CA VAL D 273 -30.31 -1.77 -25.90
C VAL D 273 -30.39 -1.74 -27.42
N HIS D 274 -29.41 -2.34 -28.09
CA HIS D 274 -29.45 -2.45 -29.53
C HIS D 274 -28.79 -3.73 -29.99
N SER D 275 -29.36 -4.31 -31.06
CA SER D 275 -28.97 -5.60 -31.59
C SER D 275 -28.32 -5.42 -32.95
N SER D 276 -27.14 -6.01 -33.10
CA SER D 276 -26.29 -5.83 -34.25
C SER D 276 -25.67 -7.17 -34.62
N LEU D 277 -25.27 -7.28 -35.87
CA LEU D 277 -24.55 -8.45 -36.36
C LEU D 277 -23.09 -8.09 -36.57
N TYR D 278 -22.21 -9.03 -36.26
CA TYR D 278 -20.77 -8.90 -36.44
C TYR D 278 -20.31 -9.96 -37.43
N ASP D 279 -19.23 -9.65 -38.16
CA ASP D 279 -18.86 -10.42 -39.33
C ASP D 279 -18.45 -11.84 -38.98
N LEU D 280 -17.54 -11.99 -38.01
CA LEU D 280 -17.04 -13.29 -37.54
C LEU D 280 -16.11 -13.99 -38.53
N SER D 281 -15.86 -13.43 -39.70
CA SER D 281 -14.93 -14.03 -40.64
C SER D 281 -13.50 -13.89 -40.13
N CYS D 282 -12.76 -14.99 -40.20
CA CYS D 282 -11.37 -15.08 -39.78
C CYS D 282 -11.15 -14.75 -38.30
N ILE D 283 -12.20 -14.85 -37.48
CA ILE D 283 -12.08 -14.71 -36.04
C ILE D 283 -11.83 -16.05 -35.39
N ASP D 284 -12.56 -17.07 -35.83
CA ASP D 284 -12.47 -18.43 -35.29
C ASP D 284 -12.04 -19.45 -36.33
N THR D 285 -12.60 -19.39 -37.53
CA THR D 285 -12.30 -20.29 -38.62
C THR D 285 -11.75 -19.48 -39.76
N CYS D 286 -10.45 -19.64 -40.01
CA CYS D 286 -9.76 -18.99 -41.13
C CYS D 286 -8.95 -19.96 -41.97
N GLU D 287 -8.54 -21.10 -41.40
CA GLU D 287 -7.73 -22.15 -42.03
C GLU D 287 -6.25 -21.77 -42.19
N LYS D 288 -5.87 -20.52 -41.91
CA LYS D 288 -4.45 -20.13 -41.89
C LYS D 288 -4.02 -19.63 -40.51
N ASN D 289 -4.60 -18.53 -40.01
CA ASN D 289 -4.17 -17.98 -38.72
C ASN D 289 -5.27 -17.04 -38.22
N SER D 290 -6.15 -17.55 -37.35
CA SER D 290 -7.29 -16.78 -36.89
C SER D 290 -6.88 -15.83 -35.77
N VAL D 291 -7.81 -14.96 -35.40
CA VAL D 291 -7.51 -13.96 -34.38
C VAL D 291 -7.30 -14.62 -33.03
N LEU D 292 -8.15 -15.59 -32.70
CA LEU D 292 -8.10 -16.19 -31.37
C LEU D 292 -6.85 -17.03 -31.20
N GLU D 293 -6.42 -17.71 -32.27
CA GLU D 293 -5.14 -18.42 -32.21
C GLU D 293 -4.00 -17.46 -32.00
N VAL D 294 -4.02 -16.32 -32.69
CA VAL D 294 -2.93 -15.37 -32.59
C VAL D 294 -2.87 -14.76 -31.21
N ILE D 295 -4.02 -14.39 -30.65
CA ILE D 295 -4.02 -13.80 -29.31
C ILE D 295 -3.61 -14.84 -28.28
N ALA D 296 -4.19 -16.04 -28.35
CA ALA D 296 -3.98 -17.05 -27.32
C ALA D 296 -2.54 -17.52 -27.26
N TYR D 297 -1.95 -17.82 -28.42
CA TYR D 297 -0.60 -18.36 -28.49
C TYR D 297 0.44 -17.26 -28.62
N SER D 298 0.16 -16.07 -28.11
CA SER D 298 1.16 -15.02 -28.08
C SER D 298 2.21 -15.32 -27.02
N SER D 299 3.34 -14.62 -27.13
CA SER D 299 4.53 -14.93 -26.34
C SER D 299 4.65 -14.11 -25.07
N SER D 300 3.53 -13.58 -24.54
CA SER D 300 3.47 -12.94 -23.22
C SER D 300 4.12 -11.55 -23.16
N GLU D 301 4.80 -11.12 -24.22
CA GLU D 301 5.32 -9.77 -24.34
C GLU D 301 4.36 -8.84 -25.06
N THR D 302 3.27 -9.35 -25.62
CA THR D 302 2.29 -8.54 -26.29
C THR D 302 1.65 -7.57 -25.26
N PRO D 303 1.65 -6.25 -25.49
CA PRO D 303 1.26 -5.35 -24.40
C PRO D 303 -0.16 -5.50 -23.88
N ASN D 304 -1.12 -5.81 -24.74
CA ASN D 304 -2.54 -5.82 -24.39
C ASN D 304 -3.11 -7.22 -24.58
N ARG D 305 -2.34 -8.21 -24.16
CA ARG D 305 -2.68 -9.60 -24.41
C ARG D 305 -4.00 -9.97 -23.75
N HIS D 306 -4.26 -9.43 -22.56
CA HIS D 306 -5.52 -9.72 -21.90
C HIS D 306 -6.63 -8.80 -22.36
N ASP D 307 -6.31 -7.56 -22.64
CA ASP D 307 -7.33 -6.57 -22.95
C ASP D 307 -7.94 -6.83 -24.32
N MET D 308 -7.19 -7.47 -25.22
CA MET D 308 -7.72 -7.76 -26.55
C MET D 308 -8.90 -8.72 -26.49
N LEU D 309 -8.99 -9.55 -25.46
CA LEU D 309 -10.15 -10.42 -25.32
C LEU D 309 -11.39 -9.71 -24.78
N LEU D 310 -11.26 -8.45 -24.34
CA LEU D 310 -12.40 -7.68 -23.88
C LEU D 310 -13.18 -7.02 -25.00
N VAL D 311 -12.67 -7.03 -26.23
CA VAL D 311 -13.43 -6.50 -27.36
C VAL D 311 -14.68 -7.33 -27.54
N GLU D 312 -15.82 -6.65 -27.67
CA GLU D 312 -17.15 -7.21 -27.48
C GLU D 312 -17.48 -8.45 -28.30
N PRO D 313 -17.28 -8.47 -29.63
CA PRO D 313 -17.57 -9.72 -30.36
C PRO D 313 -16.74 -10.89 -29.88
N LEU D 314 -15.49 -10.66 -29.49
CA LEU D 314 -14.69 -11.76 -28.97
C LEU D 314 -15.20 -12.24 -27.63
N ASN D 315 -15.54 -11.33 -26.72
CA ASN D 315 -16.00 -11.74 -25.41
C ASN D 315 -17.30 -12.52 -25.50
N ARG D 316 -18.23 -12.03 -26.31
CA ARG D 316 -19.48 -12.77 -26.52
C ARG D 316 -19.23 -14.10 -27.19
N LEU D 317 -18.29 -14.14 -28.15
CA LEU D 317 -18.01 -15.37 -28.87
C LEU D 317 -17.47 -16.44 -27.95
N LEU D 318 -16.53 -16.06 -27.09
CA LEU D 318 -15.96 -17.02 -26.16
C LEU D 318 -16.99 -17.48 -25.14
N GLN D 319 -17.80 -16.54 -24.65
CA GLN D 319 -18.84 -16.94 -23.70
C GLN D 319 -19.83 -17.90 -24.33
N ASP D 320 -20.17 -17.67 -25.60
CA ASP D 320 -21.07 -18.57 -26.30
C ASP D 320 -20.46 -19.95 -26.44
N LYS D 321 -19.21 -20.01 -26.88
CA LYS D 321 -18.57 -21.32 -27.08
C LYS D 321 -18.45 -22.07 -25.77
N TRP D 322 -18.12 -21.36 -24.69
CA TRP D 322 -18.02 -21.99 -23.38
C TRP D 322 -19.37 -22.55 -22.96
N ASP D 323 -20.40 -21.71 -22.96
CA ASP D 323 -21.69 -22.15 -22.46
C ASP D 323 -22.40 -23.13 -23.38
N ARG D 324 -21.96 -23.27 -24.62
CA ARG D 324 -22.67 -24.18 -25.52
C ARG D 324 -22.23 -25.62 -25.31
N PHE D 325 -20.96 -25.92 -25.61
CA PHE D 325 -20.46 -27.30 -25.59
C PHE D 325 -19.13 -27.50 -24.90
N VAL D 326 -18.30 -26.47 -24.71
CA VAL D 326 -16.95 -26.73 -24.20
C VAL D 326 -16.98 -27.00 -22.70
N LYS D 327 -17.90 -26.38 -21.97
CA LYS D 327 -17.91 -26.50 -20.52
C LYS D 327 -18.12 -27.95 -20.08
N ARG D 328 -19.05 -28.65 -20.74
CA ARG D 328 -19.29 -30.05 -20.41
C ARG D 328 -18.07 -30.90 -20.72
N ILE D 329 -17.40 -30.61 -21.84
CA ILE D 329 -16.23 -31.40 -22.21
C ILE D 329 -15.12 -31.18 -21.21
N PHE D 330 -14.93 -29.95 -20.75
CA PHE D 330 -13.91 -29.67 -19.77
C PHE D 330 -14.17 -30.41 -18.46
N TYR D 331 -15.41 -30.39 -17.98
CA TYR D 331 -15.72 -31.13 -16.76
C TYR D 331 -15.56 -32.62 -16.94
N PHE D 332 -15.91 -33.13 -18.12
CA PHE D 332 -15.71 -34.54 -18.40
C PHE D 332 -14.24 -34.91 -18.36
N ASN D 333 -13.39 -34.07 -18.95
CA ASN D 333 -11.95 -34.33 -18.91
C ASN D 333 -11.42 -34.32 -17.49
N PHE D 334 -11.87 -33.36 -16.69
CA PHE D 334 -11.41 -33.30 -15.32
C PHE D 334 -11.85 -34.53 -14.53
N PHE D 335 -13.07 -34.97 -14.76
CA PHE D 335 -13.56 -36.18 -14.09
C PHE D 335 -12.72 -37.39 -14.48
N VAL D 336 -12.42 -37.52 -15.76
CA VAL D 336 -11.64 -38.68 -16.21
C VAL D 336 -10.25 -38.63 -15.61
N TYR D 337 -9.66 -37.44 -15.51
CA TYR D 337 -8.36 -37.34 -14.88
C TYR D 337 -8.41 -37.74 -13.42
N CYS D 338 -9.47 -37.36 -12.72
CA CYS D 338 -9.62 -37.78 -11.32
C CYS D 338 -9.69 -39.29 -11.21
N LEU D 339 -10.44 -39.94 -12.10
CA LEU D 339 -10.49 -41.40 -12.07
C LEU D 339 -9.13 -42.00 -12.36
N TYR D 340 -8.41 -41.40 -13.31
CA TYR D 340 -7.09 -41.90 -13.66
C TYR D 340 -6.15 -41.83 -12.47
N MET D 341 -6.16 -40.71 -11.76
CA MET D 341 -5.26 -40.58 -10.63
C MET D 341 -5.66 -41.51 -9.49
N ILE D 342 -6.95 -41.74 -9.30
CA ILE D 342 -7.36 -42.67 -8.24
C ILE D 342 -6.91 -44.08 -8.57
N ILE D 343 -7.05 -44.49 -9.82
CA ILE D 343 -6.60 -45.82 -10.21
C ILE D 343 -5.09 -45.93 -10.09
N PHE D 344 -4.36 -44.88 -10.46
CA PHE D 344 -2.91 -44.90 -10.33
C PHE D 344 -2.51 -45.03 -8.87
N THR D 345 -3.17 -44.28 -7.99
CA THR D 345 -2.86 -44.35 -6.57
C THR D 345 -3.12 -45.74 -6.03
N ALA D 346 -4.26 -46.32 -6.38
CA ALA D 346 -4.60 -47.64 -5.87
C ALA D 346 -3.64 -48.69 -6.37
N ALA D 347 -3.25 -48.61 -7.64
CA ALA D 347 -2.29 -49.58 -8.16
C ALA D 347 -0.94 -49.43 -7.51
N ALA D 348 -0.48 -48.20 -7.33
CA ALA D 348 0.83 -47.98 -6.76
C ALA D 348 0.87 -48.38 -5.30
N TYR D 349 -0.22 -48.15 -4.56
CA TYR D 349 -0.24 -48.44 -3.14
C TYR D 349 0.02 -49.91 -2.86
N TYR D 350 -0.58 -50.78 -3.67
CA TYR D 350 -0.55 -52.21 -3.45
C TYR D 350 0.51 -52.91 -4.28
N ARG D 351 1.65 -52.27 -4.52
CA ARG D 351 2.69 -52.92 -5.29
C ARG D 351 3.23 -54.11 -4.49
N PRO D 352 3.70 -55.16 -5.15
CA PRO D 352 4.27 -56.27 -4.39
C PRO D 352 5.59 -55.86 -3.77
N VAL D 353 5.90 -56.49 -2.64
CA VAL D 353 7.04 -56.13 -1.81
C VAL D 353 8.15 -57.17 -1.87
N GLU D 354 8.07 -58.15 -2.77
CA GLU D 354 9.13 -59.12 -2.97
C GLU D 354 10.29 -58.45 -3.72
N GLY D 355 11.32 -59.22 -4.08
CA GLY D 355 12.43 -58.67 -4.83
C GLY D 355 12.28 -58.80 -6.33
N LEU D 356 13.05 -57.98 -7.04
CA LEU D 356 13.38 -58.19 -8.44
C LEU D 356 12.18 -58.28 -9.38
N PRO D 357 11.61 -57.16 -9.85
CA PRO D 357 10.56 -57.23 -10.88
C PRO D 357 11.05 -57.89 -12.16
N PRO D 358 10.16 -58.18 -13.10
CA PRO D 358 8.70 -58.08 -13.07
C PRO D 358 8.12 -59.20 -12.25
N TYR D 359 6.89 -59.05 -11.79
CA TYR D 359 6.27 -59.96 -10.85
C TYR D 359 5.19 -60.77 -11.55
N LYS D 360 5.21 -62.08 -11.31
CA LYS D 360 4.29 -62.99 -11.97
C LYS D 360 2.92 -62.91 -11.32
N LEU D 361 1.89 -63.23 -12.10
CA LEU D 361 0.52 -63.17 -11.64
C LEU D 361 0.08 -64.49 -11.05
N LYS D 362 -0.75 -64.41 -10.01
CA LYS D 362 -1.43 -65.54 -9.42
C LYS D 362 -2.90 -65.49 -9.81
N ASN D 363 -3.52 -66.66 -9.89
CA ASN D 363 -4.93 -66.74 -10.26
C ASN D 363 -5.77 -66.33 -9.05
N THR D 364 -5.80 -65.01 -8.83
CA THR D 364 -6.58 -64.44 -7.75
C THR D 364 -6.99 -63.03 -8.13
N VAL D 365 -8.07 -62.56 -7.51
CA VAL D 365 -8.76 -61.35 -7.96
C VAL D 365 -7.88 -60.13 -7.80
N GLY D 366 -7.17 -60.04 -6.67
CA GLY D 366 -6.32 -58.89 -6.42
C GLY D 366 -5.26 -58.72 -7.47
N ASP D 367 -4.72 -59.83 -7.98
CA ASP D 367 -3.67 -59.72 -8.99
C ASP D 367 -4.23 -59.15 -10.28
N TYR D 368 -5.44 -59.56 -10.67
CA TYR D 368 -5.98 -59.07 -11.92
C TYR D 368 -6.37 -57.60 -11.82
N PHE D 369 -6.91 -57.19 -10.67
CA PHE D 369 -7.18 -55.77 -10.51
C PHE D 369 -5.89 -54.97 -10.45
N ARG D 370 -4.84 -55.51 -9.83
CA ARG D 370 -3.59 -54.78 -9.79
C ARG D 370 -2.98 -54.61 -11.17
N VAL D 371 -2.92 -55.69 -11.95
CA VAL D 371 -2.30 -55.56 -13.27
C VAL D 371 -3.17 -54.72 -14.18
N THR D 372 -4.49 -54.76 -13.99
CA THR D 372 -5.37 -53.85 -14.72
C THR D 372 -5.07 -52.40 -14.39
N GLY D 373 -4.91 -52.08 -13.11
CA GLY D 373 -4.57 -50.72 -12.75
C GLY D 373 -3.22 -50.29 -13.29
N GLU D 374 -2.26 -51.21 -13.28
CA GLU D 374 -0.94 -50.91 -13.84
C GLU D 374 -1.02 -50.61 -15.32
N ILE D 375 -1.79 -51.40 -16.06
CA ILE D 375 -1.91 -51.20 -17.49
C ILE D 375 -2.57 -49.85 -17.77
N LEU D 376 -3.62 -49.53 -17.03
CA LEU D 376 -4.29 -48.26 -17.26
C LEU D 376 -3.38 -47.08 -16.92
N SER D 377 -2.60 -47.21 -15.85
CA SER D 377 -1.69 -46.13 -15.48
C SER D 377 -0.64 -45.89 -16.55
N VAL D 378 -0.05 -46.97 -17.07
CA VAL D 378 0.97 -46.82 -18.09
C VAL D 378 0.36 -46.27 -19.36
N SER D 379 -0.88 -46.67 -19.66
CA SER D 379 -1.58 -46.13 -20.82
C SER D 379 -1.76 -44.62 -20.71
N GLY D 380 -2.15 -44.14 -19.54
CA GLY D 380 -2.30 -42.71 -19.36
C GLY D 380 -0.98 -41.98 -19.50
N GLY D 381 0.10 -42.57 -19.01
CA GLY D 381 1.40 -41.97 -19.19
C GLY D 381 1.79 -41.84 -20.64
N VAL D 382 1.53 -42.89 -21.42
CA VAL D 382 1.84 -42.85 -22.85
C VAL D 382 1.02 -41.77 -23.54
N TYR D 383 -0.26 -41.67 -23.17
CA TYR D 383 -1.12 -40.64 -23.75
C TYR D 383 -0.59 -39.25 -23.50
N PHE D 384 -0.23 -38.94 -22.26
CA PHE D 384 0.29 -37.60 -21.98
C PHE D 384 1.62 -37.37 -22.66
N PHE D 385 2.43 -38.41 -22.83
CA PHE D 385 3.69 -38.26 -23.55
C PHE D 385 3.45 -37.80 -24.98
N PHE D 386 2.55 -38.47 -25.68
CA PHE D 386 2.33 -38.10 -27.07
C PHE D 386 1.63 -36.77 -27.21
N ARG D 387 0.73 -36.42 -26.28
CA ARG D 387 0.15 -35.08 -26.32
C ARG D 387 1.21 -34.02 -26.14
N GLY D 388 2.18 -34.26 -25.25
CA GLY D 388 3.26 -33.32 -25.07
C GLY D 388 4.09 -33.12 -26.32
N ILE D 389 4.41 -34.23 -27.00
CA ILE D 389 5.21 -34.09 -28.22
C ILE D 389 4.43 -33.36 -29.30
N GLN D 390 3.13 -33.64 -29.41
CA GLN D 390 2.32 -32.93 -30.39
C GLN D 390 2.31 -31.43 -30.10
N TYR D 391 2.21 -31.07 -28.83
CA TYR D 391 2.26 -29.65 -28.47
C TYR D 391 3.58 -29.04 -28.89
N PHE D 392 4.69 -29.67 -28.52
CA PHE D 392 5.98 -29.02 -28.75
C PHE D 392 6.30 -28.96 -30.23
N LEU D 393 5.81 -29.90 -31.03
CA LEU D 393 6.01 -29.77 -32.47
C LEU D 393 5.10 -28.70 -33.06
N GLN D 394 3.87 -28.59 -32.59
CA GLN D 394 2.97 -27.61 -33.20
C GLN D 394 3.37 -26.18 -32.88
N ARG D 395 3.85 -25.94 -31.66
CA ARG D 395 4.13 -24.57 -31.22
C ARG D 395 5.54 -24.12 -31.53
N ARG D 396 6.53 -25.00 -31.40
CA ARG D 396 7.93 -24.65 -31.59
C ARG D 396 8.35 -23.50 -30.67
N PRO D 397 8.18 -23.61 -29.38
CA PRO D 397 8.57 -22.51 -28.49
C PRO D 397 10.08 -22.37 -28.43
N SER D 398 10.52 -21.13 -28.28
CA SER D 398 11.93 -20.86 -28.10
C SER D 398 12.33 -21.17 -26.67
N LEU D 399 13.64 -21.30 -26.46
CA LEU D 399 14.14 -21.59 -25.13
C LEU D 399 13.84 -20.45 -24.16
N LYS D 400 13.88 -19.21 -24.65
CA LYS D 400 13.71 -18.06 -23.78
C LYS D 400 12.35 -18.04 -23.11
N SER D 401 11.31 -18.40 -23.86
CA SER D 401 9.94 -18.45 -23.36
C SER D 401 9.43 -19.87 -23.22
N LEU D 402 10.32 -20.86 -23.09
CA LEU D 402 9.87 -22.23 -22.92
C LEU D 402 9.09 -22.39 -21.63
N PHE D 403 9.59 -21.81 -20.54
CA PHE D 403 8.96 -21.92 -19.23
C PHE D 403 8.04 -20.77 -18.89
N VAL D 404 8.23 -19.61 -19.48
CA VAL D 404 7.40 -18.45 -19.14
C VAL D 404 5.95 -18.71 -19.55
N ASP D 405 5.76 -19.19 -20.77
CA ASP D 405 4.53 -19.83 -21.21
C ASP D 405 4.76 -21.34 -21.15
N SER D 406 3.72 -22.12 -21.38
CA SER D 406 3.83 -23.57 -21.51
C SER D 406 4.30 -24.24 -20.23
N TYR D 407 4.08 -23.62 -19.07
CA TYR D 407 4.46 -24.24 -17.81
C TYR D 407 3.71 -25.55 -17.59
N SER D 408 2.41 -25.53 -17.88
CA SER D 408 1.59 -26.70 -17.63
C SER D 408 1.96 -27.87 -18.53
N GLU D 409 2.26 -27.59 -19.80
CA GLU D 409 2.61 -28.67 -20.70
C GLU D 409 3.92 -29.31 -20.29
N ILE D 410 4.87 -28.51 -19.82
CA ILE D 410 6.14 -29.06 -19.37
C ILE D 410 5.91 -29.96 -18.17
N LEU D 411 5.05 -29.55 -17.25
CA LEU D 411 4.85 -30.38 -16.06
C LEU D 411 4.13 -31.69 -16.40
N PHE D 412 3.11 -31.63 -17.25
CA PHE D 412 2.46 -32.88 -17.65
C PHE D 412 3.44 -33.79 -18.40
N PHE D 413 4.29 -33.19 -19.23
CA PHE D 413 5.25 -33.99 -19.97
C PHE D 413 6.25 -34.65 -19.04
N VAL D 414 6.71 -33.92 -18.01
CA VAL D 414 7.69 -34.50 -17.10
C VAL D 414 7.07 -35.62 -16.28
N GLN D 415 5.79 -35.48 -15.92
CA GLN D 415 5.08 -36.59 -15.30
C GLN D 415 5.13 -37.81 -16.19
N SER D 416 4.85 -37.64 -17.48
CA SER D 416 4.88 -38.79 -18.36
C SER D 416 6.28 -39.36 -18.49
N LEU D 417 7.31 -38.53 -18.47
CA LEU D 417 8.67 -39.03 -18.57
C LEU D 417 9.02 -39.89 -17.36
N PHE D 418 8.60 -39.47 -16.16
CA PHE D 418 8.86 -40.31 -14.99
C PHE D 418 8.12 -41.63 -15.10
N MET D 419 6.90 -41.62 -15.63
CA MET D 419 6.18 -42.88 -15.81
C MET D 419 6.91 -43.80 -16.76
N LEU D 420 7.41 -43.27 -17.88
CA LEU D 420 8.05 -44.16 -18.85
C LEU D 420 9.39 -44.67 -18.34
N VAL D 421 10.14 -43.84 -17.63
CA VAL D 421 11.37 -44.31 -17.02
C VAL D 421 11.07 -45.40 -16.01
N SER D 422 9.97 -45.26 -15.27
CA SER D 422 9.57 -46.31 -14.36
C SER D 422 9.28 -47.61 -15.10
N VAL D 423 8.62 -47.53 -16.25
CA VAL D 423 8.32 -48.75 -17.00
C VAL D 423 9.62 -49.42 -17.47
N VAL D 424 10.55 -48.60 -17.97
CA VAL D 424 11.80 -49.13 -18.49
C VAL D 424 12.60 -49.81 -17.38
N LEU D 425 12.64 -49.19 -16.21
CA LEU D 425 13.31 -49.84 -15.09
C LEU D 425 12.57 -51.08 -14.62
N TYR D 426 11.24 -51.08 -14.75
CA TYR D 426 10.46 -52.24 -14.32
C TYR D 426 10.83 -53.46 -15.14
N PHE D 427 10.77 -53.34 -16.46
CA PHE D 427 11.07 -54.49 -17.30
C PHE D 427 12.57 -54.79 -17.39
N SER D 428 13.43 -53.89 -16.91
CA SER D 428 14.86 -54.16 -16.81
C SER D 428 15.24 -54.89 -15.53
N GLN D 429 14.27 -55.30 -14.71
CA GLN D 429 14.52 -56.05 -13.49
C GLN D 429 15.34 -55.23 -12.49
N ARG D 430 14.82 -54.06 -12.14
CA ARG D 430 15.41 -53.20 -11.11
C ARG D 430 14.32 -52.74 -10.17
N LYS D 431 14.57 -52.82 -8.87
CA LYS D 431 13.65 -52.26 -7.88
C LYS D 431 13.56 -50.75 -7.95
N GLU D 432 14.56 -50.08 -8.54
CA GLU D 432 14.61 -48.63 -8.51
C GLU D 432 13.48 -47.98 -9.28
N TYR D 433 12.71 -48.73 -10.07
CA TYR D 433 11.51 -48.19 -10.70
C TYR D 433 10.56 -47.57 -9.70
N VAL D 434 10.55 -48.08 -8.45
CA VAL D 434 9.67 -47.54 -7.42
C VAL D 434 9.96 -46.06 -7.24
N ALA D 435 11.24 -45.68 -7.23
CA ALA D 435 11.62 -44.29 -7.09
C ALA D 435 11.00 -43.43 -8.17
N SER D 436 11.14 -43.85 -9.42
CA SER D 436 10.57 -43.08 -10.51
C SER D 436 9.07 -43.00 -10.40
N MET D 437 8.43 -44.13 -10.05
CA MET D 437 6.99 -44.18 -9.97
C MET D 437 6.47 -43.16 -8.99
N VAL D 438 7.18 -43.03 -7.87
CA VAL D 438 6.65 -42.22 -6.78
C VAL D 438 6.65 -40.77 -7.20
N PHE D 439 7.68 -40.34 -7.94
CA PHE D 439 7.72 -38.94 -8.34
C PHE D 439 6.58 -38.63 -9.26
N SER D 440 6.29 -39.54 -10.18
CA SER D 440 5.20 -39.33 -11.11
C SER D 440 3.89 -39.25 -10.36
N LEU D 441 3.73 -40.09 -9.35
CA LEU D 441 2.49 -40.11 -8.59
C LEU D 441 2.30 -38.79 -7.89
N ALA D 442 3.38 -38.24 -7.32
CA ALA D 442 3.28 -36.96 -6.66
C ALA D 442 2.92 -35.88 -7.66
N MET D 443 3.58 -35.88 -8.81
CA MET D 443 3.29 -34.89 -9.82
C MET D 443 1.87 -35.03 -10.30
N GLY D 444 1.41 -36.28 -10.38
CA GLY D 444 0.08 -36.55 -10.87
C GLY D 444 -0.99 -35.90 -10.05
N TRP D 445 -0.77 -35.78 -8.75
CA TRP D 445 -1.78 -35.14 -7.93
C TRP D 445 -1.70 -33.64 -8.07
N THR D 446 -0.49 -33.08 -8.01
CA THR D 446 -0.39 -31.63 -7.96
C THR D 446 -0.78 -31.00 -9.28
N ASN D 447 -0.62 -31.74 -10.38
CA ASN D 447 -1.05 -31.25 -11.68
C ASN D 447 -2.54 -31.06 -11.77
N MET D 448 -3.33 -31.58 -10.83
CA MET D 448 -4.75 -31.27 -10.82
C MET D 448 -5.02 -29.79 -10.64
N LEU D 449 -4.07 -29.03 -10.11
CA LEU D 449 -4.28 -27.58 -10.04
C LEU D 449 -4.41 -26.94 -11.40
N TYR D 450 -3.92 -27.58 -12.46
CA TYR D 450 -4.17 -27.09 -13.81
C TYR D 450 -5.65 -26.92 -14.08
N TYR D 451 -6.47 -27.80 -13.53
CA TYR D 451 -7.89 -27.70 -13.78
C TYR D 451 -8.56 -26.61 -12.97
N THR D 452 -7.90 -26.01 -11.99
CA THR D 452 -8.51 -24.87 -11.33
C THR D 452 -8.43 -23.63 -12.19
N ARG D 453 -7.54 -23.60 -13.17
CA ARG D 453 -7.52 -22.53 -14.14
C ARG D 453 -8.84 -22.51 -14.89
N GLY D 454 -9.27 -21.33 -15.27
CA GLY D 454 -10.53 -21.18 -15.95
C GLY D 454 -11.72 -21.02 -15.03
N PHE D 455 -11.52 -21.04 -13.72
CA PHE D 455 -12.53 -20.66 -12.75
C PHE D 455 -12.16 -19.27 -12.27
N GLN D 456 -13.14 -18.38 -12.19
CA GLN D 456 -12.86 -17.02 -11.78
C GLN D 456 -12.27 -16.96 -10.38
N GLN D 457 -12.78 -17.79 -9.47
CA GLN D 457 -12.39 -17.72 -8.07
C GLN D 457 -11.11 -18.50 -7.79
N MET D 458 -11.08 -19.78 -8.18
CA MET D 458 -10.01 -20.67 -7.81
C MET D 458 -8.79 -20.56 -8.69
N GLY D 459 -8.91 -19.99 -9.87
CA GLY D 459 -7.83 -20.08 -10.84
C GLY D 459 -6.58 -19.36 -10.43
N ILE D 460 -6.66 -18.44 -9.47
CA ILE D 460 -5.53 -17.58 -9.19
C ILE D 460 -4.41 -18.32 -8.48
N TYR D 461 -4.70 -19.44 -7.84
CA TYR D 461 -3.67 -20.12 -7.06
C TYR D 461 -2.64 -20.77 -7.95
N ALA D 462 -3.07 -21.35 -9.07
CA ALA D 462 -2.13 -21.91 -10.03
C ALA D 462 -1.22 -20.83 -10.60
N VAL D 463 -1.78 -19.66 -10.89
CA VAL D 463 -0.97 -18.60 -11.47
C VAL D 463 0.01 -18.08 -10.45
N MET D 464 -0.45 -17.89 -9.21
CA MET D 464 0.46 -17.42 -8.17
C MET D 464 1.60 -18.38 -7.96
N ILE D 465 1.31 -19.68 -7.95
CA ILE D 465 2.37 -20.66 -7.71
C ILE D 465 3.35 -20.67 -8.86
N GLU D 466 2.83 -20.61 -10.09
CA GLU D 466 3.69 -20.60 -11.26
C GLU D 466 4.61 -19.40 -11.24
N LYS D 467 4.07 -18.22 -10.99
CA LYS D 467 4.91 -17.03 -11.02
C LYS D 467 5.89 -17.02 -9.86
N MET D 468 5.49 -17.51 -8.69
CA MET D 468 6.42 -17.52 -7.57
C MET D 468 7.59 -18.46 -7.82
N ILE D 469 7.32 -19.67 -8.32
CA ILE D 469 8.41 -20.59 -8.58
C ILE D 469 9.31 -20.08 -9.68
N LEU D 470 8.75 -19.54 -10.76
CA LEU D 470 9.61 -19.15 -11.88
C LEU D 470 10.37 -17.88 -11.58
N ARG D 471 9.76 -16.89 -10.93
CA ARG D 471 10.42 -15.61 -10.72
C ARG D 471 11.17 -15.54 -9.41
N ASP D 472 10.51 -15.80 -8.29
CA ASP D 472 11.10 -15.44 -7.01
C ASP D 472 12.08 -16.49 -6.50
N LEU D 473 11.68 -17.75 -6.46
CA LEU D 473 12.57 -18.73 -5.85
C LEU D 473 13.81 -18.95 -6.70
N CYS D 474 13.68 -18.91 -8.02
CA CYS D 474 14.87 -19.10 -8.86
C CYS D 474 15.88 -17.99 -8.65
N ARG D 475 15.44 -16.75 -8.54
CA ARG D 475 16.40 -15.69 -8.28
C ARG D 475 16.96 -15.79 -6.88
N PHE D 476 16.12 -16.15 -5.90
CA PHE D 476 16.58 -16.21 -4.54
C PHE D 476 17.58 -17.33 -4.31
N MET D 477 17.53 -18.38 -5.13
CA MET D 477 18.38 -19.54 -4.88
C MET D 477 19.86 -19.18 -4.96
N PHE D 478 20.27 -18.30 -5.86
CA PHE D 478 21.69 -18.00 -5.93
C PHE D 478 22.15 -17.27 -4.68
N VAL D 479 21.37 -16.32 -4.19
CA VAL D 479 21.72 -15.59 -2.98
C VAL D 479 21.83 -16.55 -1.81
N TYR D 480 20.82 -17.39 -1.68
CA TYR D 480 20.80 -18.29 -0.55
C TYR D 480 21.93 -19.29 -0.62
N LEU D 481 22.19 -19.85 -1.79
CA LEU D 481 23.24 -20.85 -1.88
C LEU D 481 24.61 -20.25 -1.67
N VAL D 482 24.81 -18.99 -2.03
CA VAL D 482 26.06 -18.34 -1.68
C VAL D 482 26.23 -18.33 -0.18
N PHE D 483 25.19 -17.93 0.54
CA PHE D 483 25.31 -17.88 2.00
C PHE D 483 25.50 -19.25 2.59
N LEU D 484 24.73 -20.22 2.12
CA LEU D 484 24.75 -21.55 2.70
C LEU D 484 26.10 -22.21 2.49
N PHE D 485 26.62 -22.14 1.27
CA PHE D 485 27.87 -22.81 1.00
C PHE D 485 29.03 -22.12 1.70
N GLY D 486 29.00 -20.78 1.78
CA GLY D 486 30.09 -20.10 2.47
C GLY D 486 30.14 -20.43 3.94
N PHE D 487 29.02 -20.30 4.64
CA PHE D 487 29.06 -20.59 6.06
C PHE D 487 29.26 -22.07 6.32
N SER D 488 28.73 -22.92 5.45
CA SER D 488 28.84 -24.36 5.64
C SER D 488 30.28 -24.82 5.52
N THR D 489 30.99 -24.35 4.49
CA THR D 489 32.38 -24.75 4.38
C THR D 489 33.23 -24.12 5.45
N ALA D 490 32.85 -22.95 5.96
CA ALA D 490 33.55 -22.40 7.12
C ALA D 490 33.44 -23.32 8.32
N VAL D 491 32.23 -23.79 8.62
CA VAL D 491 32.03 -24.67 9.77
C VAL D 491 32.79 -25.96 9.59
N VAL D 492 32.73 -26.53 8.39
CA VAL D 492 33.35 -27.83 8.15
C VAL D 492 34.87 -27.73 8.26
N THR D 493 35.46 -26.63 7.79
CA THR D 493 36.89 -26.46 7.95
C THR D 493 37.26 -26.37 9.42
N LEU D 494 36.49 -25.60 10.19
CA LEU D 494 36.90 -25.32 11.56
C LEU D 494 36.88 -26.57 12.43
N ILE D 495 35.87 -27.37 12.30
CA ILE D 495 35.61 -28.50 13.18
C ILE D 495 36.34 -29.70 12.63
N GLU D 496 36.89 -30.54 13.52
CA GLU D 496 37.54 -31.77 13.09
C GLU D 496 36.87 -32.90 13.86
N ASP D 497 36.53 -33.99 13.17
CA ASP D 497 35.91 -35.17 13.80
C ASP D 497 34.65 -34.96 14.62
N GLY D 498 33.50 -34.79 13.98
CA GLY D 498 32.24 -34.67 14.69
C GLY D 498 31.05 -34.75 13.76
N LYS D 499 29.88 -34.46 14.34
CA LYS D 499 28.67 -34.33 13.55
C LYS D 499 28.82 -33.24 12.50
N TYR D 500 29.39 -32.09 12.88
CA TYR D 500 29.75 -31.05 11.94
C TYR D 500 31.14 -31.29 11.36
N ASN D 501 31.37 -32.42 10.69
CA ASN D 501 32.62 -32.59 9.95
C ASN D 501 32.38 -33.27 8.61
N SER D 502 31.23 -33.00 8.00
CA SER D 502 30.94 -33.45 6.66
C SER D 502 30.07 -32.39 6.03
N LEU D 503 30.19 -32.23 4.72
CA LEU D 503 29.37 -31.22 4.06
C LEU D 503 27.90 -31.59 4.16
N TYR D 504 27.57 -32.87 4.15
CA TYR D 504 26.18 -33.27 4.09
C TYR D 504 25.43 -32.89 5.35
N SER D 505 25.92 -33.34 6.50
CA SER D 505 25.20 -33.08 7.73
C SER D 505 25.20 -31.60 8.06
N THR D 506 26.31 -30.91 7.81
CA THR D 506 26.33 -29.48 8.08
C THR D 506 25.41 -28.71 7.15
N CYS D 507 25.35 -29.09 5.89
CA CYS D 507 24.40 -28.44 4.98
C CYS D 507 22.98 -28.66 5.43
N LEU D 508 22.66 -29.87 5.88
CA LEU D 508 21.31 -30.11 6.34
C LEU D 508 20.99 -29.31 7.58
N GLU D 509 21.93 -29.24 8.51
CA GLU D 509 21.66 -28.50 9.74
C GLU D 509 21.52 -27.02 9.48
N LEU D 510 22.35 -26.45 8.64
CA LEU D 510 22.23 -25.03 8.35
C LEU D 510 20.97 -24.74 7.55
N PHE D 511 20.57 -25.65 6.67
CA PHE D 511 19.29 -25.48 6.00
C PHE D 511 18.15 -25.52 6.99
N LYS D 512 18.20 -26.44 7.96
CA LYS D 512 17.19 -26.47 9.01
C LYS D 512 17.15 -25.15 9.76
N PHE D 513 18.31 -24.58 10.04
CA PHE D 513 18.36 -23.31 10.77
C PHE D 513 17.68 -22.21 9.98
N THR D 514 17.79 -22.24 8.66
CA THR D 514 17.12 -21.21 7.87
C THR D 514 15.61 -21.30 8.00
N ILE D 515 15.05 -22.51 7.99
CA ILE D 515 13.60 -22.68 8.10
C ILE D 515 13.17 -22.85 9.56
N GLY D 516 14.05 -22.52 10.50
CA GLY D 516 13.63 -22.31 11.86
C GLY D 516 13.39 -23.55 12.69
N MET D 517 14.00 -24.67 12.31
CA MET D 517 13.89 -25.92 13.07
C MET D 517 15.26 -26.49 13.32
N GLY D 518 16.22 -25.63 13.65
CA GLY D 518 17.49 -26.06 14.17
C GLY D 518 17.36 -26.27 15.65
N ASP D 519 18.52 -26.30 16.33
CA ASP D 519 18.54 -26.50 17.78
C ASP D 519 19.51 -25.62 18.55
N LEU D 520 20.61 -25.13 17.97
CA LEU D 520 21.61 -24.27 18.64
C LEU D 520 22.07 -24.84 19.99
N GLU D 521 22.37 -26.13 20.00
CA GLU D 521 22.82 -26.82 21.21
C GLU D 521 24.35 -26.82 21.26
N PHE D 522 24.89 -25.83 21.93
CA PHE D 522 26.33 -25.69 22.13
C PHE D 522 26.79 -26.43 23.39
N THR D 523 26.63 -27.75 23.34
CA THR D 523 27.05 -28.64 24.42
C THR D 523 28.26 -29.49 24.05
N GLU D 524 28.75 -29.41 22.82
CA GLU D 524 29.71 -30.36 22.30
C GLU D 524 31.12 -29.84 22.56
N ASN D 525 31.99 -30.73 23.02
CA ASN D 525 33.33 -30.35 23.44
C ASN D 525 34.21 -30.20 22.22
N TYR D 526 34.65 -28.97 21.95
CA TYR D 526 35.57 -28.74 20.84
C TYR D 526 36.36 -27.48 21.09
N ASP D 527 37.50 -27.42 20.40
CA ASP D 527 38.33 -26.23 20.30
C ASP D 527 37.67 -25.19 19.41
N PHE D 528 38.00 -23.92 19.67
CA PHE D 528 37.37 -22.80 18.98
C PHE D 528 35.85 -22.83 19.16
N LYS D 529 35.39 -23.12 20.37
CA LYS D 529 33.96 -23.07 20.63
C LYS D 529 33.43 -21.65 20.42
N ALA D 530 34.20 -20.64 20.80
CA ALA D 530 33.75 -19.26 20.66
C ALA D 530 33.54 -18.89 19.20
N VAL D 531 34.49 -19.27 18.34
CA VAL D 531 34.39 -18.94 16.93
C VAL D 531 33.23 -19.67 16.30
N PHE D 532 33.04 -20.92 16.68
CA PHE D 532 31.91 -21.70 16.21
C PHE D 532 30.59 -21.02 16.56
N ILE D 533 30.48 -20.54 17.79
CA ILE D 533 29.23 -19.94 18.22
C ILE D 533 28.99 -18.63 17.48
N ILE D 534 30.04 -17.81 17.31
CA ILE D 534 29.86 -16.56 16.60
C ILE D 534 29.42 -16.83 15.18
N LEU D 535 29.99 -17.86 14.56
CA LEU D 535 29.58 -18.19 13.20
C LEU D 535 28.13 -18.61 13.14
N LEU D 536 27.69 -19.47 14.06
CA LEU D 536 26.31 -19.92 14.00
C LEU D 536 25.34 -18.78 14.23
N LEU D 537 25.64 -17.92 15.19
CA LEU D 537 24.72 -16.83 15.47
C LEU D 537 24.69 -15.82 14.33
N ALA D 538 25.84 -15.56 13.70
CA ALA D 538 25.85 -14.70 12.55
C ALA D 538 25.04 -15.30 11.42
N TYR D 539 25.17 -16.61 11.21
CA TYR D 539 24.42 -17.28 10.16
C TYR D 539 22.92 -17.22 10.42
N VAL D 540 22.53 -17.45 11.67
CA VAL D 540 21.10 -17.43 12.00
C VAL D 540 20.53 -16.05 11.77
N ILE D 541 21.25 -15.02 12.20
CA ILE D 541 20.79 -13.65 11.98
C ILE D 541 20.69 -13.35 10.50
N LEU D 542 21.69 -13.75 9.73
CA LEU D 542 21.73 -13.37 8.34
C LEU D 542 20.69 -14.10 7.52
N THR D 543 20.48 -15.39 7.77
CA THR D 543 19.57 -16.18 6.95
C THR D 543 18.16 -16.22 7.50
N TYR D 544 17.99 -16.40 8.79
CA TYR D 544 16.64 -16.49 9.33
C TYR D 544 15.96 -15.14 9.33
N ILE D 545 16.62 -14.11 9.84
CA ILE D 545 15.96 -12.83 10.05
C ILE D 545 15.96 -12.00 8.79
N LEU D 546 17.13 -11.80 8.17
CA LEU D 546 17.21 -10.91 7.01
C LEU D 546 16.69 -11.60 5.76
N LEU D 547 17.33 -12.68 5.35
CA LEU D 547 17.11 -13.18 3.99
C LEU D 547 15.72 -13.79 3.83
N LEU D 548 15.29 -14.61 4.78
CA LEU D 548 14.01 -15.28 4.63
C LEU D 548 12.86 -14.29 4.61
N ASN D 549 12.91 -13.29 5.49
CA ASN D 549 11.86 -12.29 5.47
C ASN D 549 11.93 -11.42 4.24
N MET D 550 13.12 -11.25 3.68
CA MET D 550 13.24 -10.53 2.42
C MET D 550 12.51 -11.26 1.30
N LEU D 551 12.72 -12.58 1.24
CA LEU D 551 11.98 -13.39 0.26
C LEU D 551 10.49 -13.31 0.52
N ILE D 552 10.09 -13.37 1.76
CA ILE D 552 8.67 -13.38 2.06
C ILE D 552 8.04 -12.06 1.66
N ALA D 553 8.77 -10.96 1.84
CA ALA D 553 8.28 -9.67 1.38
C ALA D 553 8.13 -9.65 -0.13
N LEU D 554 9.09 -10.20 -0.84
CA LEU D 554 9.00 -10.21 -2.29
C LEU D 554 7.86 -11.08 -2.78
N MET D 555 7.66 -12.25 -2.18
CA MET D 555 6.57 -13.10 -2.62
C MET D 555 5.23 -12.46 -2.31
N GLY D 556 5.12 -11.78 -1.17
CA GLY D 556 3.88 -11.07 -0.87
C GLY D 556 3.61 -9.95 -1.84
N GLU D 557 4.65 -9.26 -2.28
CA GLU D 557 4.47 -8.25 -3.32
C GLU D 557 3.98 -8.89 -4.61
N THR D 558 4.54 -10.03 -4.98
CA THR D 558 4.09 -10.72 -6.19
C THR D 558 2.63 -11.12 -6.09
N VAL D 559 2.22 -11.62 -4.92
CA VAL D 559 0.83 -12.03 -4.75
C VAL D 559 -0.09 -10.83 -4.79
N ASN D 560 0.33 -9.70 -4.25
CA ASN D 560 -0.50 -8.53 -4.40
C ASN D 560 -0.56 -8.06 -5.84
N LYS D 561 0.46 -8.33 -6.62
CA LYS D 561 0.53 -7.77 -7.97
C LYS D 561 -0.55 -8.37 -8.85
N ILE D 562 -0.88 -9.64 -8.66
CA ILE D 562 -1.86 -10.35 -9.47
C ILE D 562 -3.13 -10.67 -8.69
N ALA D 563 -3.30 -10.14 -7.49
CA ALA D 563 -4.64 -10.10 -6.94
C ALA D 563 -5.52 -9.24 -7.81
N GLN D 564 -4.99 -8.10 -8.25
CA GLN D 564 -5.79 -7.17 -9.03
C GLN D 564 -6.03 -7.65 -10.46
N GLU D 565 -5.17 -8.50 -11.00
CA GLU D 565 -5.23 -8.90 -12.40
C GLU D 565 -6.03 -10.17 -12.63
N SER D 566 -6.68 -10.72 -11.61
CA SER D 566 -7.35 -12.02 -11.71
C SER D 566 -8.45 -12.01 -12.77
N LYS D 567 -9.25 -10.94 -12.80
CA LYS D 567 -10.40 -10.84 -13.69
C LYS D 567 -10.03 -10.96 -15.16
N ASN D 568 -8.78 -10.71 -15.52
CA ASN D 568 -8.28 -10.82 -16.88
C ASN D 568 -7.67 -12.18 -17.17
N ILE D 569 -6.87 -12.65 -16.22
CA ILE D 569 -6.14 -13.90 -16.39
C ILE D 569 -7.12 -15.04 -16.56
N TRP D 570 -8.24 -14.98 -15.84
CA TRP D 570 -9.27 -15.99 -15.99
C TRP D 570 -9.77 -16.11 -17.42
N LYS D 571 -10.04 -14.97 -18.07
CA LYS D 571 -10.55 -14.99 -19.43
C LYS D 571 -9.52 -15.54 -20.39
N LEU D 572 -8.26 -15.16 -20.20
CA LEU D 572 -7.22 -15.67 -21.07
C LEU D 572 -7.09 -17.19 -20.97
N GLN D 573 -7.13 -17.72 -19.75
CA GLN D 573 -7.09 -19.18 -19.56
C GLN D 573 -8.26 -19.85 -20.24
N ARG D 574 -9.46 -19.28 -20.09
CA ARG D 574 -10.64 -19.88 -20.68
C ARG D 574 -10.54 -19.89 -22.21
N ALA D 575 -9.97 -18.84 -22.78
CA ALA D 575 -9.79 -18.78 -24.22
C ALA D 575 -8.86 -19.89 -24.70
N ILE D 576 -7.76 -20.08 -23.99
CA ILE D 576 -6.81 -21.11 -24.40
C ILE D 576 -7.44 -22.49 -24.29
N THR D 577 -8.21 -22.71 -23.22
CA THR D 577 -8.90 -23.98 -23.04
C THR D 577 -9.86 -24.24 -24.19
N ILE D 578 -10.63 -23.23 -24.59
CA ILE D 578 -11.61 -23.39 -25.66
C ILE D 578 -10.90 -23.76 -26.95
N LEU D 579 -9.79 -23.09 -27.23
CA LEU D 579 -9.08 -23.38 -28.47
C LEU D 579 -8.54 -24.80 -28.49
N ASP D 580 -7.95 -25.25 -27.37
CA ASP D 580 -7.43 -26.62 -27.34
C ASP D 580 -8.54 -27.65 -27.47
N THR D 581 -9.67 -27.42 -26.80
CA THR D 581 -10.79 -28.35 -26.89
C THR D 581 -11.33 -28.43 -28.30
N GLU D 582 -11.45 -27.29 -28.99
CA GLU D 582 -11.88 -27.35 -30.38
C GLU D 582 -10.84 -27.99 -31.26
N LYS D 583 -9.55 -27.80 -30.97
CA LYS D 583 -8.52 -28.36 -31.83
C LYS D 583 -8.49 -29.88 -31.76
N SER D 584 -8.56 -30.45 -30.55
CA SER D 584 -8.44 -31.91 -30.47
C SER D 584 -9.78 -32.58 -30.81
N PHE D 585 -10.75 -32.51 -29.89
CA PHE D 585 -12.16 -32.82 -30.14
C PHE D 585 -12.52 -34.30 -30.37
N LEU D 586 -11.52 -35.16 -30.67
CA LEU D 586 -11.62 -36.63 -30.67
C LEU D 586 -12.87 -37.19 -31.35
N LYS D 587 -13.43 -36.47 -32.34
CA LYS D 587 -14.61 -36.91 -33.07
C LYS D 587 -14.54 -36.69 -34.56
N CYS D 588 -13.55 -35.93 -35.07
CA CYS D 588 -13.36 -35.66 -36.49
C CYS D 588 -14.44 -34.77 -37.10
N MET D 589 -15.36 -34.25 -36.29
CA MET D 589 -16.37 -33.30 -36.70
C MET D 589 -15.91 -31.92 -36.28
N ARG D 590 -16.36 -30.91 -37.03
CA ARG D 590 -16.18 -29.51 -36.66
C ARG D 590 -17.46 -28.77 -36.88
N LYS D 591 -18.57 -29.34 -36.41
CA LYS D 591 -19.86 -28.65 -36.36
C LYS D 591 -19.92 -27.75 -35.13
N ALA D 592 -19.04 -26.75 -35.15
CA ALA D 592 -18.89 -25.74 -34.10
C ALA D 592 -18.99 -24.36 -34.71
N PHE D 593 -19.77 -24.20 -35.78
CA PHE D 593 -20.11 -22.87 -36.24
C PHE D 593 -21.05 -22.24 -35.22
N ARG D 594 -21.10 -20.91 -35.22
CA ARG D 594 -21.81 -20.17 -34.19
C ARG D 594 -23.22 -19.78 -34.63
N SER D 595 -23.33 -18.82 -35.52
CA SER D 595 -24.61 -18.32 -36.01
C SER D 595 -24.76 -18.72 -37.46
N GLY D 596 -25.90 -18.39 -38.03
CA GLY D 596 -26.23 -18.88 -39.35
C GLY D 596 -25.36 -18.26 -40.40
N LYS D 597 -25.37 -18.87 -41.59
CA LYS D 597 -24.73 -18.30 -42.76
C LYS D 597 -25.68 -17.26 -43.33
N LEU D 598 -25.76 -16.14 -42.63
CA LEU D 598 -26.73 -15.10 -42.94
C LEU D 598 -26.19 -14.20 -44.03
N LEU D 599 -27.10 -13.43 -44.63
CA LEU D 599 -26.77 -12.34 -45.53
C LEU D 599 -26.75 -11.04 -44.74
N GLN D 600 -25.61 -10.35 -44.72
CA GLN D 600 -25.54 -9.05 -44.06
C GLN D 600 -26.01 -7.98 -45.03
N VAL D 601 -25.32 -7.86 -46.16
CA VAL D 601 -25.62 -6.87 -47.19
C VAL D 601 -26.30 -7.52 -48.38
N GLY D 602 -25.63 -8.50 -49.00
CA GLY D 602 -26.13 -9.12 -50.20
C GLY D 602 -25.94 -8.33 -51.47
N PHE D 603 -25.26 -7.17 -51.41
CA PHE D 603 -25.06 -6.28 -52.54
C PHE D 603 -23.58 -5.96 -52.59
N THR D 604 -22.84 -6.82 -53.28
CA THR D 604 -21.42 -6.59 -53.52
C THR D 604 -21.28 -5.50 -54.58
N PRO D 605 -20.07 -5.05 -54.85
CA PRO D 605 -19.87 -4.19 -56.03
C PRO D 605 -20.30 -4.83 -57.33
N ASP D 606 -20.21 -6.15 -57.43
CA ASP D 606 -20.73 -6.90 -58.56
C ASP D 606 -22.14 -7.37 -58.20
N GLY D 607 -22.76 -8.13 -59.10
CA GLY D 607 -24.15 -8.50 -58.91
C GLY D 607 -24.40 -9.61 -57.92
N LYS D 608 -23.36 -10.16 -57.31
CA LYS D 608 -23.52 -11.27 -56.39
C LYS D 608 -23.99 -10.75 -55.03
N ASP D 609 -24.34 -11.71 -54.17
CA ASP D 609 -24.76 -11.46 -52.80
C ASP D 609 -23.87 -12.26 -51.87
N ASP D 610 -23.44 -11.62 -50.78
CA ASP D 610 -22.47 -12.19 -49.86
C ASP D 610 -23.17 -12.74 -48.61
N TYR D 611 -22.63 -13.84 -48.11
CA TYR D 611 -22.98 -14.42 -46.81
C TYR D 611 -21.69 -14.65 -46.04
N ARG D 612 -21.74 -14.42 -44.72
CA ARG D 612 -20.50 -14.27 -43.93
C ARG D 612 -20.52 -14.89 -42.54
N TRP D 613 -21.48 -15.73 -42.19
CA TRP D 613 -21.54 -16.34 -40.86
C TRP D 613 -21.63 -15.28 -39.76
N CYS D 614 -22.56 -14.36 -39.92
CA CYS D 614 -22.65 -13.23 -39.01
C CYS D 614 -23.21 -13.65 -37.66
N PHE D 615 -22.66 -13.09 -36.60
CA PHE D 615 -22.98 -13.43 -35.22
C PHE D 615 -23.74 -12.29 -34.56
N ARG D 616 -24.86 -12.59 -33.93
CA ARG D 616 -25.72 -11.56 -33.36
C ARG D 616 -25.31 -11.24 -31.94
N VAL D 617 -25.29 -9.95 -31.61
CA VAL D 617 -25.02 -9.47 -30.26
C VAL D 617 -26.02 -8.38 -29.94
N ASP D 618 -26.64 -8.47 -28.76
CA ASP D 618 -27.47 -7.41 -28.21
C ASP D 618 -26.71 -6.76 -27.06
N GLU D 619 -26.41 -5.48 -27.21
CA GLU D 619 -25.59 -4.72 -26.28
C GLU D 619 -26.46 -3.70 -25.57
N VAL D 620 -26.23 -3.53 -24.27
CA VAL D 620 -26.98 -2.60 -23.42
C VAL D 620 -26.03 -1.56 -22.88
N ASN D 621 -26.42 -0.29 -22.98
CA ASN D 621 -25.59 0.83 -22.55
C ASN D 621 -26.50 1.98 -22.13
N TRP D 622 -26.43 2.36 -20.85
CA TRP D 622 -27.32 3.36 -20.27
C TRP D 622 -26.72 4.75 -20.49
N THR D 623 -27.24 5.46 -21.50
CA THR D 623 -26.72 6.75 -21.93
C THR D 623 -27.88 7.73 -22.11
N THR D 624 -27.56 9.02 -22.02
CA THR D 624 -28.52 10.14 -22.12
C THR D 624 -29.75 9.95 -21.22
CBT 6EU E . 9.48 4.83 29.87
OAH 6EU E . 9.35 5.05 28.47
CBQ 6EU E . 9.08 3.99 27.65
CBO 6EU E . 9.35 2.70 28.08
CBS 6EU E . 8.53 4.21 26.40
OAI 6EU E . 8.26 5.47 25.98
CBR 6EU E . 8.25 3.13 25.57
CBP 6EU E . 8.52 1.83 25.99
CBN 6EU E . 9.07 1.62 27.25
CBM 6EU E . 9.36 0.22 27.73
CBK 6EU E . 8.81 -0.78 26.74
OAG 6EU E . 9.38 -0.98 25.69
OAF 6EU E . 7.57 -1.49 27.01
CBC 6EU E . 7.60 -2.84 27.46
CAX 6EU E . 7.22 -2.86 28.92
CAS 6EU E . 5.92 -2.71 29.23
CAK 6EU E . 5.34 -2.67 30.63
CAU 6EU E . 8.34 -3.04 29.92
CAR 6EU E . 7.88 -3.70 31.22
OAD 6EU E . 7.55 -2.67 32.16
CAZ 6EU E . 8.93 -4.59 31.81
OAE 6EU E . 10.12 -4.35 31.83
CBA 6EU E . 8.31 -5.78 32.35
CBF 6EU E . 8.96 -6.78 33.25
CAW 6EU E . 7.05 -5.85 31.91
CAO 6EU E . 6.72 -4.67 31.01
CAJ 6EU E . 5.39 -4.02 31.32
OAA 6EU E . 4.34 -4.87 30.83
CAN 6EU E . 5.18 -3.80 32.81
CAT 6EU E . 4.58 -5.03 33.48
CAP 6EU E . 4.32 -2.56 33.05
CAM 6EU E . 3.27 -2.45 31.96
CAV 6EU E . 2.28 -1.35 32.24
CBB 6EU E . 2.31 -0.73 33.41
CBD 6EU E . 1.28 -0.95 31.21
OAC 6EU E . 2.62 -3.70 31.83
CAL 6EU E . 3.88 -2.27 30.58
OAB 6EU E . 3.22 -3.21 29.74
CAQ 6EU E . 3.04 -4.31 30.62
CAY 6EU E . 2.03 -5.32 30.09
CBE 6EU E . 2.70 -6.34 29.20
CBG 6EU E . 3.39 -7.40 29.77
CBI 6EU E . 4.02 -8.33 28.95
CBL 6EU E . 3.95 -8.21 27.57
CBJ 6EU E . 3.24 -7.14 27.01
CBH 6EU E . 2.63 -6.21 27.83
N 6IY F . 2.33 -28.86 36.69
O 6IY F . 3.99 -20.03 37.66
C1 6IY F . 0.56 -15.55 33.97
C10 6IY F . 1.29 -23.60 39.15
C11 6IY F . 1.25 -27.83 38.62
C12 6IY F . 1.06 -28.36 37.20
C13 6IY F . 2.66 -24.03 35.75
C14 6IY F . 1.58 -23.42 34.87
C15 6IY F . 2.11 -22.23 34.07
C16 6IY F . 1.02 -21.20 33.76
C17 6IY F . 0.89 -21.00 32.27
C18 6IY F . -0.11 -19.91 31.95
C19 6IY F . 0.17 -19.45 30.52
C2 6IY F . 1.13 -16.89 34.43
C20 6IY F . -0.94 -18.52 30.08
C21 6IY F . -0.41 -17.53 29.07
C22 6IY F . -1.49 -16.51 28.71
C23 6IY F . -0.78 -15.25 28.22
C24 6IY F . -1.78 -14.25 27.64
C25 6IY F . -1.27 -13.81 26.28
C26 6IY F . -2.15 -12.70 25.73
C27 6IY F . -1.41 -11.94 24.62
C28 6IY F . -1.08 -12.87 23.45
C3 6IY F . 1.34 -16.90 35.94
C4 6IY F . 2.05 -18.19 36.37
C5 6IY F . 1.27 -19.09 37.33
C6 6IY F . 2.01 -19.30 38.64
C7 6IY F . 3.16 -20.29 38.45
C8 6IY F . 3.52 -22.66 38.50
C9 6IY F . 2.19 -23.22 37.98
O1 6IY F . 3.23 -21.47 39.20
O2 6IY F . 1.98 -24.32 40.13
O3 6IY F . 3.88 -25.83 39.41
O4 6IY F . 2.48 -26.69 40.96
O5 6IY F . 1.54 -26.47 38.58
O6 6IY F . 2.41 -24.31 37.10
O7 6IY F . 3.70 -24.27 35.27
P 6IY F . 2.47 -25.84 39.79
N 6IY G . -0.56 -44.50 15.46
O 6IY G . -9.03 -37.89 13.89
C1 6IY G . -9.18 -32.15 11.07
C10 6IY G . -6.78 -42.57 14.17
C11 6IY G . -2.53 -43.35 14.57
C12 6IY G . -1.99 -44.31 15.64
C13 6IY G . -4.52 -39.83 13.44
C14 6IY G . -4.99 -38.47 12.93
C15 6IY G . -5.04 -38.44 11.40
C16 6IY G . -4.86 -37.00 10.94
C17 6IY G . -5.19 -36.84 9.46
C18 6IY G . -4.31 -35.77 8.81
C19 6IY G . -4.67 -34.35 9.19
C2 6IY G . -8.61 -33.41 10.40
C20 6IY G . -4.90 -33.53 7.91
C21 6IY G . -5.00 -32.08 8.30
C22 6IY G . -5.39 -31.25 7.09
C23 6IY G . -5.79 -29.90 7.67
C24 6IY G . -5.78 -28.79 6.62
C25 6IY G . -4.89 -27.61 7.08
C26 6IY G . -5.36 -26.36 6.36
C27 6IY G . -4.61 -25.12 6.79
C28 6IY G . -3.22 -25.08 6.18
C3 6IY G . -9.65 -34.53 10.45
C4 6IY G . -9.48 -35.33 11.72
C5 6IY G . -8.39 -36.39 11.60
C6 6IY G . -8.92 -37.83 11.56
C7 6IY G . -8.75 -38.48 12.92
C8 6IY G . -7.65 -40.21 14.14
C9 6IY G . -6.53 -41.14 13.69
O1 6IY G . -8.32 -39.81 12.98
O2 6IY G . -6.29 -42.66 15.47
O3 6IY G . -4.61 -43.68 17.13
O4 6IY G . -4.89 -44.80 15.21
O5 6IY G . -3.60 -42.60 15.05
O6 6IY G . -5.32 -40.68 14.24
O7 6IY G . -3.42 -40.18 13.21
P 6IY G . -4.85 -43.43 15.72
CBT 6EU H . 30.94 -6.97 -1.22
OAH 6EU H . 29.65 -6.64 -1.73
CBQ 6EU H . 28.54 -7.00 -1.01
CBO 6EU H . 28.61 -8.04 -0.10
CBS 6EU H . 27.35 -6.34 -1.21
OAI 6EU H . 27.27 -5.32 -2.12
CBR 6EU H . 26.22 -6.71 -0.48
CBP 6EU H . 26.29 -7.74 0.43
CBN 6EU H . 27.50 -8.41 0.63
CBM 6EU H . 27.58 -9.53 1.64
CBK 6EU H . 26.32 -9.55 2.46
OAG 6EU H . 25.27 -9.93 1.96
OAF 6EU H . 26.32 -9.13 3.85
CBC 6EU H . 26.40 -10.08 4.90
CAX 6EU H . 27.75 -9.93 5.55
CAS 6EU H . 27.95 -8.83 6.31
CAK 6EU H . 29.22 -8.46 7.04
CAU 6EU H . 28.77 -11.01 5.29
CAR 6EU H . 29.79 -11.15 6.42
OAD 6EU H . 30.93 -10.34 6.10
CAZ 6EU H . 30.25 -12.56 6.60
OAE 6EU H . 30.47 -13.35 5.70
CBA 6EU H . 30.39 -12.85 8.01
CBF 6EU H . 31.06 -14.06 8.59
CAW 6EU H . 29.82 -11.87 8.71
CAO 6EU H . 29.23 -10.82 7.79
CAJ 6EU H . 29.56 -9.39 8.21
OAA 6EU H . 28.77 -9.06 9.36
CAN 6EU H . 31.03 -9.20 8.54
CAT 6EU H . 31.31 -9.57 9.99
CAP 6EU H . 31.46 -7.78 8.24
CAM 6EU H . 30.32 -6.81 8.50
CAV 6EU H . 30.75 -5.37 8.34
CBB 6EU H . 32.03 -5.09 8.12
CBD 6EU H . 29.75 -4.27 8.42
OAC 6EU H . 29.81 -7.05 9.80
CAL 6EU H . 29.10 -7.08 7.64
OAB 6EU H . 27.99 -7.09 8.52
CAQ 6EU H . 28.54 -7.69 9.69
CAY 6EU H . 27.66 -7.51 10.91
CBE 6EU H . 26.63 -8.60 10.97
CBG 6EU H . 26.96 -9.84 11.49
CBI 6EU H . 26.01 -10.85 11.54
CBL 6EU H . 24.72 -10.62 11.06
CBJ 6EU H . 24.40 -9.37 10.53
CBH 6EU H . 25.35 -8.36 10.48
N 6IY I . 29.34 -24.37 29.93
O 6IY I . 31.57 -16.77 22.30
C1 6IY I . 27.67 -11.90 19.79
C10 6IY I . 31.07 -19.16 26.89
C11 6IY I . 28.91 -22.09 29.35
C12 6IY I . 28.32 -23.49 29.41
C13 6IY I . 28.40 -19.46 25.53
C14 6IY I . 27.47 -18.25 25.62
C15 6IY I . 27.01 -17.69 24.27
C16 6IY I . 26.60 -16.24 24.44
C17 6IY I . 25.53 -15.87 23.42
C18 6IY I . 25.29 -14.37 23.41
C19 6IY I . 24.06 -14.07 22.58
C2 6IY I . 28.29 -13.20 20.31
C20 6IY I . 24.03 -12.61 22.16
C21 6IY I . 23.02 -12.45 21.06
C22 6IY I . 22.96 -11.01 20.55
C23 6IY I . 22.32 -11.10 19.17
C24 6IY I . 21.66 -9.83 18.69
C25 6IY I . 20.41 -10.24 17.90
C26 6IY I . 19.91 -9.11 17.03
C27 6IY I . 18.76 -9.55 16.13
C28 6IY I . 17.46 -9.71 16.89
C3 6IY I . 29.51 -12.93 21.18
C4 6IY I . 30.25 -14.24 21.47
C5 6IY I . 29.48 -15.09 22.48
C6 6IY I . 30.31 -15.39 23.72
C7 6IY I . 31.35 -16.47 23.41
C8 6IY I . 31.80 -18.43 24.63
C9 6IY I . 30.61 -18.59 25.55
O1 6IY I . 32.05 -17.06 24.46
O2 6IY I . 31.40 -20.50 26.78
O3 6IY I . 32.05 -22.58 28.12
O4 6IY I . 31.54 -20.77 29.33
O5 6IY I . 29.58 -21.95 28.14
O6 6IY I . 29.65 -19.40 24.92
O7 6IY I . 28.05 -20.47 25.99
P 6IY I . 31.15 -21.44 28.10
C1 XPJ J . 9.87 -24.12 15.90
C2 XPJ J . 11.67 -25.80 16.30
C3 XPJ J . 9.68 -22.79 15.17
C4 XPJ J . 10.66 -26.50 17.21
C5 XPJ J . 8.40 -22.85 14.33
C6 XPJ J . 10.24 -27.74 15.24
N XPJ J . 10.37 -27.81 16.69
C XPJ J . 11.35 -24.31 16.22
O XPJ J . 11.64 -23.70 17.44
O1 XPJ J . 9.43 -25.17 15.08
O2 XPJ J . 12.96 -25.96 16.83
O3 XPJ J . 9.57 -21.75 16.10
O4 XPJ J . 8.74 -22.75 12.97
CBT 6EU K . -21.26 -16.60 16.78
OAH 6EU K . -20.57 -15.46 16.27
CBQ 6EU K . -19.26 -15.57 15.87
CBO 6EU K . -18.51 -16.65 16.30
CBS 6EU K . -18.70 -14.61 15.06
OAI 6EU K . -19.45 -13.55 14.65
CBR 6EU K . -17.38 -14.73 14.65
CBP 6EU K . -16.61 -15.81 15.07
CBN 6EU K . -17.18 -16.77 15.90
CBM 6EU K . -16.35 -17.95 16.35
CBK 6EU K . -15.03 -17.92 15.64
OAG 6EU K . -14.22 -17.06 15.91
OAF 6EU K . -14.70 -18.91 14.63
CBC 6EU K . -13.93 -20.07 14.95
CAX 6EU K . -14.87 -21.24 15.01
CAS 6EU K . -15.36 -21.69 13.83
CAK 6EU K . -16.33 -22.84 13.66
CAU 6EU K . -15.19 -21.80 16.37
CAR 6EU K . -15.57 -23.28 16.33
OAD 6EU K . -16.99 -23.40 16.22
CAZ 6EU K . -15.11 -24.01 17.56
OAE 6EU K . -15.14 -23.58 18.70
CBA 6EU K . -14.62 -25.32 17.18
CBF 6EU K . -14.34 -26.44 18.14
CAW 6EU K . -14.48 -25.37 15.86
CAO 6EU K . -14.85 -24.04 15.22
CAJ 6EU K . -15.72 -24.20 13.99
OAA 6EU K . -14.89 -24.66 12.92
CAN 6EU K . -16.86 -25.18 14.20
CAT 6EU K . -16.41 -26.61 13.92
CAP 6EU K . -18.05 -24.81 13.31
CAM 6EU K . -17.57 -24.19 12.01
CAV 6EU K . -18.72 -23.94 11.06
CBB 6EU K . -19.93 -24.37 11.35
CBD 6EU K . -18.46 -23.21 9.78
OAC 6EU K . -16.62 -25.06 11.43
CAL 6EU K . -16.76 -22.92 12.20
OAB 6EU K . -15.59 -23.09 11.43
CAQ 6EU K . -15.33 -24.48 11.57
CAY 6EU K . -14.34 -24.99 10.55
CBE 6EU K . -12.94 -24.78 11.06
CBG 6EU K . -12.38 -25.68 11.95
CBI 6EU K . -11.09 -25.47 12.42
CBL 6EU K . -10.36 -24.37 12.00
CBJ 6EU K . -10.92 -23.46 11.11
CBH 6EU K . -12.21 -23.67 10.63
N 6IY L . 22.89 -37.05 7.35
O 6IY L . 20.47 -38.42 -1.06
C1 6IY L . 18.64 -31.57 -2.72
C10 6IY L . 24.56 -38.78 2.48
C11 6IY L . 24.49 -38.19 5.95
C12 6IY L . 24.09 -37.87 7.38
C13 6IY L . 22.26 -36.59 4.01
C14 6IY L . 22.17 -35.28 3.23
C15 6IY L . 20.99 -34.45 3.69
C16 6IY L . 20.62 -33.40 2.64
C17 6IY L . 21.74 -32.37 2.45
C18 6IY L . 21.34 -31.30 1.43
C19 6IY L . 20.63 -30.12 2.07
C2 6IY L . 18.83 -32.87 -1.96
C20 6IY L . 20.56 -29.01 1.04
C21 6IY L . 19.22 -28.28 1.09
C22 6IY L . 19.23 -27.20 0.01
C23 6IY L . 17.84 -26.70 -0.28
C24 6IY L . 17.91 -25.43 -1.13
C25 6IY L . 16.53 -24.79 -1.23
C26 6IY L . 16.51 -23.44 -0.52
C27 6IY L . 15.13 -22.78 -0.66
C28 6IY L . 14.98 -21.67 0.37
C3 6IY L . 19.91 -33.74 -2.62
C4 6IY L . 19.77 -35.22 -2.24
C5 6IY L . 20.19 -35.46 -0.80
C6 6IY L . 21.43 -36.35 -0.65
C7 6IY L . 20.99 -37.75 -0.26
C8 6IY L . 22.39 -38.90 1.26
C9 6IY L . 23.23 -38.07 2.22
O1 6IY L . 21.18 -38.24 1.03
O2 6IY L . 24.48 -39.78 3.47
O3 6IY L . 26.06 -41.36 4.73
O4 6IY L . 27.01 -39.55 3.87
O5 6IY L . 25.52 -39.14 5.90
O6 6IY L . 22.49 -37.87 3.41
O7 6IY L . 22.12 -36.53 5.18
P 6IY L . 25.76 -39.96 4.49
CBT 6EU M . 0.16 -28.35 -14.43
OAH 6EU M . -0.38 -27.12 -13.96
CBQ 6EU M . 0.12 -26.57 -12.82
CBO 6EU M . 0.74 -27.38 -11.89
CBS 6EU M . 0.01 -25.20 -12.59
OAI 6EU M . -0.60 -24.41 -13.50
CBR 6EU M . 0.53 -24.66 -11.43
CBP 6EU M . 1.15 -25.47 -10.50
CBN 6EU M . 1.27 -26.83 -10.73
CBM 6EU M . 1.95 -27.72 -9.72
CBK 6EU M . 2.51 -26.86 -8.63
OAG 6EU M . 1.78 -26.39 -7.78
OAF 6EU M . 3.94 -26.55 -8.58
CBC 6EU M . 4.78 -27.23 -7.64
CAX 6EU M . 5.58 -28.24 -8.42
CAS 6EU M . 6.62 -27.78 -9.15
CAK 6EU M . 7.53 -28.63 -10.01
CAU 6EU M . 5.15 -29.69 -8.34
CAR 6EU M . 6.28 -30.67 -8.55
OAD 6EU M . 6.34 -31.05 -9.93
CAZ 6EU M . 6.13 -31.91 -7.73
OAE 6EU M . 5.08 -32.51 -7.55
CBA 6EU M . 7.42 -32.30 -7.19
CBF 6EU M . 7.72 -33.62 -6.54
CAW 6EU M . 8.29 -31.31 -7.38
CAO 6EU M . 7.62 -30.13 -8.05
CAJ 6EU M . 8.44 -29.53 -9.19
OAA 6EU M . 9.52 -28.78 -8.63
CAN 6EU M . 9.00 -30.61 -10.10
CAT 6EU M . 10.34 -31.12 -9.60
CAP 6EU M . 9.12 -30.09 -11.53
CAM 6EU M . 9.50 -28.61 -11.50
CAV 6EU M . 9.80 -28.09 -12.88
CBB 6EU M . 9.88 -28.92 -13.90
CBD 6EU M . 10.02 -26.62 -13.09
OAC 6EU M . 10.61 -28.45 -10.64
CAL 6EU M . 8.44 -27.75 -10.83
OAB 6EU M . 9.17 -26.93 -9.91
CAQ 6EU M . 10.17 -27.81 -9.45
CAY 6EU M . 11.30 -27.06 -8.73
CBE 6EU M . 11.02 -27.04 -7.24
CBG 6EU M . 11.25 -28.18 -6.48
CBI 6EU M . 11.00 -28.15 -5.12
CBL 6EU M . 10.52 -26.99 -4.52
CBJ 6EU M . 10.30 -25.85 -5.28
CBH 6EU M . 10.55 -25.87 -6.65
#